data_9M74
#
_entry.id   9M74
#
_cell.length_a   102.840
_cell.length_b   92.506
_cell.length_c   111.736
_cell.angle_alpha   90.000
_cell.angle_beta   100.167
_cell.angle_gamma   90.000
#
_symmetry.space_group_name_H-M   'P 1 21 1'
#
loop_
_entity.id
_entity.type
_entity.pdbx_description
1 polymer 'Maltodextrin-binding protein,Protein BRASSINAZOLE-RESISTANT 1'
2 polymer "DNA (5'-D(*TP*TP*CP*AP*CP*AP*GP*CP*TP*GP*TP*GP*AP*AP*A)-3')"
3 branched alpha-D-glucopyranose-(1-4)-alpha-D-glucopyranose
4 non-polymer 1,2-ETHANEDIOL
5 water water
#
loop_
_entity_poly.entity_id
_entity_poly.type
_entity_poly.pdbx_seq_one_letter_code
_entity_poly.pdbx_strand_id
1 'polypeptide(L)'
;MKIEEGKLVIWINGDKGYNGLAEVGKKFEKDTGIKVTVEHPDKLEEKFPQVAATGDGPDIIFWAHDRFGGYAQSGLLAEI
TPAAAFQDKLYPFTWDAVRYNGKLIAYPIAVEALSLIYNKDLLPNPPKTWEEIPALDKELKAKGKSALMFNLQEPYFTWP
LIAADGGYAFKYAAGKYDIKDVGVDNAGAKAGLTFLVDLIKNKHMNADTDYSIAEAAFNKGETAMTINGPWAWSNIDTSA
VNYGVTVLPTFKGQPSKPFVGVLSAGINAASPNKELAKEFLENYLLTDEGLEAVNKDKPLGAVALKSYEEELAKDPRIAA
TMENAQKGEIMPNIPQMSAFWYAVRTAVINAASGRQTVDAALAAAQTNAARRKPSWRERENNRRRERRRRAVAAKIYTGL
RAQGDYNLPKHCDNNEVLKALCVEAGWVVEEDGTTYRKGCKPLPGEIAGTSSR
;
C,D,A,B
2 'polydeoxyribonucleotide' (DT)(DT)(DC)(DA)(DC)(DA)(DG)(DC)(DT)(DG)(DT)(DG)(DA)(DA)(DA) G,H,E,F
#
# COMPACT_ATOMS: atom_id res chain seq x y z
N MET A 1 -3.31 41.28 -14.57
CA MET A 1 -3.64 42.59 -14.01
C MET A 1 -2.39 43.39 -13.72
N LYS A 2 -2.46 44.69 -13.95
CA LYS A 2 -1.41 45.61 -13.53
C LYS A 2 -2.02 46.65 -12.59
N ILE A 3 -1.19 47.14 -11.68
CA ILE A 3 -1.64 48.16 -10.75
C ILE A 3 -1.86 49.47 -11.51
N GLU A 4 -3.05 50.04 -11.35
CA GLU A 4 -3.43 51.29 -12.00
C GLU A 4 -3.40 52.42 -10.97
N GLU A 5 -2.96 53.59 -11.41
CA GLU A 5 -2.99 54.75 -10.52
C GLU A 5 -4.42 55.17 -10.25
N GLY A 6 -4.76 55.35 -8.98
CA GLY A 6 -6.09 55.74 -8.58
C GLY A 6 -6.95 54.64 -8.00
N LYS A 7 -6.52 53.38 -8.09
CA LYS A 7 -7.24 52.27 -7.51
C LYS A 7 -6.28 51.41 -6.70
N LEU A 8 -6.84 50.64 -5.78
CA LEU A 8 -6.09 49.66 -5.00
C LEU A 8 -6.69 48.29 -5.23
N VAL A 9 -5.85 47.33 -5.57
CA VAL A 9 -6.23 45.92 -5.67
C VAL A 9 -5.48 45.15 -4.60
N ILE A 10 -6.21 44.38 -3.82
CA ILE A 10 -5.64 43.63 -2.70
C ILE A 10 -5.81 42.14 -2.98
N TRP A 11 -4.81 41.36 -2.55
CA TRP A 11 -4.87 39.91 -2.59
C TRP A 11 -4.75 39.37 -1.18
N ILE A 12 -5.75 38.61 -0.76
CA ILE A 12 -5.76 37.97 0.56
C ILE A 12 -6.28 36.55 0.37
N ASN A 13 -5.83 35.64 1.22
CA ASN A 13 -6.20 34.24 1.07
C ASN A 13 -7.69 34.05 1.28
N GLY A 14 -8.23 32.99 0.68
CA GLY A 14 -9.66 32.72 0.69
C GLY A 14 -10.24 32.30 2.02
N ASP A 15 -9.40 31.94 3.00
CA ASP A 15 -9.93 31.59 4.31
C ASP A 15 -9.95 32.78 5.26
N LYS A 16 -9.43 33.92 4.86
CA LYS A 16 -9.45 35.13 5.67
C LYS A 16 -10.69 35.95 5.36
N GLY A 17 -10.94 36.97 6.18
CA GLY A 17 -12.15 37.77 6.06
C GLY A 17 -12.08 38.80 4.95
N TYR A 18 -12.02 38.34 3.69
CA TYR A 18 -11.89 39.27 2.57
C TYR A 18 -13.11 40.17 2.45
N ASN A 19 -14.30 39.66 2.79
CA ASN A 19 -15.48 40.50 2.79
C ASN A 19 -15.35 41.62 3.82
N GLY A 20 -14.85 41.29 5.01
CA GLY A 20 -14.60 42.33 6.00
C GLY A 20 -13.56 43.33 5.54
N LEU A 21 -12.49 42.84 4.92
CA LEU A 21 -11.48 43.75 4.39
C LEU A 21 -12.05 44.62 3.28
N ALA A 22 -12.99 44.10 2.50
CA ALA A 22 -13.63 44.92 1.47
C ALA A 22 -14.43 46.05 2.10
N GLU A 23 -15.11 45.80 3.21
CA GLU A 23 -15.81 46.86 3.91
C GLU A 23 -14.83 47.97 4.31
N VAL A 24 -13.67 47.59 4.84
CA VAL A 24 -12.65 48.59 5.16
C VAL A 24 -12.25 49.35 3.91
N GLY A 25 -12.24 48.69 2.76
CA GLY A 25 -11.92 49.39 1.52
C GLY A 25 -12.97 50.40 1.14
N LYS A 26 -14.25 50.11 1.41
CA LYS A 26 -15.31 51.05 1.06
C LYS A 26 -15.18 52.34 1.86
N LYS A 27 -14.93 52.23 3.17
CA LYS A 27 -14.71 53.45 3.95
C LYS A 27 -13.55 54.25 3.40
N PHE A 28 -12.48 53.57 3.00
CA PHE A 28 -11.36 54.27 2.37
C PHE A 28 -11.80 54.97 1.10
N GLU A 29 -12.72 54.35 0.35
CA GLU A 29 -13.25 54.97 -0.86
C GLU A 29 -14.16 56.14 -0.52
N LYS A 30 -14.86 56.07 0.61
CA LYS A 30 -15.77 57.15 1.00
C LYS A 30 -15.00 58.37 1.50
N ASP A 31 -13.95 58.15 2.30
CA ASP A 31 -13.19 59.26 2.88
C ASP A 31 -12.27 59.91 1.85
N THR A 32 -11.69 59.12 0.93
CA THR A 32 -10.66 59.62 0.04
C THR A 32 -10.95 59.43 -1.44
N GLY A 33 -12.00 58.68 -1.80
CA GLY A 33 -12.38 58.58 -3.20
C GLY A 33 -11.56 57.64 -4.04
N ILE A 34 -10.84 56.71 -3.44
CA ILE A 34 -10.05 55.71 -4.16
C ILE A 34 -10.78 54.38 -4.06
N LYS A 35 -10.98 53.72 -5.21
CA LYS A 35 -11.66 52.43 -5.21
C LYS A 35 -10.73 51.34 -4.72
N VAL A 36 -11.26 50.44 -3.89
CA VAL A 36 -10.51 49.32 -3.34
C VAL A 36 -11.19 48.03 -3.76
N THR A 37 -10.44 47.14 -4.41
CA THR A 37 -10.92 45.83 -4.80
C THR A 37 -10.12 44.78 -4.06
N VAL A 38 -10.83 43.84 -3.43
CA VAL A 38 -10.23 42.72 -2.71
C VAL A 38 -10.52 41.45 -3.49
N GLU A 39 -9.49 40.64 -3.71
CA GLU A 39 -9.63 39.37 -4.41
C GLU A 39 -8.90 38.29 -3.61
N HIS A 40 -9.36 37.04 -3.76
CA HIS A 40 -8.78 35.90 -3.06
C HIS A 40 -8.51 34.78 -4.06
N PRO A 41 -7.53 34.97 -4.94
CA PRO A 41 -7.22 33.92 -5.93
C PRO A 41 -6.49 32.75 -5.28
N ASP A 42 -6.71 31.57 -5.84
CA ASP A 42 -6.04 30.37 -5.34
C ASP A 42 -4.54 30.46 -5.57
N LYS A 43 -3.78 29.84 -4.68
CA LYS A 43 -2.32 29.80 -4.79
C LYS A 43 -1.73 31.20 -4.96
N LEU A 44 -2.29 32.17 -4.22
CA LEU A 44 -1.83 33.55 -4.38
C LEU A 44 -0.39 33.72 -3.92
N GLU A 45 0.07 32.92 -2.96
CA GLU A 45 1.46 33.02 -2.51
C GLU A 45 2.44 32.55 -3.57
N GLU A 46 1.99 31.71 -4.51
CA GLU A 46 2.83 31.32 -5.64
C GLU A 46 2.64 32.23 -6.83
N LYS A 47 1.42 32.71 -7.06
CA LYS A 47 1.15 33.57 -8.20
C LYS A 47 1.89 34.90 -8.07
N PHE A 48 1.91 35.48 -6.88
CA PHE A 48 2.52 36.80 -6.69
C PHE A 48 3.97 36.87 -7.17
N PRO A 49 4.87 36.00 -6.72
CA PRO A 49 6.27 36.12 -7.17
C PRO A 49 6.43 35.99 -8.68
N GLN A 50 5.53 35.26 -9.34
CA GLN A 50 5.62 35.14 -10.80
C GLN A 50 5.27 36.45 -11.47
N VAL A 51 4.08 36.99 -11.17
CA VAL A 51 3.62 38.20 -11.87
C VAL A 51 4.41 39.41 -11.41
N ALA A 52 4.64 39.54 -10.09
CA ALA A 52 5.23 40.77 -9.56
C ALA A 52 6.64 41.02 -10.08
N ALA A 53 7.36 39.98 -10.50
CA ALA A 53 8.67 40.20 -11.09
C ALA A 53 8.59 41.10 -12.32
N THR A 54 7.51 41.00 -13.08
CA THR A 54 7.29 41.82 -14.27
C THR A 54 6.63 43.14 -13.97
N GLY A 55 6.31 43.42 -12.71
CA GLY A 55 5.57 44.62 -12.36
C GLY A 55 4.07 44.47 -12.35
N ASP A 56 3.56 43.25 -12.52
CA ASP A 56 2.13 42.99 -12.45
C ASP A 56 1.77 42.63 -11.01
N GLY A 57 0.63 41.98 -10.80
CA GLY A 57 0.20 41.63 -9.47
C GLY A 57 -0.57 42.76 -8.81
N PRO A 58 -0.96 42.57 -7.55
CA PRO A 58 -1.81 43.56 -6.88
C PRO A 58 -1.00 44.70 -6.27
N ASP A 59 -1.70 45.69 -5.70
CA ASP A 59 -1.01 46.72 -4.94
C ASP A 59 -0.53 46.17 -3.60
N ILE A 60 -1.38 45.37 -2.94
CA ILE A 60 -1.10 44.84 -1.61
C ILE A 60 -1.34 43.34 -1.65
N ILE A 61 -0.43 42.58 -1.03
CA ILE A 61 -0.56 41.13 -0.89
C ILE A 61 -0.56 40.78 0.60
N PHE A 62 -1.50 39.93 0.99
CA PHE A 62 -1.63 39.44 2.35
C PHE A 62 -1.19 38.00 2.42
N TRP A 63 -0.31 37.68 3.38
CA TRP A 63 0.09 36.30 3.62
C TRP A 63 0.84 36.27 4.95
N ALA A 64 1.03 35.06 5.47
CA ALA A 64 1.90 34.90 6.63
C ALA A 64 3.28 35.42 6.30
N HIS A 65 4.02 35.82 7.34
CA HIS A 65 5.28 36.51 7.15
C HIS A 65 6.35 35.62 6.51
N ASP A 66 6.21 34.30 6.59
CA ASP A 66 7.30 33.41 6.16
C ASP A 66 7.58 33.55 4.67
N ARG A 67 6.59 33.95 3.87
CA ARG A 67 6.77 34.04 2.43
C ARG A 67 7.44 35.33 1.98
N PHE A 68 7.54 36.34 2.84
CA PHE A 68 7.91 37.67 2.39
C PHE A 68 9.41 37.84 2.19
N GLY A 69 10.24 37.18 3.00
CA GLY A 69 11.67 37.25 2.78
C GLY A 69 12.05 36.87 1.36
N GLY A 70 11.46 35.78 0.86
CA GLY A 70 11.67 35.43 -0.53
C GLY A 70 11.23 36.53 -1.48
N TYR A 71 10.04 37.10 -1.22
CA TYR A 71 9.55 38.20 -2.05
C TYR A 71 10.52 39.38 -2.02
N ALA A 72 11.10 39.67 -0.86
CA ALA A 72 11.98 40.82 -0.74
C ALA A 72 13.32 40.57 -1.43
N GLN A 73 13.88 39.37 -1.26
CA GLN A 73 15.13 39.04 -1.95
C GLN A 73 14.98 39.16 -3.45
N SER A 74 13.79 38.94 -3.98
CA SER A 74 13.51 39.12 -5.40
C SER A 74 13.12 40.56 -5.72
N GLY A 75 13.20 41.47 -4.75
CA GLY A 75 12.87 42.86 -5.01
C GLY A 75 11.43 43.11 -5.39
N LEU A 76 10.50 42.31 -4.87
CA LEU A 76 9.09 42.43 -5.22
C LEU A 76 8.31 43.37 -4.31
N LEU A 77 8.89 43.79 -3.19
CA LEU A 77 8.17 44.54 -2.17
C LEU A 77 8.80 45.91 -1.98
N ALA A 78 7.94 46.89 -1.67
CA ALA A 78 8.41 48.18 -1.23
C ALA A 78 8.85 48.10 0.24
N GLU A 79 9.77 48.96 0.62
CA GLU A 79 10.19 49.04 2.01
C GLU A 79 9.15 49.84 2.81
N ILE A 80 8.77 49.31 3.96
CA ILE A 80 7.76 49.93 4.81
C ILE A 80 8.44 50.98 5.70
N THR A 81 7.90 52.19 5.70
CA THR A 81 8.50 53.33 6.37
C THR A 81 7.51 53.96 7.35
N PRO A 82 7.04 53.21 8.33
CA PRO A 82 6.16 53.81 9.34
C PRO A 82 6.96 54.69 10.28
N ALA A 83 6.39 55.83 10.63
CA ALA A 83 7.01 56.67 11.64
C ALA A 83 7.19 55.86 12.92
N ALA A 84 8.20 56.25 13.71
CA ALA A 84 8.38 55.60 15.01
C ALA A 84 7.07 55.60 15.80
N ALA A 85 6.33 56.71 15.73
CA ALA A 85 5.08 56.82 16.49
C ALA A 85 4.11 55.71 16.11
N PHE A 86 4.07 55.32 14.83
CA PHE A 86 3.16 54.27 14.42
C PHE A 86 3.69 52.87 14.78
N GLN A 87 5.00 52.67 14.67
CA GLN A 87 5.56 51.37 15.02
C GLN A 87 5.23 50.99 16.45
N ASP A 88 5.24 51.98 17.35
CA ASP A 88 5.00 51.70 18.77
C ASP A 88 3.59 51.18 19.03
N LYS A 89 2.65 51.42 18.12
CA LYS A 89 1.28 50.91 18.27
C LYS A 89 1.15 49.43 17.95
N LEU A 90 2.23 48.78 17.50
CA LEU A 90 2.23 47.36 17.19
C LEU A 90 3.30 46.68 18.03
N TYR A 91 3.02 45.45 18.47
CA TYR A 91 3.95 44.76 19.35
C TYR A 91 5.30 44.61 18.65
N PRO A 92 6.41 44.84 19.36
CA PRO A 92 7.73 44.72 18.71
C PRO A 92 7.96 43.40 18.00
N PHE A 93 7.50 42.28 18.57
CA PHE A 93 7.83 40.98 17.99
C PHE A 93 7.16 40.78 16.65
N THR A 94 6.00 41.42 16.41
CA THR A 94 5.38 41.30 15.11
C THR A 94 6.14 42.08 14.04
N TRP A 95 6.75 43.21 14.42
CA TRP A 95 7.65 43.90 13.50
C TRP A 95 8.85 43.02 13.14
N ASP A 96 9.38 42.28 14.12
CA ASP A 96 10.51 41.39 13.86
C ASP A 96 10.17 40.38 12.79
N ALA A 97 8.92 39.91 12.77
CA ALA A 97 8.52 38.88 11.81
C ALA A 97 8.60 39.39 10.38
N VAL A 98 8.47 40.69 10.17
CA VAL A 98 8.51 41.27 8.84
C VAL A 98 9.80 42.05 8.61
N ARG A 99 10.81 41.85 9.44
CA ARG A 99 12.12 42.43 9.21
C ARG A 99 12.97 41.48 8.40
N TYR A 100 13.66 42.03 7.40
CA TYR A 100 14.51 41.24 6.52
C TYR A 100 15.70 42.10 6.11
N ASN A 101 16.91 41.56 6.30
CA ASN A 101 18.14 42.28 5.98
C ASN A 101 18.14 43.68 6.58
N GLY A 102 17.56 43.79 7.79
CA GLY A 102 17.52 45.04 8.51
C GLY A 102 16.33 45.93 8.21
N LYS A 103 15.56 45.63 7.17
CA LYS A 103 14.47 46.49 6.72
C LYS A 103 13.11 45.84 6.97
N LEU A 104 12.11 46.69 7.18
CA LEU A 104 10.73 46.26 7.32
C LEU A 104 10.11 46.13 5.93
N ILE A 105 9.54 44.97 5.63
CA ILE A 105 9.06 44.68 4.29
C ILE A 105 7.56 44.39 4.25
N ALA A 106 6.86 44.61 5.36
CA ALA A 106 5.41 44.45 5.36
C ALA A 106 4.87 45.03 6.66
N TYR A 107 3.55 45.16 6.71
CA TYR A 107 2.86 45.54 7.94
C TYR A 107 2.34 44.28 8.60
N PRO A 108 2.76 43.96 9.82
CA PRO A 108 2.12 42.86 10.55
C PRO A 108 0.67 43.20 10.83
N ILE A 109 -0.20 42.19 10.74
CA ILE A 109 -1.62 42.33 11.00
C ILE A 109 -2.05 41.55 12.23
N ALA A 110 -1.85 40.23 12.21
CA ALA A 110 -2.31 39.38 13.30
C ALA A 110 -1.39 38.19 13.44
N VAL A 111 -1.38 37.61 14.65
CA VAL A 111 -0.59 36.43 14.97
C VAL A 111 -1.49 35.21 14.86
N GLU A 112 -1.00 34.18 14.15
CA GLU A 112 -1.78 32.97 13.89
C GLU A 112 -1.08 31.77 14.50
N ALA A 113 -1.83 30.94 15.21
CA ALA A 113 -1.32 29.69 15.74
C ALA A 113 -2.44 28.66 15.73
N LEU A 114 -2.09 27.44 15.34
CA LEU A 114 -3.07 26.35 15.36
C LEU A 114 -3.40 25.98 16.80
N SER A 115 -4.63 25.49 16.98
CA SER A 115 -5.11 25.06 18.28
C SER A 115 -5.89 23.76 18.11
N LEU A 116 -6.12 23.07 19.21
CA LEU A 116 -7.03 21.94 19.21
C LEU A 116 -8.46 22.46 19.35
N ILE A 117 -9.31 22.08 18.40
CA ILE A 117 -10.71 22.47 18.39
C ILE A 117 -11.54 21.21 18.58
N TYR A 118 -12.34 21.17 19.66
CA TYR A 118 -13.04 19.96 20.04
C TYR A 118 -14.52 20.23 20.27
N ASN A 119 -15.34 19.23 19.94
CA ASN A 119 -16.78 19.26 20.17
C ASN A 119 -17.04 18.91 21.63
N LYS A 120 -17.51 19.89 22.41
CA LYS A 120 -17.71 19.68 23.84
C LYS A 120 -18.71 18.56 24.11
N ASP A 121 -19.85 18.58 23.39
CA ASP A 121 -20.91 17.61 23.67
C ASP A 121 -20.49 16.20 23.29
N LEU A 122 -19.83 16.04 22.15
CA LEU A 122 -19.38 14.72 21.71
C LEU A 122 -18.12 14.26 22.42
N LEU A 123 -17.37 15.19 23.04
CA LEU A 123 -16.14 14.84 23.73
C LEU A 123 -15.90 15.84 24.84
N PRO A 124 -16.50 15.63 26.01
CA PRO A 124 -16.07 16.38 27.19
C PRO A 124 -14.70 15.91 27.63
N ASN A 125 -13.92 16.83 28.19
CA ASN A 125 -12.57 16.48 28.63
C ASN A 125 -11.78 15.96 27.43
N PRO A 126 -11.27 16.85 26.58
CA PRO A 126 -10.56 16.40 25.38
C PRO A 126 -9.21 15.80 25.73
N PRO A 127 -8.67 14.95 24.86
CA PRO A 127 -7.41 14.26 25.18
C PRO A 127 -6.27 15.25 25.41
N LYS A 128 -5.39 14.90 26.35
CA LYS A 128 -4.22 15.71 26.66
C LYS A 128 -2.97 15.27 25.91
N THR A 129 -2.95 14.04 25.39
CA THR A 129 -1.82 13.51 24.65
C THR A 129 -2.29 13.02 23.28
N TRP A 130 -1.32 12.90 22.36
CA TRP A 130 -1.58 12.25 21.09
C TRP A 130 -1.75 10.74 21.27
N GLU A 131 -1.07 10.18 22.27
CA GLU A 131 -1.00 8.72 22.39
C GLU A 131 -2.34 8.10 22.74
N GLU A 132 -3.17 8.81 23.51
CA GLU A 132 -4.49 8.31 23.87
C GLU A 132 -5.52 8.53 22.76
N ILE A 133 -5.07 8.93 21.57
CA ILE A 133 -5.97 9.30 20.48
C ILE A 133 -6.53 8.05 19.81
N PRO A 134 -5.71 7.06 19.46
CA PRO A 134 -6.28 5.83 18.90
C PRO A 134 -7.28 5.17 19.82
N ALA A 135 -7.02 5.19 21.14
CA ALA A 135 -7.96 4.62 22.09
C ALA A 135 -9.27 5.39 22.10
N LEU A 136 -9.20 6.73 22.11
CA LEU A 136 -10.41 7.54 22.05
C LEU A 136 -11.11 7.41 20.70
N ASP A 137 -10.43 6.91 19.70
CA ASP A 137 -11.17 6.81 18.44
C ASP A 137 -11.96 5.49 18.45
N LYS A 138 -11.45 4.45 19.13
CA LYS A 138 -12.21 3.21 19.23
C LYS A 138 -13.61 3.46 19.80
N GLU A 139 -13.68 4.14 20.95
CA GLU A 139 -14.99 4.42 21.54
C GLU A 139 -15.86 5.25 20.61
N LEU A 140 -15.29 6.26 19.97
CA LEU A 140 -16.09 7.16 19.14
C LEU A 140 -16.56 6.48 17.86
N LYS A 141 -15.73 5.69 17.24
CA LYS A 141 -16.18 5.03 16.03
C LYS A 141 -17.32 4.08 16.39
N ALA A 142 -17.44 3.77 17.67
CA ALA A 142 -18.51 2.93 18.14
C ALA A 142 -19.79 3.66 17.91
N LYS A 143 -19.81 4.94 18.25
CA LYS A 143 -20.98 5.74 18.04
C LYS A 143 -21.04 6.20 16.59
N GLY A 144 -20.26 5.57 15.72
CA GLY A 144 -20.26 5.95 14.33
C GLY A 144 -19.55 7.25 14.02
N LYS A 145 -18.71 7.72 14.92
CA LYS A 145 -17.97 8.97 14.75
C LYS A 145 -16.48 8.67 14.56
N SER A 146 -15.72 9.73 14.31
CA SER A 146 -14.27 9.68 14.33
C SER A 146 -13.76 10.60 15.43
N ALA A 147 -12.50 10.42 15.81
CA ALA A 147 -11.93 11.23 16.88
C ALA A 147 -11.32 12.53 16.37
N LEU A 148 -10.52 12.45 15.32
CA LEU A 148 -9.73 13.60 14.87
C LEU A 148 -9.66 13.63 13.36
N MET A 149 -9.89 14.82 12.79
CA MET A 149 -9.71 15.05 11.36
C MET A 149 -9.22 16.47 11.16
N PHE A 150 -8.10 16.61 10.46
CA PHE A 150 -7.57 17.92 10.12
C PHE A 150 -6.92 17.83 8.75
N ASN A 151 -6.47 18.97 8.24
CA ASN A 151 -5.92 19.02 6.89
C ASN A 151 -4.58 18.30 6.83
N LEU A 152 -4.51 17.24 6.01
CA LEU A 152 -3.30 16.48 5.80
C LEU A 152 -2.57 16.86 4.50
N GLN A 153 -3.13 17.77 3.71
CA GLN A 153 -2.53 18.15 2.45
C GLN A 153 -1.55 19.31 2.57
N GLU A 154 -1.59 20.06 3.67
CA GLU A 154 -0.67 21.18 3.88
C GLU A 154 0.18 20.90 5.12
N PRO A 155 1.50 20.81 5.00
CA PRO A 155 2.32 20.42 6.17
C PRO A 155 2.14 21.33 7.37
N TYR A 156 1.64 22.56 7.16
CA TYR A 156 1.36 23.47 8.27
C TYR A 156 0.63 22.78 9.42
N PHE A 157 -0.33 21.92 9.08
CA PHE A 157 -1.18 21.29 10.08
C PHE A 157 -0.52 20.09 10.76
N THR A 158 0.46 19.48 10.11
CA THR A 158 1.17 18.35 10.70
C THR A 158 2.45 18.77 11.40
N TRP A 159 3.01 19.92 11.06
CA TRP A 159 4.26 20.36 11.68
C TRP A 159 4.23 20.35 13.19
N PRO A 160 3.15 20.77 13.87
CA PRO A 160 3.18 20.75 15.34
C PRO A 160 3.56 19.39 15.91
N LEU A 161 3.08 18.31 15.29
CA LEU A 161 3.41 16.96 15.76
C LEU A 161 4.82 16.55 15.36
N ILE A 162 5.29 16.99 14.19
CA ILE A 162 6.64 16.66 13.76
C ILE A 162 7.67 17.36 14.64
N ALA A 163 7.37 18.59 15.06
CA ALA A 163 8.30 19.35 15.89
C ALA A 163 8.28 18.94 17.36
N ALA A 164 7.26 18.18 17.77
CA ALA A 164 7.08 17.89 19.20
C ALA A 164 8.31 17.22 19.80
N ASP A 165 8.71 16.07 19.26
CA ASP A 165 9.84 15.33 19.81
C ASP A 165 11.19 15.84 19.34
N GLY A 166 11.23 16.90 18.51
CA GLY A 166 12.51 17.49 18.18
C GLY A 166 12.71 17.93 16.74
N GLY A 167 11.74 17.65 15.87
CA GLY A 167 11.84 18.12 14.51
C GLY A 167 11.92 19.63 14.45
N TYR A 168 12.66 20.14 13.50
CA TYR A 168 12.82 21.57 13.27
C TYR A 168 13.14 21.90 11.83
N ALA A 169 12.95 23.14 11.44
CA ALA A 169 13.22 23.49 10.08
C ALA A 169 14.65 23.88 9.91
N PHE A 170 14.99 25.07 10.32
CA PHE A 170 16.33 25.55 10.19
C PHE A 170 16.81 25.91 11.58
N LYS A 171 17.93 25.38 11.98
CA LYS A 171 18.49 25.69 13.29
C LYS A 171 18.90 27.15 13.36
N TYR A 172 18.50 27.83 14.42
CA TYR A 172 18.96 29.19 14.69
C TYR A 172 20.23 29.12 15.50
N ALA A 173 21.23 29.90 15.11
CA ALA A 173 22.52 29.89 15.80
C ALA A 173 23.29 31.15 15.42
N ALA A 174 23.86 31.82 16.43
CA ALA A 174 24.72 32.98 16.21
C ALA A 174 23.99 34.08 15.46
N GLY A 175 22.71 34.28 15.80
CA GLY A 175 21.96 35.41 15.29
C GLY A 175 21.37 35.26 13.90
N LYS A 176 21.38 34.05 13.34
CA LYS A 176 20.83 33.84 12.00
C LYS A 176 20.42 32.38 11.86
N TYR A 177 19.52 32.14 10.91
CA TYR A 177 19.10 30.78 10.61
C TYR A 177 20.13 30.12 9.69
N ASP A 178 20.60 28.95 10.09
CA ASP A 178 21.59 28.20 9.31
C ASP A 178 20.85 27.41 8.25
N ILE A 179 20.91 27.86 7.00
CA ILE A 179 20.16 27.22 5.92
C ILE A 179 20.68 25.84 5.58
N LYS A 180 21.83 25.44 6.11
CA LYS A 180 22.36 24.10 5.89
C LYS A 180 22.05 23.15 7.05
N ASP A 181 21.51 23.65 8.15
CA ASP A 181 21.19 22.84 9.32
C ASP A 181 19.67 22.65 9.35
N VAL A 182 19.21 21.59 8.70
CA VAL A 182 17.78 21.26 8.62
C VAL A 182 17.48 20.10 9.54
N GLY A 183 16.33 20.15 10.20
CA GLY A 183 15.98 19.13 11.18
C GLY A 183 14.71 18.37 10.88
N VAL A 184 14.42 18.14 9.58
CA VAL A 184 13.25 17.36 9.21
C VAL A 184 13.53 15.87 9.18
N ASP A 185 14.76 15.45 9.44
CA ASP A 185 15.16 14.06 9.34
C ASP A 185 15.66 13.46 10.65
N ASN A 186 15.62 14.20 11.75
CA ASN A 186 16.13 13.70 13.01
C ASN A 186 15.11 12.76 13.67
N ALA A 187 15.51 12.19 14.81
CA ALA A 187 14.66 11.21 15.48
C ALA A 187 13.32 11.81 15.89
N GLY A 188 13.33 13.05 16.37
CA GLY A 188 12.08 13.68 16.76
C GLY A 188 11.08 13.77 15.62
N ALA A 189 11.54 14.25 14.47
CA ALA A 189 10.64 14.38 13.31
C ALA A 189 10.16 13.02 12.85
N LYS A 190 11.04 12.02 12.78
CA LYS A 190 10.63 10.68 12.38
C LYS A 190 9.56 10.14 13.32
N ALA A 191 9.73 10.36 14.62
CA ALA A 191 8.74 9.87 15.58
C ALA A 191 7.39 10.53 15.36
N GLY A 192 7.38 11.84 15.13
CA GLY A 192 6.12 12.54 14.92
C GLY A 192 5.39 12.05 13.68
N LEU A 193 6.12 11.92 12.56
CA LEU A 193 5.49 11.49 11.32
C LEU A 193 5.08 10.02 11.38
N THR A 194 5.90 9.19 12.03
CA THR A 194 5.54 7.79 12.19
C THR A 194 4.22 7.64 12.95
N PHE A 195 4.07 8.39 14.04
CA PHE A 195 2.82 8.32 14.79
C PHE A 195 1.63 8.78 13.96
N LEU A 196 1.84 9.73 13.05
CA LEU A 196 0.77 10.14 12.16
C LEU A 196 0.44 9.02 11.17
N VAL A 197 1.46 8.41 10.56
CA VAL A 197 1.22 7.33 9.62
C VAL A 197 0.54 6.16 10.31
N ASP A 198 0.93 5.89 11.56
CA ASP A 198 0.32 4.79 12.30
C ASP A 198 -1.16 5.03 12.56
N LEU A 199 -1.58 6.29 12.66
CA LEU A 199 -3.00 6.58 12.78
C LEU A 199 -3.74 6.19 11.51
N ILE A 200 -3.13 6.42 10.35
CA ILE A 200 -3.77 6.10 9.08
C ILE A 200 -3.74 4.60 8.82
N LYS A 201 -2.59 3.96 9.05
CA LYS A 201 -2.52 2.51 8.90
C LYS A 201 -3.57 1.82 9.76
N ASN A 202 -3.70 2.29 11.00
CA ASN A 202 -4.67 1.77 11.94
C ASN A 202 -6.02 2.43 11.80
N LYS A 203 -6.23 3.05 10.67
CA LYS A 203 -7.52 3.64 10.33
C LYS A 203 -8.14 4.61 11.30
N HIS A 204 -7.37 5.45 11.96
CA HIS A 204 -8.01 6.44 12.82
C HIS A 204 -8.15 7.78 12.06
N MET A 205 -7.61 7.85 10.86
CA MET A 205 -7.65 9.04 10.01
C MET A 205 -7.42 8.60 8.58
N ASN A 206 -7.86 9.39 7.61
CA ASN A 206 -7.63 9.07 6.21
C ASN A 206 -6.65 10.04 5.64
N ALA A 207 -5.83 9.52 4.77
CA ALA A 207 -4.72 10.27 4.20
C ALA A 207 -5.16 11.29 3.16
N ASP A 208 -6.32 11.11 2.54
CA ASP A 208 -6.81 12.04 1.54
C ASP A 208 -7.48 13.26 2.14
N THR A 209 -7.60 13.34 3.46
CA THR A 209 -8.36 14.40 4.11
C THR A 209 -7.69 15.75 3.87
N ASP A 210 -8.42 16.66 3.23
CA ASP A 210 -7.95 18.02 2.99
C ASP A 210 -8.77 19.00 3.85
N TYR A 211 -8.54 20.28 3.63
CA TYR A 211 -9.12 21.31 4.49
C TYR A 211 -10.64 21.22 4.53
N SER A 212 -11.29 21.17 3.37
CA SER A 212 -12.74 21.19 3.35
C SER A 212 -13.33 19.94 3.99
N ILE A 213 -12.77 18.76 3.68
CA ILE A 213 -13.25 17.52 4.30
C ILE A 213 -13.21 17.64 5.82
N ALA A 214 -12.04 18.01 6.35
CA ALA A 214 -11.90 18.13 7.81
C ALA A 214 -12.82 19.21 8.36
N GLU A 215 -12.97 20.32 7.64
CA GLU A 215 -13.93 21.33 8.06
C GLU A 215 -15.31 20.69 8.13
N ALA A 216 -15.92 20.44 6.96
CA ALA A 216 -17.26 19.87 6.85
C ALA A 216 -17.58 18.89 7.98
N ALA A 217 -16.62 18.02 8.31
CA ALA A 217 -16.91 16.95 9.26
C ALA A 217 -17.06 17.47 10.68
N PHE A 218 -16.18 18.38 11.11
CA PHE A 218 -16.31 18.91 12.47
C PHE A 218 -17.56 19.78 12.62
N ASN A 219 -17.83 20.63 11.61
CA ASN A 219 -19.01 21.48 11.69
C ASN A 219 -20.30 20.67 11.62
N LYS A 220 -20.27 19.52 10.98
CA LYS A 220 -21.45 18.66 10.93
C LYS A 220 -21.60 17.82 12.20
N GLY A 221 -20.49 17.52 12.87
CA GLY A 221 -20.52 16.72 14.07
C GLY A 221 -20.11 15.28 13.90
N GLU A 222 -19.32 14.95 12.89
CA GLU A 222 -18.88 13.58 12.64
C GLU A 222 -17.49 13.29 13.19
N THR A 223 -16.85 14.28 13.83
CA THR A 223 -15.56 14.06 14.48
C THR A 223 -15.51 14.91 15.74
N ALA A 224 -14.87 14.38 16.78
CA ALA A 224 -14.82 15.07 18.05
C ALA A 224 -13.88 16.26 18.00
N MET A 225 -12.81 16.19 17.21
CA MET A 225 -11.77 17.22 17.25
C MET A 225 -11.29 17.54 15.85
N THR A 226 -10.73 18.74 15.72
CA THR A 226 -10.02 19.17 14.53
C THR A 226 -8.88 20.08 14.96
N ILE A 227 -7.99 20.36 14.02
CA ILE A 227 -6.86 21.26 14.25
C ILE A 227 -6.94 22.38 13.23
N ASN A 228 -7.09 23.62 13.71
CA ASN A 228 -7.27 24.75 12.81
C ASN A 228 -6.93 26.04 13.54
N GLY A 229 -6.95 27.14 12.78
CA GLY A 229 -6.61 28.44 13.29
C GLY A 229 -7.81 29.33 13.54
N PRO A 230 -7.55 30.56 14.00
CA PRO A 230 -8.66 31.45 14.36
C PRO A 230 -9.62 31.75 13.22
N TRP A 231 -9.16 31.66 11.97
CA TRP A 231 -10.03 31.96 10.84
C TRP A 231 -11.23 31.01 10.78
N ALA A 232 -11.07 29.79 11.27
CA ALA A 232 -12.12 28.77 11.13
C ALA A 232 -13.25 28.91 12.14
N TRP A 233 -13.09 29.75 13.17
CA TRP A 233 -14.10 29.80 14.23
C TRP A 233 -15.44 30.31 13.69
N SER A 234 -15.41 31.31 12.80
CA SER A 234 -16.64 31.92 12.34
C SER A 234 -17.58 30.89 11.70
N ASN A 235 -17.02 29.93 10.96
CA ASN A 235 -17.86 28.92 10.34
C ASN A 235 -18.38 27.92 11.35
N ILE A 236 -17.58 27.58 12.36
CA ILE A 236 -18.07 26.69 13.40
C ILE A 236 -19.19 27.36 14.19
N ASP A 237 -19.08 28.67 14.41
CA ASP A 237 -20.09 29.39 15.19
C ASP A 237 -21.48 29.22 14.59
N THR A 238 -21.58 29.30 13.25
CA THR A 238 -22.87 29.20 12.59
C THR A 238 -23.41 27.77 12.57
N SER A 239 -22.60 26.79 12.92
CA SER A 239 -23.05 25.41 13.01
C SER A 239 -23.66 25.13 14.38
N ALA A 240 -24.31 23.98 14.51
CA ALA A 240 -24.91 23.54 15.77
C ALA A 240 -23.93 22.75 16.63
N VAL A 241 -22.64 23.09 16.60
CA VAL A 241 -21.61 22.41 17.36
C VAL A 241 -21.18 23.33 18.51
N ASN A 242 -21.18 22.78 19.73
CA ASN A 242 -20.67 23.49 20.89
C ASN A 242 -19.20 23.12 21.05
N TYR A 243 -18.31 24.06 20.71
CA TYR A 243 -16.89 23.78 20.59
C TYR A 243 -16.07 24.60 21.58
N GLY A 244 -14.88 24.07 21.87
CA GLY A 244 -13.89 24.81 22.64
C GLY A 244 -12.56 24.82 21.90
N VAL A 245 -11.69 25.73 22.33
CA VAL A 245 -10.36 25.88 21.76
C VAL A 245 -9.36 25.73 22.90
N THR A 246 -8.49 24.74 22.80
CA THR A 246 -7.60 24.40 23.91
C THR A 246 -6.21 24.08 23.40
N VAL A 247 -5.31 23.76 24.34
CA VAL A 247 -3.95 23.43 24.00
C VAL A 247 -3.91 22.22 23.09
N LEU A 248 -2.93 22.20 22.18
CA LEU A 248 -2.71 21.01 21.37
C LEU A 248 -2.20 19.88 22.25
N PRO A 249 -2.55 18.64 21.91
CA PRO A 249 -2.10 17.51 22.74
C PRO A 249 -0.58 17.42 22.76
N THR A 250 -0.07 16.72 23.76
CA THR A 250 1.35 16.43 23.86
C THR A 250 1.68 15.17 23.06
N PHE A 251 2.94 15.08 22.64
CA PHE A 251 3.46 13.88 22.00
C PHE A 251 4.74 13.48 22.72
N LYS A 252 4.84 12.21 23.10
CA LYS A 252 5.94 11.72 23.92
C LYS A 252 6.20 12.69 25.07
N GLY A 253 5.13 13.04 25.77
CA GLY A 253 5.19 13.97 26.88
C GLY A 253 5.55 15.40 26.52
N GLN A 254 5.90 15.67 25.27
CA GLN A 254 6.31 17.04 24.97
C GLN A 254 5.21 17.80 24.24
N PRO A 255 5.15 19.12 24.42
CA PRO A 255 4.09 19.90 23.78
C PRO A 255 4.25 19.95 22.27
N SER A 256 3.11 19.99 21.59
CA SER A 256 3.12 20.29 20.16
C SER A 256 3.60 21.71 19.93
N LYS A 257 4.38 21.90 18.86
CA LYS A 257 5.07 23.16 18.59
C LYS A 257 4.63 23.69 17.24
N PRO A 258 3.47 24.34 17.16
CA PRO A 258 3.02 24.89 15.88
C PRO A 258 3.93 26.00 15.40
N PHE A 259 4.16 26.05 14.10
CA PHE A 259 4.83 27.19 13.51
C PHE A 259 3.89 28.38 13.55
N VAL A 260 4.35 29.48 14.15
CA VAL A 260 3.51 30.65 14.33
C VAL A 260 3.68 31.58 13.14
N GLY A 261 2.57 32.04 12.59
CA GLY A 261 2.56 32.92 11.43
C GLY A 261 2.02 34.29 11.79
N VAL A 262 2.61 35.32 11.19
CA VAL A 262 2.13 36.69 11.32
C VAL A 262 1.53 37.06 9.96
N LEU A 263 0.21 37.05 9.87
CA LEU A 263 -0.44 37.58 8.67
C LEU A 263 0.05 38.99 8.42
N SER A 264 0.61 39.22 7.24
CA SER A 264 1.25 40.48 6.93
C SER A 264 0.76 41.00 5.58
N ALA A 265 0.87 42.31 5.41
CA ALA A 265 0.46 43.00 4.20
C ALA A 265 1.69 43.64 3.57
N GLY A 266 2.11 43.13 2.43
CA GLY A 266 3.21 43.71 1.68
C GLY A 266 2.70 44.64 0.60
N ILE A 267 3.53 45.60 0.22
CA ILE A 267 3.20 46.57 -0.81
C ILE A 267 4.05 46.25 -2.04
N ASN A 268 3.38 46.00 -3.17
CA ASN A 268 4.07 45.64 -4.40
C ASN A 268 5.05 46.74 -4.80
N ALA A 269 6.29 46.34 -5.09
CA ALA A 269 7.32 47.30 -5.48
C ALA A 269 6.94 48.09 -6.72
N ALA A 270 6.05 47.55 -7.57
CA ALA A 270 5.66 48.20 -8.81
C ALA A 270 4.41 49.06 -8.65
N SER A 271 3.82 49.12 -7.47
CA SER A 271 2.58 49.87 -7.31
C SER A 271 2.84 51.36 -7.40
N PRO A 272 2.12 52.08 -8.27
CA PRO A 272 2.20 53.55 -8.26
C PRO A 272 1.33 54.17 -7.16
N ASN A 273 0.91 53.35 -6.19
CA ASN A 273 -0.03 53.78 -5.16
C ASN A 273 0.50 53.49 -3.77
N LYS A 274 1.83 53.51 -3.61
CA LYS A 274 2.43 53.13 -2.33
C LYS A 274 1.97 54.05 -1.20
N GLU A 275 1.87 55.35 -1.46
CA GLU A 275 1.38 56.27 -0.44
C GLU A 275 -0.06 55.96 -0.09
N LEU A 276 -0.90 55.65 -1.10
CA LEU A 276 -2.28 55.28 -0.83
C LEU A 276 -2.34 53.96 -0.07
N ALA A 277 -1.57 52.97 -0.51
CA ALA A 277 -1.54 51.69 0.20
C ALA A 277 -1.08 51.88 1.64
N LYS A 278 -0.06 52.71 1.86
CA LYS A 278 0.40 52.98 3.22
C LYS A 278 -0.69 53.69 4.03
N GLU A 279 -1.38 54.66 3.40
CA GLU A 279 -2.49 55.33 4.08
C GLU A 279 -3.60 54.34 4.43
N PHE A 280 -3.92 53.45 3.49
CA PHE A 280 -4.99 52.47 3.75
C PHE A 280 -4.60 51.51 4.87
N LEU A 281 -3.34 51.08 4.90
CA LEU A 281 -2.92 50.11 5.90
C LEU A 281 -2.71 50.74 7.27
N GLU A 282 -2.07 51.91 7.31
CA GLU A 282 -1.72 52.52 8.58
C GLU A 282 -2.92 53.18 9.25
N ASN A 283 -3.80 53.81 8.47
CA ASN A 283 -4.85 54.66 9.04
C ASN A 283 -6.25 54.15 8.76
N TYR A 284 -6.41 52.94 8.24
CA TYR A 284 -7.74 52.38 8.04
C TYR A 284 -7.81 50.94 8.51
N LEU A 285 -6.93 50.08 8.00
CA LEU A 285 -6.96 48.67 8.40
C LEU A 285 -6.43 48.50 9.82
N LEU A 286 -5.23 49.00 10.10
CA LEU A 286 -4.60 48.82 11.40
C LEU A 286 -5.10 49.88 12.40
N THR A 287 -6.43 49.91 12.53
CA THR A 287 -7.13 50.68 13.54
C THR A 287 -8.12 49.76 14.25
N ASP A 288 -8.57 50.18 15.43
CA ASP A 288 -9.55 49.39 16.16
C ASP A 288 -10.72 49.01 15.25
N GLU A 289 -11.27 49.98 14.53
CA GLU A 289 -12.44 49.74 13.70
C GLU A 289 -12.09 49.00 12.42
N GLY A 290 -10.87 49.19 11.89
CA GLY A 290 -10.47 48.47 10.70
C GLY A 290 -10.33 46.98 10.95
N LEU A 291 -9.54 46.61 11.97
CA LEU A 291 -9.36 45.19 12.28
C LEU A 291 -10.66 44.57 12.76
N GLU A 292 -11.47 45.34 13.50
CA GLU A 292 -12.76 44.82 13.96
C GLU A 292 -13.60 44.31 12.79
N ALA A 293 -13.65 45.07 11.70
CA ALA A 293 -14.50 44.70 10.56
C ALA A 293 -13.99 43.45 9.87
N VAL A 294 -12.69 43.31 9.81
CA VAL A 294 -12.13 42.12 9.24
C VAL A 294 -12.33 41.02 10.25
N ASN A 295 -12.09 41.32 11.51
CA ASN A 295 -12.22 40.32 12.53
C ASN A 295 -13.62 39.78 12.61
N LYS A 296 -14.63 40.60 12.50
CA LYS A 296 -15.99 40.11 12.51
C LYS A 296 -16.31 39.11 11.42
N ASP A 297 -15.64 39.18 10.29
CA ASP A 297 -15.86 38.28 9.16
C ASP A 297 -15.27 36.89 9.43
N LYS A 298 -13.97 36.84 9.70
CA LYS A 298 -13.28 35.64 10.10
C LYS A 298 -12.27 36.11 11.15
N PRO A 299 -12.24 35.49 12.33
CA PRO A 299 -11.31 35.95 13.36
C PRO A 299 -9.88 35.99 12.85
N LEU A 300 -9.19 37.09 13.17
CA LEU A 300 -7.80 37.25 12.76
C LEU A 300 -6.82 36.55 13.68
N GLY A 301 -7.21 36.29 14.93
CA GLY A 301 -6.27 35.84 15.93
C GLY A 301 -5.80 37.00 16.79
N ALA A 302 -4.56 36.94 17.26
CA ALA A 302 -4.00 37.99 18.11
C ALA A 302 -3.44 39.10 17.22
N VAL A 303 -4.22 40.18 17.06
CA VAL A 303 -3.81 41.26 16.16
C VAL A 303 -2.57 41.96 16.70
N ALA A 304 -1.80 42.55 15.79
CA ALA A 304 -0.56 43.22 16.16
C ALA A 304 -0.79 44.59 16.80
N LEU A 305 -1.93 45.21 16.54
CA LEU A 305 -2.23 46.53 17.09
C LEU A 305 -2.61 46.39 18.56
N LYS A 306 -1.82 47.03 19.44
CA LYS A 306 -1.98 46.82 20.88
C LYS A 306 -3.39 47.19 21.35
N SER A 307 -3.94 48.29 20.83
CA SER A 307 -5.21 48.78 21.36
C SER A 307 -6.34 47.79 21.13
N TYR A 308 -6.45 47.23 19.94
CA TYR A 308 -7.51 46.26 19.67
C TYR A 308 -7.20 44.88 20.24
N GLU A 309 -5.92 44.57 20.46
CA GLU A 309 -5.57 43.25 21.00
C GLU A 309 -5.92 43.13 22.47
N GLU A 310 -5.82 44.23 23.23
CA GLU A 310 -6.23 44.17 24.62
C GLU A 310 -7.71 43.88 24.78
N GLU A 311 -8.51 44.15 23.75
CA GLU A 311 -9.91 43.73 23.75
C GLU A 311 -10.05 42.27 23.33
N LEU A 312 -9.33 41.85 22.30
CA LEU A 312 -9.44 40.48 21.83
C LEU A 312 -8.82 39.49 22.79
N ALA A 313 -7.81 39.91 23.57
CA ALA A 313 -7.16 39.01 24.51
C ALA A 313 -8.09 38.56 25.63
N LYS A 314 -9.21 39.27 25.84
CA LYS A 314 -10.20 38.82 26.82
C LYS A 314 -10.87 37.51 26.40
N ASP A 315 -10.88 37.22 25.11
CA ASP A 315 -11.51 36.02 24.57
C ASP A 315 -10.70 34.79 24.97
N PRO A 316 -11.29 33.81 25.66
CA PRO A 316 -10.51 32.61 26.03
C PRO A 316 -9.99 31.83 24.84
N ARG A 317 -10.64 31.94 23.67
CA ARG A 317 -10.11 31.28 22.48
C ARG A 317 -8.79 31.90 22.04
N ILE A 318 -8.64 33.21 22.22
CA ILE A 318 -7.39 33.87 21.87
C ILE A 318 -6.31 33.51 22.89
N ALA A 319 -6.67 33.43 24.17
CA ALA A 319 -5.69 33.01 25.17
C ALA A 319 -5.18 31.61 24.87
N ALA A 320 -6.08 30.68 24.51
CA ALA A 320 -5.65 29.36 24.07
C ALA A 320 -4.74 29.46 22.85
N THR A 321 -5.17 30.23 21.85
CA THR A 321 -4.35 30.43 20.65
C THR A 321 -2.93 30.87 21.02
N MET A 322 -2.82 31.84 21.94
CA MET A 322 -1.50 32.29 22.36
C MET A 322 -0.81 31.32 23.29
N GLU A 323 -1.56 30.48 24.02
CA GLU A 323 -0.93 29.40 24.75
C GLU A 323 -0.24 28.43 23.80
N ASN A 324 -0.91 28.07 22.70
CA ASN A 324 -0.27 27.23 21.69
C ASN A 324 0.88 27.97 21.02
N ALA A 325 0.69 29.25 20.70
CA ALA A 325 1.76 30.04 20.09
C ALA A 325 3.02 30.01 20.94
N GLN A 326 2.87 30.27 22.25
CA GLN A 326 4.04 30.30 23.13
C GLN A 326 4.83 28.99 23.06
N LYS A 327 4.15 27.86 22.88
CA LYS A 327 4.82 26.58 22.82
C LYS A 327 5.49 26.33 21.47
N GLY A 328 5.08 27.05 20.43
CA GLY A 328 5.68 26.95 19.12
C GLY A 328 6.77 27.98 18.90
N GLU A 329 6.96 28.36 17.64
CA GLU A 329 7.99 29.31 17.27
C GLU A 329 7.52 30.13 16.09
N ILE A 330 7.94 31.41 16.06
CA ILE A 330 7.68 32.22 14.89
C ILE A 330 8.38 31.59 13.69
N MET A 331 7.68 31.55 12.55
CA MET A 331 8.29 31.04 11.35
C MET A 331 9.45 31.96 10.93
N PRO A 332 10.55 31.40 10.44
CA PRO A 332 11.52 32.24 9.75
C PRO A 332 10.89 32.86 8.51
N ASN A 333 11.47 33.97 8.06
CA ASN A 333 11.01 34.63 6.84
C ASN A 333 12.04 34.55 5.72
N ILE A 334 13.05 33.70 5.86
CA ILE A 334 14.13 33.62 4.89
C ILE A 334 13.61 33.02 3.58
N PRO A 335 14.26 33.30 2.44
CA PRO A 335 13.73 32.82 1.17
C PRO A 335 13.64 31.31 1.06
N GLN A 336 14.51 30.57 1.77
CA GLN A 336 14.48 29.12 1.70
C GLN A 336 13.23 28.51 2.32
N MET A 337 12.34 29.32 2.90
CA MET A 337 11.17 28.77 3.59
C MET A 337 10.23 28.08 2.61
N SER A 338 10.08 28.63 1.40
CA SER A 338 9.24 27.96 0.41
C SER A 338 9.81 26.62 0.01
N ALA A 339 11.14 26.50 -0.03
CA ALA A 339 11.76 25.21 -0.30
C ALA A 339 11.57 24.24 0.85
N PHE A 340 11.55 24.73 2.09
CA PHE A 340 11.28 23.85 3.22
C PHE A 340 9.84 23.37 3.20
N TRP A 341 8.90 24.25 2.89
CA TRP A 341 7.49 23.88 2.89
C TRP A 341 7.17 22.88 1.77
N TYR A 342 7.73 23.09 0.57
CA TYR A 342 7.51 22.14 -0.51
C TYR A 342 8.04 20.76 -0.15
N ALA A 343 9.24 20.70 0.45
CA ALA A 343 9.84 19.42 0.77
C ALA A 343 9.02 18.67 1.81
N VAL A 344 8.59 19.36 2.86
CA VAL A 344 7.83 18.70 3.92
C VAL A 344 6.44 18.31 3.42
N ARG A 345 5.85 19.12 2.54
CA ARG A 345 4.55 18.77 1.97
C ARG A 345 4.64 17.46 1.20
N THR A 346 5.63 17.34 0.32
CA THR A 346 5.83 16.09 -0.42
C THR A 346 6.06 14.92 0.53
N ALA A 347 6.80 15.14 1.62
CA ALA A 347 7.11 14.05 2.55
C ALA A 347 5.86 13.55 3.24
N VAL A 348 5.11 14.45 3.87
CA VAL A 348 3.92 14.03 4.63
C VAL A 348 2.94 13.30 3.72
N ILE A 349 2.75 13.81 2.50
CA ILE A 349 1.78 13.20 1.60
C ILE A 349 2.26 11.81 1.16
N ASN A 350 3.55 11.67 0.86
CA ASN A 350 4.07 10.37 0.45
C ASN A 350 3.99 9.36 1.59
N ALA A 351 4.38 9.77 2.79
CA ALA A 351 4.32 8.85 3.93
C ALA A 351 2.87 8.52 4.28
N ALA A 352 1.99 9.52 4.24
CA ALA A 352 0.59 9.27 4.55
C ALA A 352 -0.06 8.33 3.53
N SER A 353 0.48 8.29 2.31
CA SER A 353 -0.08 7.48 1.24
C SER A 353 0.60 6.12 1.09
N GLY A 354 1.67 5.87 1.84
CA GLY A 354 2.43 4.66 1.64
C GLY A 354 3.29 4.65 0.39
N ARG A 355 3.35 5.76 -0.35
CA ARG A 355 4.21 5.84 -1.52
C ARG A 355 5.68 5.93 -1.13
N GLN A 356 5.98 6.27 0.11
CA GLN A 356 7.34 6.28 0.62
C GLN A 356 7.31 5.93 2.09
N THR A 357 8.40 5.33 2.57
CA THR A 357 8.55 5.13 4.00
C THR A 357 8.83 6.46 4.70
N VAL A 358 8.54 6.51 5.99
CA VAL A 358 8.81 7.73 6.77
C VAL A 358 10.30 8.08 6.67
N ASP A 359 11.17 7.09 6.88
CA ASP A 359 12.61 7.36 6.84
C ASP A 359 13.05 7.84 5.47
N ALA A 360 12.48 7.26 4.40
CA ALA A 360 12.86 7.65 3.06
C ALA A 360 12.26 9.00 2.67
N ALA A 361 11.00 9.23 3.03
CA ALA A 361 10.35 10.49 2.68
C ALA A 361 11.01 11.68 3.37
N LEU A 362 11.40 11.51 4.64
CA LEU A 362 12.03 12.59 5.38
C LEU A 362 13.48 12.80 4.97
N ALA A 363 14.17 11.74 4.58
CA ALA A 363 15.55 11.90 4.10
C ALA A 363 15.58 12.72 2.83
N ALA A 364 14.62 12.49 1.92
CA ALA A 364 14.54 13.29 0.71
C ALA A 364 14.11 14.72 1.01
N ALA A 365 13.22 14.90 1.99
CA ALA A 365 12.81 16.25 2.38
C ALA A 365 13.95 17.00 3.05
N GLN A 366 14.83 16.31 3.77
CA GLN A 366 15.99 16.98 4.33
C GLN A 366 16.90 17.50 3.23
N THR A 367 17.16 16.68 2.21
CA THR A 367 18.02 17.10 1.12
C THR A 367 17.37 18.21 0.30
N ASN A 368 16.05 18.13 0.09
CA ASN A 368 15.36 19.16 -0.69
C ASN A 368 15.34 20.49 0.06
N ALA A 369 15.04 20.46 1.35
CA ALA A 369 14.96 21.70 2.12
C ALA A 369 16.31 22.38 2.25
N ALA A 370 17.40 21.60 2.28
CA ALA A 370 18.74 22.16 2.34
C ALA A 370 19.31 22.46 0.96
N ARG A 371 18.64 22.03 -0.12
CA ARG A 371 19.21 22.13 -1.44
C ARG A 371 19.54 23.58 -1.79
N ARG A 372 20.76 23.78 -2.26
CA ARG A 372 21.20 25.10 -2.72
C ARG A 372 20.51 25.42 -4.04
N LYS A 373 19.74 26.51 -4.06
CA LYS A 373 19.04 26.90 -5.28
C LYS A 373 19.98 27.66 -6.19
N PRO A 374 20.31 27.15 -7.37
CA PRO A 374 21.27 27.84 -8.25
C PRO A 374 20.70 29.19 -8.70
N SER A 375 21.59 30.18 -8.78
CA SER A 375 21.19 31.50 -9.22
C SER A 375 20.81 31.48 -10.71
N TRP A 376 20.14 32.55 -11.13
CA TRP A 376 19.82 32.69 -12.55
C TRP A 376 21.08 32.62 -13.40
N ARG A 377 22.17 33.25 -12.95
CA ARG A 377 23.40 33.25 -13.72
C ARG A 377 23.96 31.84 -13.85
N GLU A 378 23.97 31.08 -12.74
CA GLU A 378 24.44 29.71 -12.80
C GLU A 378 23.60 28.88 -13.77
N ARG A 379 22.27 29.01 -13.69
CA ARG A 379 21.41 28.39 -14.68
C ARG A 379 21.81 28.82 -16.09
N GLU A 380 22.04 30.13 -16.27
CA GLU A 380 22.41 30.64 -17.59
C GLU A 380 23.76 30.08 -18.03
N ASN A 381 24.74 30.06 -17.13
CA ASN A 381 26.04 29.45 -17.45
C ASN A 381 25.85 28.03 -17.97
N ASN A 382 25.10 27.21 -17.24
CA ASN A 382 24.88 25.82 -17.66
C ASN A 382 24.23 25.75 -19.03
N ARG A 383 23.18 26.55 -19.24
CA ARG A 383 22.50 26.56 -20.53
C ARG A 383 23.47 26.91 -21.65
N ARG A 384 24.31 27.93 -21.45
CA ARG A 384 25.25 28.34 -22.48
C ARG A 384 26.31 27.28 -22.72
N ARG A 385 26.74 26.58 -21.66
CA ARG A 385 27.77 25.56 -21.82
C ARG A 385 27.27 24.41 -22.67
N GLU A 386 26.03 23.96 -22.45
CA GLU A 386 25.50 22.88 -23.26
C GLU A 386 25.14 23.36 -24.66
N ARG A 387 24.78 24.63 -24.80
CA ARG A 387 24.58 25.19 -26.14
C ARG A 387 25.88 25.19 -26.93
N ARG A 388 26.98 25.59 -26.28
CA ARG A 388 28.28 25.55 -26.94
C ARG A 388 28.68 24.13 -27.30
N ARG A 389 28.42 23.18 -26.40
CA ARG A 389 28.82 21.79 -26.66
C ARG A 389 28.12 21.23 -27.88
N ARG A 390 26.81 21.48 -28.01
CA ARG A 390 26.07 20.99 -29.17
C ARG A 390 26.57 21.64 -30.46
N ALA A 391 26.75 22.96 -30.46
CA ALA A 391 27.12 23.66 -31.68
C ALA A 391 28.47 23.20 -32.19
N VAL A 392 29.43 22.98 -31.29
CA VAL A 392 30.73 22.46 -31.71
C VAL A 392 30.56 21.10 -32.37
N ALA A 393 29.75 20.23 -31.77
CA ALA A 393 29.48 18.92 -32.39
C ALA A 393 28.75 19.09 -33.71
N ALA A 394 27.74 19.96 -33.75
CA ALA A 394 27.00 20.16 -34.99
C ALA A 394 27.91 20.57 -36.13
N LYS A 395 28.85 21.49 -35.87
CA LYS A 395 29.78 21.91 -36.91
C LYS A 395 30.69 20.76 -37.33
N ILE A 396 31.16 19.97 -36.37
CA ILE A 396 32.03 18.85 -36.69
C ILE A 396 31.31 17.87 -37.62
N TYR A 397 30.06 17.53 -37.28
CA TYR A 397 29.30 16.61 -38.12
C TYR A 397 28.84 17.29 -39.42
N THR A 398 28.51 18.58 -39.37
CA THR A 398 28.21 19.29 -40.61
C THR A 398 29.39 19.22 -41.57
N GLY A 399 30.60 19.42 -41.06
CA GLY A 399 31.76 19.34 -41.92
C GLY A 399 32.10 17.92 -42.33
N LEU A 400 31.92 16.96 -41.42
CA LEU A 400 32.20 15.57 -41.75
C LEU A 400 31.25 15.06 -42.84
N ARG A 401 30.00 15.54 -42.85
CA ARG A 401 29.07 15.12 -43.89
C ARG A 401 29.41 15.77 -45.23
N ALA A 402 29.84 17.02 -45.21
CA ALA A 402 30.06 17.76 -46.45
C ALA A 402 31.27 17.22 -47.22
N GLN A 403 32.39 17.02 -46.53
CA GLN A 403 33.65 16.70 -47.18
C GLN A 403 34.08 15.25 -46.99
N GLY A 404 33.20 14.41 -46.47
CA GLY A 404 33.60 13.06 -46.07
C GLY A 404 33.52 11.99 -47.14
N ASP A 405 32.48 12.04 -47.96
CA ASP A 405 32.22 10.96 -48.93
C ASP A 405 32.32 9.60 -48.26
N TYR A 406 31.49 9.46 -47.24
CA TYR A 406 31.48 8.32 -46.37
C TYR A 406 30.60 7.17 -46.68
N ASN A 407 30.08 7.10 -47.88
CA ASN A 407 29.19 6.01 -48.30
C ASN A 407 28.04 5.84 -47.32
N LEU A 408 27.31 6.94 -47.10
CA LEU A 408 26.23 6.95 -46.13
C LEU A 408 24.87 7.01 -46.82
N PRO A 409 23.81 6.53 -46.16
CA PRO A 409 22.47 6.62 -46.74
C PRO A 409 21.99 8.06 -46.81
N LYS A 410 20.92 8.25 -47.60
CA LYS A 410 20.42 9.60 -47.87
C LYS A 410 20.22 10.39 -46.58
N HIS A 411 19.68 9.76 -45.55
CA HIS A 411 19.50 10.40 -44.25
C HIS A 411 19.90 9.42 -43.16
N CYS A 412 20.70 9.89 -42.21
CA CYS A 412 21.21 9.05 -41.14
C CYS A 412 21.70 9.97 -40.02
N ASP A 413 21.85 9.39 -38.83
CA ASP A 413 22.12 10.18 -37.64
C ASP A 413 23.63 10.39 -37.44
N ASN A 414 23.95 11.27 -36.49
CA ASN A 414 25.34 11.55 -36.18
C ASN A 414 26.09 10.28 -35.78
N ASN A 415 25.39 9.36 -35.09
CA ASN A 415 26.04 8.13 -34.65
C ASN A 415 26.63 7.35 -35.82
N GLU A 416 25.99 7.42 -36.99
CA GLU A 416 26.52 6.72 -38.15
C GLU A 416 27.74 7.44 -38.73
N VAL A 417 27.66 8.78 -38.84
CA VAL A 417 28.82 9.54 -39.31
C VAL A 417 30.02 9.27 -38.41
N LEU A 418 29.79 9.17 -37.10
CA LEU A 418 30.87 8.86 -36.18
C LEU A 418 31.44 7.47 -36.45
N LYS A 419 30.58 6.51 -36.79
CA LYS A 419 31.04 5.17 -37.14
C LYS A 419 31.94 5.21 -38.37
N ALA A 420 31.50 5.92 -39.42
CA ALA A 420 32.32 6.02 -40.63
C ALA A 420 33.64 6.69 -40.34
N LEU A 421 33.63 7.74 -39.50
CA LEU A 421 34.89 8.34 -39.07
C LEU A 421 35.78 7.32 -38.39
N CYS A 422 35.19 6.45 -37.55
CA CYS A 422 35.99 5.48 -36.81
C CYS A 422 36.72 4.52 -37.76
N VAL A 423 36.03 4.06 -38.80
CA VAL A 423 36.66 3.10 -39.71
C VAL A 423 37.75 3.77 -40.55
N GLU A 424 37.56 5.03 -40.93
CA GLU A 424 38.60 5.74 -41.65
C GLU A 424 39.85 5.88 -40.80
N ALA A 425 39.70 6.05 -39.49
CA ALA A 425 40.81 6.19 -38.56
C ALA A 425 41.36 4.84 -38.09
N GLY A 426 40.88 3.73 -38.65
CA GLY A 426 41.43 2.44 -38.33
C GLY A 426 40.77 1.75 -37.15
N TRP A 427 39.46 1.94 -36.99
CA TRP A 427 38.69 1.31 -35.94
C TRP A 427 37.57 0.48 -36.54
N VAL A 428 37.05 -0.45 -35.73
CA VAL A 428 35.85 -1.20 -36.06
C VAL A 428 34.81 -0.94 -34.98
N VAL A 429 33.59 -0.62 -35.39
CA VAL A 429 32.50 -0.30 -34.48
C VAL A 429 31.36 -1.26 -34.75
N GLU A 430 31.03 -2.09 -33.76
CA GLU A 430 29.89 -2.96 -33.87
C GLU A 430 28.60 -2.14 -33.89
N GLU A 431 27.48 -2.83 -34.13
CA GLU A 431 26.19 -2.14 -34.16
C GLU A 431 25.91 -1.46 -32.83
N ASP A 432 26.29 -2.09 -31.72
CA ASP A 432 25.93 -1.62 -30.39
C ASP A 432 26.90 -0.58 -29.83
N GLY A 433 27.91 -0.17 -30.60
CA GLY A 433 28.83 0.86 -30.16
C GLY A 433 30.14 0.35 -29.60
N THR A 434 30.23 -0.94 -29.26
CA THR A 434 31.49 -1.51 -28.81
C THR A 434 32.58 -1.23 -29.85
N THR A 435 33.63 -0.54 -29.41
CA THR A 435 34.65 -0.01 -30.32
C THR A 435 36.04 -0.46 -29.87
N TYR A 436 36.81 -1.02 -30.80
CA TYR A 436 38.18 -1.40 -30.52
C TYR A 436 39.01 -1.28 -31.79
N ARG A 437 40.30 -1.06 -31.63
CA ARG A 437 41.21 -0.88 -32.75
C ARG A 437 41.57 -2.21 -33.40
N LYS B 2 -8.81 5.94 -2.13
CA LYS B 2 -9.09 4.76 -2.93
C LYS B 2 -10.44 4.15 -2.53
N ILE B 3 -10.98 3.32 -3.42
CA ILE B 3 -12.28 2.68 -3.20
C ILE B 3 -12.13 1.53 -2.21
N GLU B 4 -13.12 1.39 -1.33
CA GLU B 4 -13.24 0.26 -0.42
C GLU B 4 -14.68 -0.19 -0.42
N GLU B 5 -14.90 -1.51 -0.50
CA GLU B 5 -16.24 -2.04 -0.67
C GLU B 5 -17.12 -1.73 0.53
N GLY B 6 -18.41 -1.56 0.28
CA GLY B 6 -19.36 -1.22 1.32
C GLY B 6 -19.42 0.24 1.68
N LYS B 7 -18.64 1.09 1.01
CA LYS B 7 -18.67 2.54 1.21
C LYS B 7 -18.94 3.21 -0.12
N LEU B 8 -19.31 4.50 -0.05
CA LEU B 8 -19.66 5.26 -1.24
C LEU B 8 -19.05 6.66 -1.12
N VAL B 9 -18.04 6.95 -1.95
CA VAL B 9 -17.44 8.27 -2.02
C VAL B 9 -17.80 8.88 -3.37
N ILE B 10 -18.14 10.17 -3.35
CA ILE B 10 -18.73 10.85 -4.50
C ILE B 10 -17.94 12.09 -4.83
N TRP B 11 -17.73 12.32 -6.13
CA TRP B 11 -16.99 13.47 -6.64
C TRP B 11 -17.92 14.30 -7.52
N ILE B 12 -18.01 15.58 -7.23
CA ILE B 12 -18.84 16.48 -8.01
C ILE B 12 -18.26 17.87 -7.92
N ASN B 13 -18.42 18.66 -8.95
CA ASN B 13 -17.85 19.98 -8.97
C ASN B 13 -18.34 20.89 -7.87
N GLY B 14 -17.42 21.73 -7.39
CA GLY B 14 -17.66 22.65 -6.30
C GLY B 14 -18.74 23.69 -6.39
N ASP B 15 -19.28 23.87 -7.57
CA ASP B 15 -20.36 24.84 -7.78
C ASP B 15 -21.74 24.20 -7.72
N LYS B 16 -21.83 22.92 -7.38
CA LYS B 16 -23.10 22.20 -7.30
C LYS B 16 -23.48 21.98 -5.84
N GLY B 17 -24.72 21.50 -5.64
CA GLY B 17 -25.22 21.29 -4.31
C GLY B 17 -24.70 20.03 -3.65
N TYR B 18 -23.40 19.98 -3.38
CA TYR B 18 -22.81 18.76 -2.81
C TYR B 18 -23.39 18.47 -1.43
N ASN B 19 -23.63 19.51 -0.63
CA ASN B 19 -24.27 19.31 0.66
C ASN B 19 -25.66 18.69 0.47
N GLY B 20 -26.39 19.13 -0.56
CA GLY B 20 -27.68 18.53 -0.84
C GLY B 20 -27.57 17.07 -1.21
N LEU B 21 -26.53 16.71 -1.96
CA LEU B 21 -26.28 15.30 -2.23
C LEU B 21 -25.83 14.56 -0.98
N ALA B 22 -25.14 15.25 -0.07
CA ALA B 22 -24.81 14.66 1.22
C ALA B 22 -26.08 14.25 1.95
N GLU B 23 -27.09 15.14 1.98
CA GLU B 23 -28.36 14.78 2.58
C GLU B 23 -28.98 13.56 1.90
N VAL B 24 -28.77 13.41 0.59
CA VAL B 24 -29.26 12.23 -0.10
C VAL B 24 -28.42 11.01 0.28
N GLY B 25 -27.11 11.20 0.43
CA GLY B 25 -26.24 10.08 0.77
C GLY B 25 -26.57 9.45 2.11
N LYS B 26 -27.00 10.26 3.07
CA LYS B 26 -27.30 9.72 4.40
C LYS B 26 -28.60 8.94 4.41
N LYS B 27 -29.55 9.28 3.54
CA LYS B 27 -30.77 8.48 3.41
C LYS B 27 -30.49 7.17 2.68
N PHE B 28 -29.49 7.15 1.81
CA PHE B 28 -29.03 5.87 1.25
C PHE B 28 -28.39 5.01 2.34
N GLU B 29 -27.83 5.64 3.37
CA GLU B 29 -27.35 4.90 4.52
C GLU B 29 -28.48 4.18 5.23
N LYS B 30 -29.54 4.92 5.57
CA LYS B 30 -30.65 4.35 6.34
C LYS B 30 -31.14 3.05 5.73
N ASP B 31 -31.45 3.06 4.43
CA ASP B 31 -32.10 1.91 3.80
C ASP B 31 -31.13 0.76 3.57
N THR B 32 -29.93 1.06 3.07
CA THR B 32 -28.97 0.02 2.71
C THR B 32 -27.74 -0.02 3.62
N GLY B 33 -27.61 0.93 4.56
CA GLY B 33 -26.57 0.88 5.55
C GLY B 33 -25.20 1.34 5.10
N ILE B 34 -25.09 1.79 3.87
CA ILE B 34 -23.80 2.23 3.41
C ILE B 34 -23.58 3.67 3.78
N LYS B 35 -22.40 3.95 4.32
CA LYS B 35 -22.02 5.31 4.66
C LYS B 35 -21.57 5.95 3.37
N VAL B 36 -22.06 7.16 3.10
CA VAL B 36 -21.72 7.88 1.87
C VAL B 36 -21.09 9.20 2.20
N THR B 37 -20.06 9.52 1.45
CA THR B 37 -19.34 10.77 1.63
C THR B 37 -19.31 11.51 0.31
N VAL B 38 -19.42 12.84 0.37
CA VAL B 38 -19.45 13.69 -0.81
C VAL B 38 -18.30 14.68 -0.71
N GLU B 39 -17.36 14.60 -1.66
CA GLU B 39 -16.20 15.48 -1.70
C GLU B 39 -16.24 16.31 -2.98
N HIS B 40 -15.86 17.59 -2.87
CA HIS B 40 -15.90 18.54 -3.99
C HIS B 40 -14.48 18.99 -4.30
N PRO B 41 -13.74 18.21 -5.08
CA PRO B 41 -12.33 18.49 -5.31
C PRO B 41 -12.09 19.48 -6.43
N ASP B 42 -10.85 19.96 -6.50
CA ASP B 42 -10.41 20.89 -7.54
C ASP B 42 -9.98 20.14 -8.78
N LYS B 43 -10.41 20.62 -9.95
CA LYS B 43 -10.02 20.07 -11.24
C LYS B 43 -10.30 18.57 -11.30
N LEU B 44 -11.50 18.18 -10.86
CA LEU B 44 -11.85 16.77 -10.82
C LEU B 44 -11.93 16.17 -12.22
N GLU B 45 -12.37 16.95 -13.21
CA GLU B 45 -12.38 16.47 -14.59
C GLU B 45 -10.98 16.24 -15.12
N GLU B 46 -9.96 16.80 -14.47
CA GLU B 46 -8.57 16.56 -14.82
C GLU B 46 -7.96 15.43 -13.99
N LYS B 47 -8.29 15.39 -12.70
CA LYS B 47 -7.71 14.38 -11.82
C LYS B 47 -8.23 12.98 -12.16
N PHE B 48 -9.50 12.87 -12.54
CA PHE B 48 -10.08 11.55 -12.77
C PHE B 48 -9.34 10.77 -13.86
N PRO B 49 -9.18 11.30 -15.08
CA PRO B 49 -8.49 10.52 -16.13
C PRO B 49 -7.04 10.21 -15.79
N GLN B 50 -6.46 10.85 -14.78
CA GLN B 50 -5.10 10.54 -14.36
C GLN B 50 -5.07 9.41 -13.33
N VAL B 51 -5.89 9.52 -12.30
CA VAL B 51 -5.83 8.54 -11.18
C VAL B 51 -6.60 7.26 -11.46
N ALA B 52 -7.49 7.22 -12.44
CA ALA B 52 -8.34 6.02 -12.62
C ALA B 52 -7.54 4.77 -12.96
N ALA B 53 -6.48 4.90 -13.74
CA ALA B 53 -5.73 3.71 -14.19
C ALA B 53 -5.20 2.95 -12.96
N THR B 54 -4.70 3.68 -11.97
CA THR B 54 -4.07 3.05 -10.79
C THR B 54 -5.17 2.52 -9.88
N GLY B 55 -6.44 2.68 -10.28
CA GLY B 55 -7.56 2.15 -9.49
C GLY B 55 -7.94 3.18 -8.45
N ASP B 56 -7.18 4.26 -8.40
CA ASP B 56 -7.47 5.34 -7.45
C ASP B 56 -8.57 6.17 -8.11
N GLY B 57 -9.42 6.77 -7.31
CA GLY B 57 -10.52 7.47 -7.98
C GLY B 57 -11.79 7.38 -7.17
N PRO B 58 -12.89 7.94 -7.68
CA PRO B 58 -14.14 7.92 -6.96
C PRO B 58 -15.09 6.87 -7.53
N ASP B 59 -16.08 6.47 -6.74
CA ASP B 59 -17.09 5.53 -7.29
C ASP B 59 -17.87 6.28 -8.36
N ILE B 60 -18.30 7.50 -8.07
CA ILE B 60 -19.14 8.29 -8.97
C ILE B 60 -18.45 9.62 -9.25
N ILE B 61 -18.48 10.05 -10.51
CA ILE B 61 -18.07 11.39 -10.91
C ILE B 61 -19.28 12.08 -11.53
N PHE B 62 -19.64 13.24 -10.99
CA PHE B 62 -20.63 14.11 -11.60
C PHE B 62 -19.90 15.16 -12.42
N TRP B 63 -20.23 15.24 -13.70
CA TRP B 63 -19.64 16.24 -14.58
C TRP B 63 -20.54 16.40 -15.80
N ALA B 64 -20.34 17.49 -16.53
CA ALA B 64 -21.01 17.65 -17.81
C ALA B 64 -20.63 16.51 -18.75
N HIS B 65 -21.50 16.25 -19.72
CA HIS B 65 -21.35 15.07 -20.55
C HIS B 65 -20.21 15.18 -21.56
N ASP B 66 -19.73 16.38 -21.84
CA ASP B 66 -18.86 16.56 -23.00
C ASP B 66 -17.51 15.87 -22.85
N ARG B 67 -17.04 15.66 -21.62
CA ARG B 67 -15.74 15.03 -21.43
C ARG B 67 -15.81 13.51 -21.36
N PHE B 68 -16.99 12.93 -21.16
CA PHE B 68 -17.10 11.49 -20.94
C PHE B 68 -16.70 10.68 -22.17
N GLY B 69 -16.81 11.25 -23.36
CA GLY B 69 -16.46 10.49 -24.56
C GLY B 69 -14.98 10.20 -24.66
N GLY B 70 -14.14 11.15 -24.27
CA GLY B 70 -12.72 10.87 -24.14
C GLY B 70 -12.43 9.93 -22.97
N TYR B 71 -13.18 10.10 -21.87
CA TYR B 71 -13.08 9.17 -20.76
C TYR B 71 -13.42 7.75 -21.20
N ALA B 72 -14.63 7.57 -21.73
CA ALA B 72 -15.10 6.24 -22.09
C ALA B 72 -14.22 5.59 -23.15
N GLN B 73 -13.70 6.38 -24.08
CA GLN B 73 -12.82 5.83 -25.10
C GLN B 73 -11.47 5.39 -24.53
N SER B 74 -11.15 5.78 -23.29
CA SER B 74 -9.96 5.31 -22.60
C SER B 74 -10.25 4.18 -21.63
N GLY B 75 -11.52 3.78 -21.49
CA GLY B 75 -11.87 2.63 -20.68
C GLY B 75 -12.02 2.89 -19.19
N LEU B 76 -12.41 4.11 -18.81
CA LEU B 76 -12.47 4.48 -17.40
C LEU B 76 -13.85 4.30 -16.78
N LEU B 77 -14.90 4.13 -17.59
CA LEU B 77 -16.27 4.11 -17.09
C LEU B 77 -16.96 2.80 -17.44
N ALA B 78 -17.78 2.31 -16.51
CA ALA B 78 -18.59 1.13 -16.75
C ALA B 78 -19.79 1.50 -17.62
N GLU B 79 -20.01 0.74 -18.68
CA GLU B 79 -21.19 0.95 -19.50
C GLU B 79 -22.45 0.76 -18.66
N ILE B 80 -23.42 1.63 -18.87
CA ILE B 80 -24.62 1.67 -18.04
C ILE B 80 -25.71 0.82 -18.65
N THR B 81 -26.47 0.13 -17.80
CA THR B 81 -27.48 -0.85 -18.21
C THR B 81 -28.84 -0.42 -17.68
N PRO B 82 -29.47 0.60 -18.29
CA PRO B 82 -30.80 1.02 -17.85
C PRO B 82 -31.90 0.27 -18.56
N ALA B 83 -32.89 -0.16 -17.78
CA ALA B 83 -34.05 -0.83 -18.35
C ALA B 83 -34.68 0.03 -19.43
N ALA B 84 -35.22 -0.62 -20.47
CA ALA B 84 -35.94 0.11 -21.49
C ALA B 84 -37.03 0.98 -20.88
N ALA B 85 -37.63 0.52 -19.78
CA ALA B 85 -38.51 1.38 -19.02
C ALA B 85 -37.81 2.68 -18.64
N PHE B 86 -36.54 2.60 -18.22
CA PHE B 86 -35.86 3.69 -17.54
C PHE B 86 -35.43 4.80 -18.49
N GLN B 87 -34.92 4.43 -19.65
CA GLN B 87 -34.70 5.38 -20.72
C GLN B 87 -35.96 6.18 -20.98
N ASP B 88 -37.12 5.52 -20.93
CA ASP B 88 -38.38 6.24 -21.16
C ASP B 88 -38.71 7.20 -20.02
N LYS B 89 -38.20 6.94 -18.81
CA LYS B 89 -38.45 7.83 -17.68
C LYS B 89 -37.63 9.13 -17.74
N LEU B 90 -36.64 9.23 -18.63
CA LEU B 90 -35.89 10.46 -18.88
C LEU B 90 -35.96 10.84 -20.36
N TYR B 91 -35.77 12.12 -20.64
CA TYR B 91 -35.97 12.63 -21.99
C TYR B 91 -34.98 11.99 -22.97
N PRO B 92 -35.43 11.56 -24.15
CA PRO B 92 -34.54 10.81 -25.05
C PRO B 92 -33.30 11.60 -25.46
N PHE B 93 -33.38 12.93 -25.50
CA PHE B 93 -32.22 13.70 -25.93
C PHE B 93 -31.14 13.77 -24.85
N THR B 94 -31.49 13.56 -23.58
CA THR B 94 -30.47 13.47 -22.55
C THR B 94 -29.65 12.19 -22.71
N TRP B 95 -30.31 11.05 -22.86
CA TRP B 95 -29.60 9.82 -23.14
C TRP B 95 -28.74 9.96 -24.40
N ASP B 96 -29.26 10.67 -25.40
CA ASP B 96 -28.51 10.85 -26.64
C ASP B 96 -27.18 11.55 -26.40
N ALA B 97 -27.17 12.58 -25.55
CA ALA B 97 -25.93 13.28 -25.26
C ALA B 97 -24.95 12.40 -24.49
N VAL B 98 -25.44 11.54 -23.61
CA VAL B 98 -24.55 10.72 -22.83
C VAL B 98 -24.36 9.35 -23.41
N ARG B 99 -24.27 9.27 -24.72
CA ARG B 99 -24.07 8.02 -25.37
C ARG B 99 -22.98 8.11 -26.40
N TYR B 100 -21.95 7.31 -26.21
CA TYR B 100 -20.83 7.29 -27.13
C TYR B 100 -20.75 5.88 -27.63
N ASN B 101 -20.61 5.73 -28.95
CA ASN B 101 -20.35 4.43 -29.56
C ASN B 101 -21.47 3.45 -29.24
N GLY B 102 -22.71 3.91 -29.37
CA GLY B 102 -23.86 3.07 -29.12
C GLY B 102 -23.97 2.52 -27.72
N LYS B 103 -23.21 3.06 -26.78
CA LYS B 103 -23.25 2.62 -25.39
C LYS B 103 -23.53 3.82 -24.48
N LEU B 104 -24.23 3.56 -23.38
CA LEU B 104 -24.58 4.61 -22.44
C LEU B 104 -23.56 4.61 -21.30
N ILE B 105 -22.85 5.73 -21.17
CA ILE B 105 -21.70 5.82 -20.28
C ILE B 105 -22.03 6.48 -18.94
N ALA B 106 -23.08 7.29 -18.87
CA ALA B 106 -23.46 7.94 -17.63
C ALA B 106 -24.97 8.12 -17.60
N TYR B 107 -25.48 8.49 -16.44
CA TYR B 107 -26.90 8.80 -16.33
C TYR B 107 -27.09 10.30 -16.47
N PRO B 108 -27.94 10.77 -17.38
CA PRO B 108 -28.27 12.18 -17.40
C PRO B 108 -28.94 12.57 -16.08
N ILE B 109 -28.68 13.82 -15.65
CA ILE B 109 -29.20 14.28 -14.37
C ILE B 109 -29.90 15.62 -14.55
N ALA B 110 -29.21 16.58 -15.18
CA ALA B 110 -29.77 17.90 -15.38
C ALA B 110 -29.21 18.50 -16.65
N VAL B 111 -29.99 19.37 -17.27
CA VAL B 111 -29.58 20.10 -18.46
C VAL B 111 -29.19 21.52 -18.03
N GLU B 112 -28.04 21.97 -18.50
CA GLU B 112 -27.48 23.26 -18.09
C GLU B 112 -27.25 24.14 -19.30
N ALA B 113 -27.68 25.39 -19.20
CA ALA B 113 -27.40 26.39 -20.22
C ALA B 113 -27.17 27.73 -19.53
N LEU B 114 -26.25 28.52 -20.09
CA LEU B 114 -25.96 29.83 -19.54
C LEU B 114 -27.06 30.81 -19.94
N SER B 115 -27.35 31.75 -19.03
CA SER B 115 -28.34 32.78 -19.27
C SER B 115 -27.79 34.12 -18.80
N LEU B 116 -28.46 35.19 -19.22
CA LEU B 116 -28.13 36.52 -18.70
C LEU B 116 -28.87 36.73 -17.39
N ILE B 117 -28.12 37.07 -16.35
CA ILE B 117 -28.66 37.38 -15.02
C ILE B 117 -28.46 38.86 -14.78
N TYR B 118 -29.52 39.54 -14.35
CA TYR B 118 -29.46 41.00 -14.24
C TYR B 118 -30.13 41.49 -12.96
N ASN B 119 -29.61 42.60 -12.46
CA ASN B 119 -30.12 43.26 -11.26
C ASN B 119 -31.23 44.22 -11.66
N LYS B 120 -32.46 43.93 -11.22
CA LYS B 120 -33.60 44.76 -11.62
C LYS B 120 -33.50 46.17 -11.06
N ASP B 121 -33.04 46.30 -9.82
CA ASP B 121 -32.99 47.62 -9.18
C ASP B 121 -32.05 48.55 -9.92
N LEU B 122 -30.93 48.03 -10.43
CA LEU B 122 -29.99 48.82 -11.22
C LEU B 122 -30.32 48.81 -12.70
N LEU B 123 -31.13 47.86 -13.16
CA LEU B 123 -31.42 47.68 -14.58
C LEU B 123 -32.78 47.03 -14.75
N PRO B 124 -33.87 47.78 -14.56
CA PRO B 124 -35.20 47.16 -14.71
C PRO B 124 -35.40 46.50 -16.06
N ASN B 125 -34.88 47.10 -17.13
CA ASN B 125 -35.02 46.53 -18.47
C ASN B 125 -33.66 46.05 -18.97
N PRO B 126 -33.45 44.73 -19.11
CA PRO B 126 -32.13 44.25 -19.50
C PRO B 126 -31.88 44.51 -20.98
N PRO B 127 -30.63 44.75 -21.37
CA PRO B 127 -30.34 44.98 -22.79
C PRO B 127 -30.53 43.72 -23.60
N LYS B 128 -31.11 43.89 -24.79
CA LYS B 128 -31.35 42.76 -25.68
C LYS B 128 -30.16 42.43 -26.58
N THR B 129 -29.16 43.31 -26.66
CA THR B 129 -28.05 43.13 -27.57
C THR B 129 -26.71 43.35 -26.87
N TRP B 130 -25.69 42.67 -27.37
CA TRP B 130 -24.32 42.90 -26.91
C TRP B 130 -23.85 44.30 -27.24
N GLU B 131 -24.31 44.86 -28.36
CA GLU B 131 -23.75 46.10 -28.89
C GLU B 131 -24.04 47.30 -28.00
N GLU B 132 -25.14 47.26 -27.24
CA GLU B 132 -25.52 48.37 -26.39
C GLU B 132 -24.89 48.31 -25.00
N ILE B 133 -24.08 47.28 -24.71
CA ILE B 133 -23.49 47.08 -23.39
C ILE B 133 -22.41 48.13 -23.14
N PRO B 134 -21.56 48.44 -24.12
CA PRO B 134 -20.58 49.52 -23.89
C PRO B 134 -21.22 50.82 -23.46
N ALA B 135 -22.21 51.31 -24.21
CA ALA B 135 -22.89 52.55 -23.82
C ALA B 135 -23.53 52.40 -22.44
N LEU B 136 -24.17 51.26 -22.18
CA LEU B 136 -24.81 51.05 -20.89
C LEU B 136 -23.79 51.08 -19.75
N ASP B 137 -22.56 50.63 -20.01
CA ASP B 137 -21.54 50.63 -18.97
C ASP B 137 -21.09 52.06 -18.65
N LYS B 138 -21.00 52.92 -19.66
CA LYS B 138 -20.64 54.31 -19.41
C LYS B 138 -21.65 55.00 -18.52
N GLU B 139 -22.93 54.65 -18.67
CA GLU B 139 -23.97 55.18 -17.79
C GLU B 139 -23.73 54.73 -16.36
N LEU B 140 -23.66 53.42 -16.13
CA LEU B 140 -23.57 52.89 -14.77
C LEU B 140 -22.25 53.21 -14.10
N LYS B 141 -21.19 53.47 -14.86
CA LYS B 141 -19.91 53.81 -14.24
C LYS B 141 -20.01 55.12 -13.48
N ALA B 142 -20.80 56.07 -14.00
CA ALA B 142 -21.01 57.33 -13.27
C ALA B 142 -21.66 57.10 -11.92
N LYS B 143 -22.53 56.10 -11.83
CA LYS B 143 -23.15 55.71 -10.56
C LYS B 143 -22.27 54.80 -9.72
N GLY B 144 -20.99 54.66 -10.08
CA GLY B 144 -20.10 53.79 -9.34
C GLY B 144 -20.31 52.31 -9.58
N LYS B 145 -21.08 51.93 -10.60
CA LYS B 145 -21.38 50.56 -10.91
C LYS B 145 -20.70 50.18 -12.23
N SER B 146 -20.99 48.97 -12.71
CA SER B 146 -20.56 48.52 -14.03
C SER B 146 -21.69 47.72 -14.66
N ALA B 147 -21.59 47.52 -15.97
CA ALA B 147 -22.66 46.86 -16.70
C ALA B 147 -22.60 45.35 -16.56
N LEU B 148 -21.47 44.74 -16.92
CA LEU B 148 -21.40 43.29 -17.08
C LEU B 148 -20.07 42.75 -16.58
N MET B 149 -20.14 41.70 -15.78
CA MET B 149 -18.95 40.96 -15.34
C MET B 149 -19.26 39.47 -15.35
N PHE B 150 -18.36 38.68 -15.95
CA PHE B 150 -18.52 37.23 -15.92
C PHE B 150 -17.16 36.59 -16.12
N ASN B 151 -17.10 35.29 -15.79
CA ASN B 151 -15.87 34.52 -15.82
C ASN B 151 -15.23 34.50 -17.19
N LEU B 152 -14.18 35.29 -17.39
CA LEU B 152 -13.41 35.30 -18.62
C LEU B 152 -12.29 34.27 -18.65
N GLN B 153 -12.10 33.52 -17.56
CA GLN B 153 -11.02 32.55 -17.53
C GLN B 153 -11.43 31.22 -18.15
N GLU B 154 -12.72 30.88 -18.12
CA GLU B 154 -13.18 29.61 -18.65
C GLU B 154 -13.95 29.85 -19.95
N PRO B 155 -13.54 29.23 -21.05
CA PRO B 155 -14.19 29.52 -22.35
C PRO B 155 -15.66 29.16 -22.40
N TYR B 156 -16.14 28.31 -21.49
CA TYR B 156 -17.57 28.01 -21.42
C TYR B 156 -18.41 29.28 -21.42
N PHE B 157 -17.93 30.33 -20.73
CA PHE B 157 -18.72 31.54 -20.55
C PHE B 157 -18.61 32.48 -21.74
N THR B 158 -17.50 32.44 -22.47
CA THR B 158 -17.33 33.30 -23.62
C THR B 158 -17.84 32.68 -24.91
N TRP B 159 -17.95 31.35 -24.95
CA TRP B 159 -18.34 30.68 -26.19
C TRP B 159 -19.65 31.20 -26.79
N PRO B 160 -20.70 31.48 -26.02
CA PRO B 160 -21.93 31.99 -26.65
C PRO B 160 -21.68 33.16 -27.59
N LEU B 161 -20.80 34.09 -27.21
CA LEU B 161 -20.50 35.23 -28.06
C LEU B 161 -19.66 34.83 -29.27
N ILE B 162 -18.78 33.83 -29.12
CA ILE B 162 -17.98 33.38 -30.25
C ILE B 162 -18.84 32.64 -31.26
N ALA B 163 -19.86 31.91 -30.80
CA ALA B 163 -20.71 31.16 -31.71
C ALA B 163 -21.70 32.05 -32.44
N ALA B 164 -22.08 33.18 -31.84
CA ALA B 164 -23.20 33.97 -32.34
C ALA B 164 -23.12 34.19 -33.86
N ASP B 165 -22.01 34.76 -34.34
CA ASP B 165 -21.90 35.12 -35.74
C ASP B 165 -21.31 34.01 -36.61
N GLY B 166 -21.36 32.77 -36.15
CA GLY B 166 -20.99 31.63 -36.97
C GLY B 166 -19.84 30.78 -36.45
N GLY B 167 -19.12 31.22 -35.42
CA GLY B 167 -18.08 30.36 -34.87
C GLY B 167 -18.65 29.03 -34.43
N TYR B 168 -17.92 27.96 -34.73
CA TYR B 168 -18.34 26.62 -34.35
C TYR B 168 -17.11 25.80 -33.99
N ALA B 169 -17.34 24.70 -33.26
CA ALA B 169 -16.26 23.81 -32.86
C ALA B 169 -15.98 22.78 -33.95
N PHE B 170 -16.84 21.77 -34.05
CA PHE B 170 -16.70 20.71 -35.04
C PHE B 170 -18.02 20.60 -35.80
N LYS B 171 -17.97 20.89 -37.10
CA LYS B 171 -19.18 20.89 -37.91
C LYS B 171 -19.74 19.48 -38.00
N TYR B 172 -20.99 19.31 -37.55
CA TYR B 172 -21.69 18.04 -37.64
C TYR B 172 -22.19 17.85 -39.07
N ALA B 173 -21.71 16.80 -39.73
CA ALA B 173 -22.11 16.55 -41.12
C ALA B 173 -22.04 15.05 -41.40
N ALA B 174 -23.03 14.55 -42.12
CA ALA B 174 -23.09 13.14 -42.52
C ALA B 174 -23.14 12.23 -41.30
N GLY B 175 -23.96 12.60 -40.31
CA GLY B 175 -24.19 11.77 -39.15
C GLY B 175 -23.10 11.74 -38.10
N LYS B 176 -22.10 12.61 -38.21
CA LYS B 176 -20.99 12.60 -37.27
C LYS B 176 -20.37 13.99 -37.20
N TYR B 177 -19.55 14.19 -36.16
CA TYR B 177 -18.77 15.41 -36.02
C TYR B 177 -17.47 15.26 -36.79
N ASP B 178 -17.18 16.22 -37.67
CA ASP B 178 -16.01 16.16 -38.55
C ASP B 178 -14.90 16.99 -37.93
N ILE B 179 -13.81 16.32 -37.53
CA ILE B 179 -12.64 17.01 -36.97
C ILE B 179 -11.79 17.66 -38.04
N LYS B 180 -12.16 17.51 -39.32
CA LYS B 180 -11.53 18.27 -40.41
C LYS B 180 -12.10 19.67 -40.54
N ASP B 181 -13.24 19.94 -39.92
CA ASP B 181 -13.97 21.20 -40.07
C ASP B 181 -14.10 21.84 -38.69
N VAL B 182 -13.10 22.64 -38.33
CA VAL B 182 -13.11 23.40 -37.08
C VAL B 182 -13.43 24.85 -37.41
N GLY B 183 -14.35 25.45 -36.67
CA GLY B 183 -14.79 26.81 -36.96
C GLY B 183 -14.42 27.82 -35.89
N VAL B 184 -13.31 27.57 -35.18
CA VAL B 184 -12.83 28.54 -34.19
C VAL B 184 -12.01 29.64 -34.83
N ASP B 185 -11.75 29.57 -36.14
CA ASP B 185 -10.91 30.53 -36.84
C ASP B 185 -11.66 31.27 -37.94
N ASN B 186 -12.98 31.10 -38.04
CA ASN B 186 -13.72 31.74 -39.12
C ASN B 186 -14.09 33.17 -38.75
N ALA B 187 -14.78 33.84 -39.68
CA ALA B 187 -15.09 35.26 -39.51
C ALA B 187 -16.03 35.51 -38.34
N GLY B 188 -16.97 34.59 -38.10
CA GLY B 188 -17.88 34.76 -36.97
C GLY B 188 -17.17 34.64 -35.64
N ALA B 189 -16.28 33.64 -35.51
CA ALA B 189 -15.48 33.53 -34.30
C ALA B 189 -14.64 34.78 -34.09
N LYS B 190 -13.99 35.27 -35.16
CA LYS B 190 -13.17 36.47 -35.06
C LYS B 190 -13.98 37.65 -34.55
N ALA B 191 -15.15 37.89 -35.15
CA ALA B 191 -15.99 39.00 -34.72
C ALA B 191 -16.41 38.84 -33.27
N GLY B 192 -16.74 37.62 -32.85
CA GLY B 192 -17.13 37.41 -31.47
C GLY B 192 -16.03 37.76 -30.49
N LEU B 193 -14.81 37.29 -30.76
CA LEU B 193 -13.70 37.56 -29.85
C LEU B 193 -13.25 39.01 -29.92
N THR B 194 -13.21 39.58 -31.13
CA THR B 194 -12.79 40.97 -31.27
C THR B 194 -13.68 41.90 -30.46
N PHE B 195 -14.99 41.64 -30.43
CA PHE B 195 -15.89 42.45 -29.62
C PHE B 195 -15.57 42.29 -28.13
N LEU B 196 -15.34 41.05 -27.68
CA LEU B 196 -15.01 40.84 -26.28
C LEU B 196 -13.72 41.54 -25.90
N VAL B 197 -12.69 41.44 -26.75
CA VAL B 197 -11.44 42.12 -26.46
C VAL B 197 -11.63 43.63 -26.48
N ASP B 198 -12.48 44.13 -27.39
CA ASP B 198 -12.74 45.55 -27.46
C ASP B 198 -13.44 46.05 -26.21
N LEU B 199 -14.31 45.24 -25.62
CA LEU B 199 -14.86 45.59 -24.31
C LEU B 199 -13.75 45.78 -23.29
N ILE B 200 -12.72 44.94 -23.35
CA ILE B 200 -11.61 45.04 -22.39
C ILE B 200 -10.72 46.23 -22.73
N LYS B 201 -10.43 46.43 -24.02
CA LYS B 201 -9.59 47.56 -24.41
C LYS B 201 -10.21 48.89 -24.00
N ASN B 202 -11.54 48.98 -24.03
CA ASN B 202 -12.25 50.19 -23.63
C ASN B 202 -12.65 50.17 -22.16
N LYS B 203 -12.08 49.25 -21.38
CA LYS B 203 -12.22 49.25 -19.91
C LYS B 203 -13.66 49.04 -19.47
N HIS B 204 -14.43 48.30 -20.26
CA HIS B 204 -15.76 47.87 -19.84
C HIS B 204 -15.74 46.50 -19.18
N MET B 205 -14.65 45.76 -19.34
CA MET B 205 -14.43 44.51 -18.62
C MET B 205 -12.93 44.38 -18.36
N ASN B 206 -12.58 43.53 -17.41
CA ASN B 206 -11.19 43.28 -17.04
C ASN B 206 -10.80 41.87 -17.46
N ALA B 207 -9.66 41.75 -18.14
CA ALA B 207 -9.22 40.45 -18.64
C ALA B 207 -8.98 39.46 -17.51
N ASP B 208 -8.76 39.93 -16.29
CA ASP B 208 -8.44 39.07 -15.15
C ASP B 208 -9.69 38.56 -14.43
N THR B 209 -10.88 38.97 -14.84
CA THR B 209 -12.09 38.58 -14.13
C THR B 209 -12.31 37.07 -14.22
N ASP B 210 -12.50 36.43 -13.08
CA ASP B 210 -12.75 35.00 -12.99
C ASP B 210 -14.13 34.76 -12.37
N TYR B 211 -14.45 33.48 -12.15
CA TYR B 211 -15.76 33.13 -11.61
C TYR B 211 -16.01 33.85 -10.29
N SER B 212 -15.04 33.81 -9.38
CA SER B 212 -15.23 34.39 -8.06
C SER B 212 -15.44 35.89 -8.14
N ILE B 213 -14.58 36.59 -8.90
CA ILE B 213 -14.70 38.04 -9.00
C ILE B 213 -16.05 38.44 -9.60
N ALA B 214 -16.53 37.67 -10.57
CA ALA B 214 -17.80 37.99 -11.20
C ALA B 214 -18.96 37.80 -10.23
N GLU B 215 -18.95 36.70 -9.47
CA GLU B 215 -20.06 36.42 -8.57
C GLU B 215 -20.14 37.46 -7.45
N ALA B 216 -19.00 37.79 -6.85
CA ALA B 216 -19.00 38.78 -5.76
C ALA B 216 -19.54 40.12 -6.23
N ALA B 217 -19.05 40.60 -7.38
CA ALA B 217 -19.47 41.90 -7.87
C ALA B 217 -20.97 41.95 -8.14
N PHE B 218 -21.53 40.86 -8.67
CA PHE B 218 -22.98 40.86 -8.92
C PHE B 218 -23.76 40.69 -7.62
N ASN B 219 -23.38 39.70 -6.81
CA ASN B 219 -24.13 39.44 -5.59
C ASN B 219 -24.06 40.62 -4.62
N LYS B 220 -22.99 41.40 -4.69
CA LYS B 220 -22.86 42.61 -3.88
C LYS B 220 -23.51 43.83 -4.51
N GLY B 221 -24.06 43.69 -5.71
CA GLY B 221 -24.74 44.78 -6.37
C GLY B 221 -23.85 45.79 -7.05
N GLU B 222 -22.57 45.47 -7.27
CA GLU B 222 -21.66 46.39 -7.93
C GLU B 222 -21.75 46.33 -9.44
N THR B 223 -22.20 45.21 -10.00
CA THR B 223 -22.38 45.05 -11.43
C THR B 223 -23.83 44.71 -11.74
N ALA B 224 -24.34 45.24 -12.84
CA ALA B 224 -25.76 45.11 -13.17
C ALA B 224 -26.09 43.80 -13.85
N MET B 225 -25.11 43.10 -14.41
CA MET B 225 -25.37 41.86 -15.12
C MET B 225 -24.22 40.89 -14.94
N THR B 226 -24.54 39.60 -15.05
CA THR B 226 -23.55 38.55 -15.11
C THR B 226 -24.12 37.41 -15.95
N ILE B 227 -23.23 36.55 -16.44
CA ILE B 227 -23.62 35.38 -17.22
C ILE B 227 -23.23 34.15 -16.42
N ASN B 228 -24.19 33.27 -16.16
CA ASN B 228 -23.95 32.11 -15.31
C ASN B 228 -25.08 31.11 -15.48
N GLY B 229 -24.94 29.96 -14.83
CA GLY B 229 -25.89 28.89 -14.93
C GLY B 229 -26.74 28.73 -13.68
N PRO B 230 -27.66 27.76 -13.71
CA PRO B 230 -28.62 27.63 -12.60
C PRO B 230 -27.98 27.45 -11.23
N TRP B 231 -26.77 26.92 -11.16
CA TRP B 231 -26.14 26.68 -9.87
C TRP B 231 -25.90 27.98 -9.10
N ALA B 232 -25.66 29.08 -9.81
CA ALA B 232 -25.33 30.35 -9.17
C ALA B 232 -26.53 31.00 -8.49
N TRP B 233 -27.74 30.51 -8.71
CA TRP B 233 -28.93 31.22 -8.25
C TRP B 233 -29.02 31.24 -6.73
N SER B 234 -28.62 30.15 -6.07
CA SER B 234 -28.79 30.06 -4.63
C SER B 234 -28.02 31.17 -3.91
N ASN B 235 -26.82 31.49 -4.37
CA ASN B 235 -26.03 32.51 -3.72
C ASN B 235 -26.60 33.90 -3.96
N ILE B 236 -27.16 34.15 -5.15
CA ILE B 236 -27.87 35.41 -5.36
C ILE B 236 -29.12 35.46 -4.49
N ASP B 237 -29.79 34.32 -4.32
CA ASP B 237 -30.95 34.27 -3.44
C ASP B 237 -30.60 34.77 -2.04
N THR B 238 -29.56 34.21 -1.44
CA THR B 238 -29.15 34.65 -0.11
C THR B 238 -28.66 36.10 -0.10
N SER B 239 -28.20 36.61 -1.24
CA SER B 239 -27.83 38.01 -1.35
C SER B 239 -29.08 38.88 -1.30
N ALA B 240 -28.86 40.20 -1.22
CA ALA B 240 -29.93 41.17 -1.15
C ALA B 240 -30.33 41.71 -2.52
N VAL B 241 -29.96 41.02 -3.59
CA VAL B 241 -30.15 41.51 -4.96
C VAL B 241 -31.43 40.92 -5.52
N ASN B 242 -32.33 41.79 -5.99
CA ASN B 242 -33.52 41.37 -6.72
C ASN B 242 -33.13 41.15 -8.17
N TYR B 243 -33.07 39.89 -8.60
CA TYR B 243 -32.50 39.55 -9.89
C TYR B 243 -33.53 38.91 -10.80
N GLY B 244 -33.26 38.99 -12.10
CA GLY B 244 -34.01 38.27 -13.10
C GLY B 244 -33.07 37.42 -13.94
N VAL B 245 -33.61 36.37 -14.55
CA VAL B 245 -32.85 35.46 -15.40
C VAL B 245 -33.52 35.46 -16.76
N THR B 246 -32.76 35.82 -17.80
CA THR B 246 -33.38 36.14 -19.08
C THR B 246 -32.48 35.68 -20.23
N VAL B 247 -32.94 35.98 -21.46
CA VAL B 247 -32.26 35.53 -22.66
C VAL B 247 -30.95 36.27 -22.83
N LEU B 248 -29.95 35.58 -23.39
CA LEU B 248 -28.65 36.19 -23.61
C LEU B 248 -28.73 37.27 -24.67
N PRO B 249 -27.84 38.27 -24.62
CA PRO B 249 -27.85 39.31 -25.64
C PRO B 249 -27.54 38.73 -27.02
N THR B 250 -28.06 39.38 -28.05
CA THR B 250 -27.73 39.03 -29.42
C THR B 250 -26.45 39.75 -29.85
N PHE B 251 -25.78 39.17 -30.85
CA PHE B 251 -24.58 39.76 -31.42
C PHE B 251 -24.77 39.85 -32.93
N LYS B 252 -24.74 41.07 -33.46
CA LYS B 252 -24.98 41.31 -34.88
C LYS B 252 -26.33 40.73 -35.31
N GLY B 253 -27.31 40.83 -34.41
CA GLY B 253 -28.66 40.36 -34.69
C GLY B 253 -28.88 38.89 -34.54
N GLN B 254 -27.83 38.10 -34.25
CA GLN B 254 -27.97 36.66 -34.04
C GLN B 254 -27.97 36.34 -32.55
N PRO B 255 -28.66 35.27 -32.16
CA PRO B 255 -28.69 34.91 -30.75
C PRO B 255 -27.31 34.50 -30.25
N SER B 256 -27.14 34.61 -28.94
CA SER B 256 -25.99 33.98 -28.29
C SER B 256 -26.24 32.48 -28.25
N LYS B 257 -25.24 31.71 -28.68
CA LYS B 257 -25.41 30.26 -28.85
C LYS B 257 -24.58 29.53 -27.81
N PRO B 258 -25.12 29.26 -26.63
CA PRO B 258 -24.33 28.57 -25.60
C PRO B 258 -24.14 27.11 -25.94
N PHE B 259 -23.06 26.55 -25.38
CA PHE B 259 -22.88 25.11 -25.41
C PHE B 259 -23.70 24.50 -24.27
N VAL B 260 -24.71 23.72 -24.62
CA VAL B 260 -25.58 23.11 -23.62
C VAL B 260 -24.91 21.88 -23.06
N GLY B 261 -24.79 21.82 -21.74
CA GLY B 261 -24.20 20.69 -21.05
C GLY B 261 -25.26 19.90 -20.31
N VAL B 262 -25.18 18.58 -20.41
CA VAL B 262 -26.01 17.67 -19.63
C VAL B 262 -25.14 17.13 -18.51
N LEU B 263 -25.40 17.58 -17.28
CA LEU B 263 -24.69 17.02 -16.15
C LEU B 263 -24.98 15.54 -16.05
N SER B 264 -23.95 14.72 -16.24
CA SER B 264 -24.06 13.28 -16.25
C SER B 264 -23.29 12.69 -15.08
N ALA B 265 -23.48 11.38 -14.88
CA ALA B 265 -22.82 10.67 -13.77
C ALA B 265 -22.41 9.29 -14.29
N GLY B 266 -21.17 9.20 -14.79
CA GLY B 266 -20.61 7.93 -15.17
C GLY B 266 -20.10 7.17 -13.96
N ILE B 267 -19.82 5.87 -14.17
CA ILE B 267 -19.50 4.97 -13.07
C ILE B 267 -18.07 4.44 -13.25
N ASN B 268 -17.29 4.53 -12.18
CA ASN B 268 -15.89 4.13 -12.12
C ASN B 268 -15.68 2.68 -12.54
N ALA B 269 -15.16 2.45 -13.75
CA ALA B 269 -14.92 1.09 -14.23
C ALA B 269 -14.08 0.28 -13.25
N ALA B 270 -13.37 0.94 -12.32
CA ALA B 270 -12.58 0.25 -11.31
C ALA B 270 -13.27 0.21 -9.96
N SER B 271 -14.56 0.51 -9.90
CA SER B 271 -15.22 0.55 -8.60
C SER B 271 -15.63 -0.85 -8.16
N PRO B 272 -15.51 -1.17 -6.88
CA PRO B 272 -16.05 -2.43 -6.35
C PRO B 272 -17.50 -2.34 -5.86
N ASN B 273 -18.21 -1.27 -6.18
CA ASN B 273 -19.56 -1.03 -5.69
C ASN B 273 -20.52 -0.69 -6.84
N LYS B 274 -20.24 -1.23 -8.04
CA LYS B 274 -20.96 -0.81 -9.24
C LYS B 274 -22.47 -0.78 -9.02
N GLU B 275 -23.05 -1.90 -8.60
CA GLU B 275 -24.49 -1.96 -8.40
C GLU B 275 -24.92 -1.47 -7.03
N LEU B 276 -24.03 -1.51 -6.03
CA LEU B 276 -24.28 -0.80 -4.78
C LEU B 276 -24.42 0.69 -5.02
N ALA B 277 -23.81 1.20 -6.09
CA ALA B 277 -23.95 2.61 -6.47
C ALA B 277 -25.07 2.84 -7.47
N LYS B 278 -25.44 1.81 -8.25
CA LYS B 278 -26.57 1.98 -9.15
C LYS B 278 -27.88 2.13 -8.39
N GLU B 279 -28.01 1.48 -7.23
CA GLU B 279 -29.13 1.79 -6.34
C GLU B 279 -29.23 3.29 -6.12
N PHE B 280 -28.09 3.94 -5.92
CA PHE B 280 -28.06 5.39 -5.79
C PHE B 280 -28.50 6.07 -7.09
N LEU B 281 -27.90 5.68 -8.20
CA LEU B 281 -28.06 6.43 -9.44
C LEU B 281 -29.44 6.21 -10.07
N GLU B 282 -29.93 4.98 -10.09
CA GLU B 282 -31.22 4.73 -10.71
C GLU B 282 -32.39 4.89 -9.75
N ASN B 283 -32.23 4.47 -8.49
CA ASN B 283 -33.36 4.40 -7.56
C ASN B 283 -33.24 5.38 -6.40
N TYR B 284 -32.37 6.38 -6.48
CA TYR B 284 -32.21 7.28 -5.36
C TYR B 284 -32.01 8.73 -5.80
N LEU B 285 -31.13 8.94 -6.76
CA LEU B 285 -30.85 10.29 -7.21
C LEU B 285 -31.78 10.65 -8.31
N LEU B 286 -31.93 9.83 -9.33
CA LEU B 286 -32.84 10.18 -10.38
C LEU B 286 -34.30 9.81 -10.05
N THR B 287 -34.85 10.48 -9.05
CA THR B 287 -36.14 10.37 -8.51
C THR B 287 -36.53 11.77 -8.16
N ASP B 288 -37.81 11.95 -8.08
CA ASP B 288 -38.36 13.26 -7.79
C ASP B 288 -37.91 13.76 -6.43
N GLU B 289 -37.84 12.87 -5.44
CA GLU B 289 -37.52 13.28 -4.08
C GLU B 289 -36.05 13.57 -3.88
N GLY B 290 -35.16 12.88 -4.61
CA GLY B 290 -33.74 13.09 -4.47
C GLY B 290 -33.25 14.33 -5.19
N LEU B 291 -33.64 14.49 -6.45
CA LEU B 291 -33.28 15.68 -7.20
C LEU B 291 -33.73 16.94 -6.48
N GLU B 292 -34.82 16.85 -5.70
CA GLU B 292 -35.28 18.00 -4.92
C GLU B 292 -34.25 18.40 -3.88
N ALA B 293 -33.62 17.42 -3.21
CA ALA B 293 -32.64 17.74 -2.19
C ALA B 293 -31.42 18.43 -2.80
N VAL B 294 -30.93 17.93 -3.93
CA VAL B 294 -29.81 18.58 -4.59
C VAL B 294 -30.23 19.95 -5.14
N ASN B 295 -31.42 20.02 -5.74
CA ASN B 295 -31.90 21.30 -6.26
C ASN B 295 -32.13 22.31 -5.14
N LYS B 296 -32.41 21.83 -3.92
CA LYS B 296 -32.61 22.73 -2.79
C LYS B 296 -31.32 23.44 -2.41
N ASP B 297 -30.18 22.77 -2.54
CA ASP B 297 -28.88 23.37 -2.23
C ASP B 297 -28.49 24.36 -3.32
N LYS B 298 -28.07 23.85 -4.47
CA LYS B 298 -27.75 24.67 -5.64
C LYS B 298 -28.56 24.15 -6.81
N PRO B 299 -29.38 24.98 -7.45
CA PRO B 299 -30.32 24.47 -8.46
C PRO B 299 -29.62 23.71 -9.57
N LEU B 300 -30.20 22.57 -9.94
CA LEU B 300 -29.63 21.68 -10.94
C LEU B 300 -29.86 22.17 -12.36
N GLY B 301 -30.88 22.98 -12.59
CA GLY B 301 -31.28 23.31 -13.94
C GLY B 301 -32.51 22.53 -14.34
N ALA B 302 -32.66 22.24 -15.64
CA ALA B 302 -33.78 21.45 -16.13
C ALA B 302 -33.40 19.99 -16.03
N VAL B 303 -33.83 19.34 -14.94
CA VAL B 303 -33.45 17.95 -14.72
C VAL B 303 -33.95 17.07 -15.87
N ALA B 304 -33.34 15.90 -16.00
CA ALA B 304 -33.69 14.96 -17.05
C ALA B 304 -34.81 14.01 -16.65
N LEU B 305 -35.13 13.92 -15.36
CA LEU B 305 -36.28 13.15 -14.91
C LEU B 305 -37.55 13.86 -15.35
N LYS B 306 -38.29 13.28 -16.28
CA LYS B 306 -39.51 13.90 -16.77
C LYS B 306 -40.47 14.19 -15.64
N SER B 307 -40.48 13.37 -14.63
CA SER B 307 -41.40 13.59 -13.55
C SER B 307 -41.21 14.90 -12.82
N TYR B 308 -39.98 15.25 -12.45
CA TYR B 308 -39.69 16.44 -11.66
C TYR B 308 -39.54 17.64 -12.55
N GLU B 309 -39.16 17.42 -13.77
CA GLU B 309 -39.07 18.57 -14.66
C GLU B 309 -40.42 19.19 -14.96
N GLU B 310 -41.51 18.43 -14.83
CA GLU B 310 -42.84 19.01 -14.96
C GLU B 310 -43.04 20.13 -13.93
N GLU B 311 -42.64 19.88 -12.68
CA GLU B 311 -42.81 20.89 -11.64
C GLU B 311 -41.81 22.03 -11.77
N LEU B 312 -40.56 21.72 -12.12
CA LEU B 312 -39.53 22.76 -12.18
C LEU B 312 -39.64 23.61 -13.44
N ALA B 313 -40.17 23.04 -14.53
CA ALA B 313 -40.32 23.82 -15.76
C ALA B 313 -41.25 25.01 -15.58
N LYS B 314 -42.06 25.02 -14.52
CA LYS B 314 -42.93 26.16 -14.26
C LYS B 314 -42.13 27.38 -13.81
N ASP B 315 -41.04 27.16 -13.08
CA ASP B 315 -40.18 28.22 -12.59
C ASP B 315 -39.75 29.13 -13.75
N PRO B 316 -40.08 30.42 -13.70
CA PRO B 316 -39.70 31.30 -14.83
C PRO B 316 -38.20 31.37 -15.06
N ARG B 317 -37.38 31.01 -14.08
CA ARG B 317 -35.93 30.99 -14.29
C ARG B 317 -35.53 29.80 -15.15
N ILE B 318 -36.16 28.65 -14.94
CA ILE B 318 -35.88 27.48 -15.77
C ILE B 318 -36.31 27.75 -17.21
N ALA B 319 -37.49 28.33 -17.40
CA ALA B 319 -37.96 28.63 -18.75
C ALA B 319 -36.95 29.48 -19.51
N ALA B 320 -36.40 30.50 -18.86
CA ALA B 320 -35.36 31.31 -19.49
C ALA B 320 -34.13 30.46 -19.79
N THR B 321 -33.70 29.65 -18.83
CA THR B 321 -32.56 28.76 -19.05
C THR B 321 -32.78 27.89 -20.30
N MET B 322 -33.97 27.30 -20.41
CA MET B 322 -34.27 26.47 -21.56
C MET B 322 -34.43 27.31 -22.83
N GLU B 323 -34.92 28.55 -22.69
CA GLU B 323 -34.99 29.43 -23.84
C GLU B 323 -33.60 29.67 -24.43
N ASN B 324 -32.59 29.85 -23.57
CA ASN B 324 -31.23 29.97 -24.07
C ASN B 324 -30.72 28.64 -24.61
N ALA B 325 -31.03 27.54 -23.92
CA ALA B 325 -30.63 26.22 -24.39
C ALA B 325 -31.05 26.00 -25.84
N GLN B 326 -32.33 26.24 -26.13
CA GLN B 326 -32.84 25.98 -27.48
C GLN B 326 -32.06 26.75 -28.54
N LYS B 327 -31.56 27.95 -28.20
CA LYS B 327 -30.83 28.77 -29.15
C LYS B 327 -29.38 28.31 -29.33
N GLY B 328 -28.90 27.39 -28.50
CA GLY B 328 -27.55 26.89 -28.63
C GLY B 328 -27.48 25.47 -29.18
N GLU B 329 -26.50 24.70 -28.72
CA GLU B 329 -26.29 23.33 -29.16
C GLU B 329 -25.79 22.50 -27.99
N ILE B 330 -26.14 21.21 -27.98
CA ILE B 330 -25.54 20.31 -27.02
C ILE B 330 -24.05 20.15 -27.38
N MET B 331 -23.24 19.96 -26.36
CA MET B 331 -21.82 19.77 -26.62
C MET B 331 -21.58 18.39 -27.24
N PRO B 332 -20.68 18.28 -28.20
CA PRO B 332 -20.18 16.96 -28.57
C PRO B 332 -19.57 16.30 -27.34
N ASN B 333 -19.61 14.98 -27.31
CA ASN B 333 -18.99 14.23 -26.23
C ASN B 333 -17.71 13.51 -26.68
N ILE B 334 -17.21 13.84 -27.86
CA ILE B 334 -16.11 13.10 -28.49
C ILE B 334 -14.80 13.33 -27.72
N PRO B 335 -13.73 12.61 -28.08
CA PRO B 335 -12.48 12.78 -27.34
C PRO B 335 -11.81 14.12 -27.57
N GLN B 336 -11.91 14.68 -28.77
CA GLN B 336 -11.25 15.93 -29.11
C GLN B 336 -11.80 17.13 -28.35
N MET B 337 -12.84 16.95 -27.52
CA MET B 337 -13.40 18.07 -26.77
C MET B 337 -12.36 18.68 -25.82
N SER B 338 -11.67 17.83 -25.07
CA SER B 338 -10.69 18.33 -24.11
C SER B 338 -9.65 19.21 -24.80
N ALA B 339 -9.18 18.80 -25.98
CA ALA B 339 -8.21 19.61 -26.70
C ALA B 339 -8.85 20.86 -27.30
N PHE B 340 -10.14 20.80 -27.62
CA PHE B 340 -10.84 21.98 -28.11
C PHE B 340 -10.99 23.01 -26.99
N TRP B 341 -11.39 22.56 -25.80
CA TRP B 341 -11.56 23.48 -24.68
C TRP B 341 -10.24 24.14 -24.32
N TYR B 342 -9.17 23.36 -24.22
CA TYR B 342 -7.87 23.94 -23.88
C TYR B 342 -7.43 24.96 -24.92
N ALA B 343 -7.56 24.62 -26.21
CA ALA B 343 -7.15 25.54 -27.27
C ALA B 343 -7.95 26.83 -27.21
N VAL B 344 -9.25 26.73 -26.95
CA VAL B 344 -10.08 27.93 -26.90
C VAL B 344 -9.82 28.71 -25.61
N ARG B 345 -9.62 28.00 -24.49
CA ARG B 345 -9.24 28.68 -23.25
C ARG B 345 -7.98 29.51 -23.47
N THR B 346 -6.98 28.94 -24.15
CA THR B 346 -5.73 29.66 -24.38
C THR B 346 -5.93 30.83 -25.34
N ALA B 347 -6.79 30.68 -26.34
CA ALA B 347 -7.05 31.78 -27.27
C ALA B 347 -7.70 32.96 -26.56
N VAL B 348 -8.76 32.70 -25.80
CA VAL B 348 -9.48 33.77 -25.12
C VAL B 348 -8.56 34.53 -24.18
N ILE B 349 -7.83 33.80 -23.35
CA ILE B 349 -6.98 34.44 -22.34
C ILE B 349 -5.86 35.23 -23.01
N ASN B 350 -5.25 34.69 -24.06
CA ASN B 350 -4.14 35.37 -24.69
C ASN B 350 -4.59 36.60 -25.47
N ALA B 351 -5.83 36.58 -25.99
CA ALA B 351 -6.35 37.76 -26.68
C ALA B 351 -6.88 38.80 -25.69
N ALA B 352 -7.47 38.35 -24.58
CA ALA B 352 -7.95 39.29 -23.57
C ALA B 352 -6.80 40.04 -22.93
N SER B 353 -5.66 39.37 -22.72
CA SER B 353 -4.52 39.95 -22.04
C SER B 353 -3.62 40.76 -22.96
N GLY B 354 -3.90 40.77 -24.26
CA GLY B 354 -3.02 41.41 -25.22
C GLY B 354 -1.81 40.60 -25.61
N ARG B 355 -1.61 39.42 -25.02
CA ARG B 355 -0.45 38.60 -25.34
C ARG B 355 -0.44 38.18 -26.80
N GLN B 356 -1.62 38.06 -27.42
CA GLN B 356 -1.74 37.71 -28.82
C GLN B 356 -2.84 38.55 -29.45
N THR B 357 -2.67 38.86 -30.74
CA THR B 357 -3.78 39.44 -31.48
C THR B 357 -4.89 38.41 -31.62
N VAL B 358 -6.11 38.90 -31.87
CA VAL B 358 -7.24 37.99 -32.03
C VAL B 358 -6.98 37.02 -33.18
N ASP B 359 -6.41 37.50 -34.28
CA ASP B 359 -6.11 36.64 -35.40
C ASP B 359 -5.10 35.56 -35.00
N ALA B 360 -4.02 35.96 -34.31
CA ALA B 360 -2.99 35.00 -33.95
C ALA B 360 -3.52 33.98 -32.94
N ALA B 361 -4.28 34.43 -31.95
CA ALA B 361 -4.79 33.52 -30.93
C ALA B 361 -5.68 32.45 -31.54
N LEU B 362 -6.72 32.86 -32.26
CA LEU B 362 -7.65 31.90 -32.83
C LEU B 362 -7.00 31.04 -33.90
N ALA B 363 -6.00 31.57 -34.62
CA ALA B 363 -5.27 30.75 -35.57
C ALA B 363 -4.52 29.63 -34.84
N ALA B 364 -3.92 29.95 -33.70
CA ALA B 364 -3.29 28.92 -32.88
C ALA B 364 -4.33 27.92 -32.38
N ALA B 365 -5.49 28.42 -31.94
CA ALA B 365 -6.53 27.52 -31.43
C ALA B 365 -7.00 26.56 -32.52
N GLN B 366 -7.16 27.04 -33.75
CA GLN B 366 -7.70 26.21 -34.81
C GLN B 366 -6.83 24.98 -35.05
N THR B 367 -5.51 25.14 -34.98
CA THR B 367 -4.61 24.00 -35.17
C THR B 367 -4.57 23.10 -33.93
N ASN B 368 -4.73 23.67 -32.74
CA ASN B 368 -4.67 22.90 -31.50
C ASN B 368 -5.96 22.14 -31.22
N ALA B 369 -7.10 22.57 -31.76
CA ALA B 369 -8.37 21.99 -31.39
C ALA B 369 -8.50 20.53 -31.79
N ALA B 370 -7.67 20.04 -32.71
CA ALA B 370 -7.67 18.65 -33.11
C ALA B 370 -6.32 17.99 -32.94
N ARG B 371 -5.35 18.68 -32.35
CA ARG B 371 -4.02 18.11 -32.16
C ARG B 371 -4.12 16.75 -31.47
N ARG B 372 -3.35 15.79 -31.98
CA ARG B 372 -3.36 14.43 -31.46
C ARG B 372 -2.41 14.32 -30.27
N LYS B 373 -2.88 13.69 -29.20
CA LYS B 373 -2.02 13.39 -28.07
C LYS B 373 -1.21 12.13 -28.38
N PRO B 374 0.12 12.18 -28.33
CA PRO B 374 0.91 10.97 -28.62
C PRO B 374 0.62 9.89 -27.59
N SER B 375 0.42 8.67 -28.06
CA SER B 375 0.09 7.56 -27.19
C SER B 375 1.24 7.26 -26.24
N TRP B 376 0.95 6.46 -25.21
CA TRP B 376 2.00 6.03 -24.31
C TRP B 376 3.10 5.30 -25.06
N ARG B 377 2.71 4.33 -25.89
CA ARG B 377 3.70 3.58 -26.67
C ARG B 377 4.57 4.52 -27.50
N GLU B 378 3.95 5.51 -28.15
CA GLU B 378 4.71 6.48 -28.93
C GLU B 378 5.76 7.17 -28.07
N ARG B 379 5.34 7.71 -26.93
CA ARG B 379 6.31 8.30 -25.99
C ARG B 379 7.39 7.30 -25.62
N GLU B 380 7.00 6.05 -25.36
CA GLU B 380 7.98 5.04 -24.98
C GLU B 380 8.90 4.67 -26.15
N ASN B 381 8.37 4.66 -27.37
CA ASN B 381 9.23 4.51 -28.54
C ASN B 381 10.31 5.58 -28.57
N ASN B 382 9.90 6.85 -28.44
CA ASN B 382 10.87 7.95 -28.45
C ASN B 382 11.90 7.76 -27.35
N ARG B 383 11.45 7.51 -26.12
CA ARG B 383 12.37 7.34 -25.00
C ARG B 383 13.39 6.25 -25.30
N ARG B 384 12.93 5.09 -25.76
CA ARG B 384 13.84 3.98 -26.03
C ARG B 384 14.80 4.33 -27.16
N ARG B 385 14.30 4.99 -28.21
CA ARG B 385 15.17 5.37 -29.32
C ARG B 385 16.35 6.19 -28.84
N GLU B 386 16.08 7.22 -28.02
CA GLU B 386 17.15 8.10 -27.57
C GLU B 386 18.05 7.41 -26.54
N ARG B 387 17.50 6.49 -25.75
CA ARG B 387 18.34 5.68 -24.88
C ARG B 387 19.31 4.84 -25.70
N ARG B 388 18.82 4.24 -26.78
CA ARG B 388 19.69 3.51 -27.70
C ARG B 388 20.77 4.41 -28.28
N ARG B 389 20.39 5.63 -28.68
CA ARG B 389 21.35 6.54 -29.31
C ARG B 389 22.48 6.90 -28.35
N ARG B 390 22.15 7.21 -27.09
CA ARG B 390 23.17 7.59 -26.13
C ARG B 390 24.11 6.42 -25.83
N ALA B 391 23.54 5.22 -25.63
CA ALA B 391 24.37 4.07 -25.27
C ALA B 391 25.34 3.69 -26.39
N VAL B 392 24.93 3.86 -27.64
CA VAL B 392 25.82 3.58 -28.76
C VAL B 392 26.98 4.56 -28.77
N ALA B 393 26.67 5.86 -28.65
CA ALA B 393 27.72 6.87 -28.62
C ALA B 393 28.62 6.68 -27.41
N ALA B 394 28.02 6.47 -26.24
CA ALA B 394 28.82 6.31 -25.02
C ALA B 394 29.77 5.12 -25.13
N LYS B 395 29.37 4.07 -25.84
CA LYS B 395 30.26 2.93 -26.02
C LYS B 395 31.38 3.26 -27.01
N ILE B 396 31.08 4.03 -28.05
CA ILE B 396 32.13 4.45 -28.98
C ILE B 396 33.19 5.28 -28.25
N TYR B 397 32.76 6.33 -27.55
CA TYR B 397 33.70 7.19 -26.86
C TYR B 397 34.41 6.48 -25.73
N THR B 398 33.75 5.50 -25.10
CA THR B 398 34.44 4.69 -24.09
C THR B 398 35.57 3.88 -24.70
N GLY B 399 35.34 3.33 -25.89
CA GLY B 399 36.39 2.59 -26.57
C GLY B 399 37.51 3.49 -27.07
N LEU B 400 37.15 4.66 -27.60
CA LEU B 400 38.16 5.61 -28.05
C LEU B 400 39.05 6.05 -26.89
N ARG B 401 38.44 6.44 -25.77
CA ARG B 401 39.22 6.88 -24.62
C ARG B 401 40.14 5.77 -24.11
N ALA B 402 39.70 4.55 -24.17
CA ALA B 402 40.49 3.47 -23.65
C ALA B 402 41.66 3.08 -24.52
N GLN B 403 41.40 2.79 -25.77
CA GLN B 403 42.42 2.36 -26.70
C GLN B 403 43.00 3.36 -27.64
N GLY B 404 42.49 4.57 -27.64
CA GLY B 404 42.94 5.57 -28.59
C GLY B 404 44.30 6.17 -28.42
N ASP B 405 44.73 6.25 -27.16
CA ASP B 405 46.04 6.77 -26.81
C ASP B 405 46.26 8.20 -27.32
N TYR B 406 45.17 8.91 -27.61
CA TYR B 406 45.28 10.30 -28.02
C TYR B 406 45.93 11.14 -26.92
N ASN B 407 46.35 12.35 -27.28
CA ASN B 407 46.99 13.27 -26.33
C ASN B 407 45.92 14.22 -25.79
N LEU B 408 45.11 13.70 -24.86
CA LEU B 408 43.96 14.41 -24.33
C LEU B 408 44.20 14.90 -22.90
N PRO B 409 43.53 15.97 -22.48
CA PRO B 409 43.64 16.40 -21.09
C PRO B 409 43.12 15.34 -20.14
N LYS B 410 43.47 15.47 -18.86
CA LYS B 410 43.07 14.53 -17.85
C LYS B 410 41.58 14.33 -17.83
N HIS B 411 40.84 15.40 -17.91
CA HIS B 411 39.41 15.31 -17.98
C HIS B 411 38.96 16.16 -19.13
N CYS B 412 38.22 15.59 -20.06
CA CYS B 412 37.71 16.34 -21.18
C CYS B 412 36.38 15.77 -21.64
N ASP B 413 35.60 16.56 -22.35
CA ASP B 413 34.32 16.07 -22.84
C ASP B 413 34.50 15.26 -24.12
N ASN B 414 33.41 14.61 -24.54
CA ASN B 414 33.48 13.75 -25.72
C ASN B 414 33.84 14.54 -26.97
N ASN B 415 33.48 15.83 -27.02
CA ASN B 415 33.87 16.65 -28.16
C ASN B 415 35.37 16.66 -28.35
N GLU B 416 36.14 16.72 -27.26
CA GLU B 416 37.59 16.69 -27.36
C GLU B 416 38.07 15.36 -27.91
N VAL B 417 37.46 14.26 -27.47
CA VAL B 417 37.79 12.95 -28.02
C VAL B 417 37.44 12.89 -29.50
N LEU B 418 36.30 13.46 -29.87
CA LEU B 418 35.89 13.49 -31.27
C LEU B 418 36.93 14.23 -32.12
N LYS B 419 37.46 15.34 -31.62
CA LYS B 419 38.47 16.08 -32.35
C LYS B 419 39.73 15.25 -32.57
N ALA B 420 40.24 14.64 -31.49
CA ALA B 420 41.44 13.81 -31.62
C ALA B 420 41.22 12.60 -32.51
N LEU B 421 39.97 12.18 -32.67
CA LEU B 421 39.65 11.14 -33.66
C LEU B 421 39.57 11.73 -35.06
N CYS B 422 39.22 13.00 -35.18
CA CYS B 422 39.19 13.66 -36.48
C CYS B 422 40.59 13.85 -37.04
N VAL B 423 41.47 14.51 -36.28
CA VAL B 423 42.83 14.76 -36.75
C VAL B 423 43.54 13.45 -37.08
N GLU B 424 43.23 12.38 -36.33
CA GLU B 424 43.80 11.08 -36.66
C GLU B 424 43.37 10.64 -38.05
N ALA B 425 42.13 10.94 -38.44
CA ALA B 425 41.63 10.63 -39.77
C ALA B 425 42.01 11.68 -40.80
N GLY B 426 43.00 12.53 -40.49
CA GLY B 426 43.45 13.50 -41.46
C GLY B 426 42.55 14.69 -41.65
N TRP B 427 41.70 15.01 -40.68
CA TRP B 427 40.94 16.24 -40.67
C TRP B 427 41.62 17.26 -39.77
N VAL B 428 41.31 18.53 -39.99
CA VAL B 428 41.68 19.60 -39.07
C VAL B 428 40.39 20.21 -38.54
N VAL B 429 40.24 20.21 -37.22
CA VAL B 429 39.07 20.77 -36.57
C VAL B 429 39.47 22.14 -36.00
N GLU B 430 38.67 23.16 -36.32
CA GLU B 430 38.92 24.49 -35.80
C GLU B 430 38.54 24.53 -34.32
N GLU B 431 38.61 25.73 -33.73
CA GLU B 431 38.22 25.87 -32.33
C GLU B 431 36.72 25.67 -32.16
N ASP B 432 35.92 26.29 -33.02
CA ASP B 432 34.47 26.30 -32.88
C ASP B 432 33.79 25.10 -33.54
N GLY B 433 34.55 24.12 -34.01
CA GLY B 433 34.01 22.90 -34.59
C GLY B 433 34.11 22.80 -36.09
N THR B 434 34.31 23.92 -36.79
CA THR B 434 34.44 23.88 -38.25
C THR B 434 35.52 22.88 -38.65
N THR B 435 35.18 21.98 -39.57
CA THR B 435 35.99 20.81 -39.85
C THR B 435 36.13 20.58 -41.36
N TYR B 436 37.34 20.29 -41.84
CA TYR B 436 37.62 19.96 -43.24
C TYR B 436 38.79 19.00 -43.33
N ARG B 437 38.97 18.37 -44.48
CA ARG B 437 40.03 17.40 -44.72
C ARG B 437 41.40 18.06 -44.84
N MET E 1 5.56 -0.60 -0.87
CA MET E 1 4.97 -1.77 -1.52
C MET E 1 4.04 -1.33 -2.65
N LYS E 2 3.71 -0.05 -2.65
CA LYS E 2 2.89 0.53 -3.68
C LYS E 2 3.74 0.52 -4.92
N ILE E 3 3.21 -0.04 -5.99
CA ILE E 3 3.91 -0.18 -7.26
C ILE E 3 4.26 1.17 -7.84
N GLU E 4 5.41 1.28 -8.47
CA GLU E 4 5.80 2.53 -9.08
C GLU E 4 5.87 2.50 -10.59
N GLU E 5 5.65 3.64 -11.20
CA GLU E 5 5.68 3.68 -12.65
C GLU E 5 7.12 3.61 -13.16
N GLY E 6 7.28 3.01 -14.33
CA GLY E 6 8.59 2.84 -14.93
C GLY E 6 9.35 1.62 -14.48
N LYS E 7 8.75 0.76 -13.66
CA LYS E 7 9.38 -0.48 -13.23
C LYS E 7 8.32 -1.58 -13.24
N LEU E 8 8.78 -2.83 -13.08
CA LEU E 8 7.89 -3.99 -13.01
C LEU E 8 8.27 -4.83 -11.81
N VAL E 9 7.27 -5.23 -11.02
CA VAL E 9 7.43 -6.16 -9.92
C VAL E 9 6.57 -7.38 -10.20
N ILE E 10 7.18 -8.56 -10.16
CA ILE E 10 6.52 -9.81 -10.47
C ILE E 10 6.52 -10.69 -9.22
N TRP E 11 5.42 -11.40 -9.00
CA TRP E 11 5.31 -12.40 -7.94
C TRP E 11 5.09 -13.77 -8.56
N ILE E 12 5.91 -14.73 -8.17
CA ILE E 12 5.76 -16.12 -8.60
C ILE E 12 6.04 -17.00 -7.40
N ASN E 13 5.45 -18.20 -7.40
CA ASN E 13 5.59 -19.07 -6.24
C ASN E 13 7.03 -19.57 -6.10
N GLY E 14 7.40 -19.88 -4.86
CA GLY E 14 8.76 -20.25 -4.52
C GLY E 14 9.23 -21.58 -5.05
N ASP E 15 8.34 -22.40 -5.59
CA ASP E 15 8.75 -23.66 -6.20
C ASP E 15 8.94 -23.56 -7.70
N LYS E 16 8.70 -22.40 -8.29
CA LYS E 16 8.91 -22.19 -9.73
C LYS E 16 10.28 -21.56 -9.98
N GLY E 17 10.64 -21.46 -11.25
CA GLY E 17 11.95 -20.97 -11.62
C GLY E 17 12.09 -19.45 -11.54
N TYR E 18 11.97 -18.89 -10.33
CA TYR E 18 11.99 -17.43 -10.23
C TYR E 18 13.33 -16.85 -10.63
N ASN E 19 14.43 -17.61 -10.51
CA ASN E 19 15.72 -17.11 -10.97
C ASN E 19 15.78 -17.07 -12.50
N GLY E 20 15.24 -18.08 -13.16
CA GLY E 20 15.15 -18.02 -14.61
C GLY E 20 14.26 -16.89 -15.08
N LEU E 21 13.15 -16.64 -14.38
CA LEU E 21 12.28 -15.54 -14.75
C LEU E 21 12.98 -14.20 -14.58
N ALA E 22 13.85 -14.08 -13.56
CA ALA E 22 14.58 -12.84 -13.37
C ALA E 22 15.59 -12.60 -14.49
N GLU E 23 16.12 -13.67 -15.10
CA GLU E 23 16.96 -13.49 -16.27
C GLU E 23 16.18 -12.89 -17.42
N VAL E 24 14.95 -13.36 -17.63
CA VAL E 24 14.07 -12.71 -18.60
C VAL E 24 13.90 -11.24 -18.25
N GLY E 25 13.69 -10.95 -16.96
CA GLY E 25 13.59 -9.57 -16.54
C GLY E 25 14.86 -8.79 -16.84
N LYS E 26 16.02 -9.40 -16.59
CA LYS E 26 17.28 -8.71 -16.85
C LYS E 26 17.48 -8.41 -18.33
N LYS E 27 16.96 -9.28 -19.21
CA LYS E 27 17.01 -8.98 -20.64
C LYS E 27 16.08 -7.82 -20.98
N PHE E 28 14.88 -7.83 -20.43
CA PHE E 28 13.95 -6.71 -20.64
C PHE E 28 14.60 -5.39 -20.22
N GLU E 29 15.22 -5.36 -19.04
CA GLU E 29 15.91 -4.15 -18.61
C GLU E 29 17.01 -3.76 -19.59
N LYS E 30 17.72 -4.75 -20.12
CA LYS E 30 18.78 -4.47 -21.08
C LYS E 30 18.23 -3.75 -22.31
N ASP E 31 17.11 -4.21 -22.84
CA ASP E 31 16.58 -3.68 -24.09
C ASP E 31 15.82 -2.37 -23.89
N THR E 32 15.13 -2.20 -22.75
CA THR E 32 14.24 -1.08 -22.56
C THR E 32 14.63 -0.12 -21.45
N GLY E 33 15.54 -0.52 -20.55
CA GLY E 33 15.85 0.27 -19.38
C GLY E 33 14.88 0.09 -18.23
N ILE E 34 13.89 -0.79 -18.37
CA ILE E 34 12.84 -0.96 -17.36
C ILE E 34 13.27 -2.06 -16.40
N LYS E 35 13.55 -1.69 -15.16
CA LYS E 35 13.94 -2.67 -14.15
C LYS E 35 12.80 -3.62 -13.85
N VAL E 36 13.13 -4.90 -13.67
CA VAL E 36 12.16 -5.94 -13.38
C VAL E 36 12.60 -6.65 -12.11
N THR E 37 11.74 -6.66 -11.09
CA THR E 37 12.01 -7.29 -9.81
C THR E 37 11.10 -8.50 -9.65
N VAL E 38 11.70 -9.68 -9.52
CA VAL E 38 10.97 -10.92 -9.30
C VAL E 38 11.07 -11.29 -7.83
N GLU E 39 9.92 -11.45 -7.18
CA GLU E 39 9.86 -11.89 -5.79
C GLU E 39 8.96 -13.12 -5.70
N HIS E 40 9.17 -13.90 -4.64
CA HIS E 40 8.42 -15.13 -4.42
C HIS E 40 7.92 -15.18 -2.98
N PRO E 41 7.00 -14.30 -2.61
CA PRO E 41 6.52 -14.27 -1.22
C PRO E 41 5.77 -15.53 -0.85
N ASP E 42 5.82 -15.85 0.44
CA ASP E 42 5.09 -17.00 0.97
C ASP E 42 3.58 -16.77 0.91
N LYS E 43 2.85 -17.82 0.56
CA LYS E 43 1.40 -17.76 0.50
C LYS E 43 0.92 -16.61 -0.39
N LEU E 44 1.66 -16.38 -1.48
CA LEU E 44 1.35 -15.24 -2.34
C LEU E 44 -0.06 -15.32 -2.91
N GLU E 45 -0.63 -16.52 -3.03
CA GLU E 45 -1.99 -16.62 -3.54
C GLU E 45 -3.01 -16.08 -2.54
N GLU E 46 -2.69 -16.09 -1.25
CA GLU E 46 -3.50 -15.45 -0.23
C GLU E 46 -3.14 -13.97 -0.07
N LYS E 47 -1.85 -13.64 -0.21
CA LYS E 47 -1.41 -12.26 0.01
C LYS E 47 -1.89 -11.34 -1.10
N PHE E 48 -1.86 -11.81 -2.35
CA PHE E 48 -2.17 -10.96 -3.48
C PHE E 48 -3.50 -10.24 -3.30
N PRO E 49 -4.61 -10.97 -3.10
CA PRO E 49 -5.91 -10.28 -3.00
C PRO E 49 -5.97 -9.31 -1.83
N GLN E 50 -5.19 -9.55 -0.77
CA GLN E 50 -5.16 -8.63 0.36
C GLN E 50 -4.46 -7.33 -0.04
N VAL E 51 -3.22 -7.43 -0.50
CA VAL E 51 -2.43 -6.24 -0.78
C VAL E 51 -2.90 -5.55 -2.06
N ALA E 52 -3.41 -6.31 -3.03
CA ALA E 52 -3.88 -5.70 -4.26
C ALA E 52 -5.08 -4.81 -4.02
N ALA E 53 -5.96 -5.21 -3.09
CA ALA E 53 -7.16 -4.42 -2.81
C ALA E 53 -6.79 -3.03 -2.29
N THR E 54 -5.74 -2.94 -1.47
CA THR E 54 -5.28 -1.66 -0.94
C THR E 54 -4.38 -0.91 -1.91
N GLY E 55 -4.38 -1.28 -3.19
CA GLY E 55 -3.52 -0.65 -4.17
C GLY E 55 -2.07 -1.08 -4.12
N ASP E 56 -1.68 -1.88 -3.14
CA ASP E 56 -0.33 -2.44 -3.09
C ASP E 56 -0.25 -3.63 -4.04
N GLY E 57 0.83 -4.40 -3.94
CA GLY E 57 0.95 -5.62 -4.71
C GLY E 57 1.73 -5.42 -5.99
N PRO E 58 2.02 -6.52 -6.68
CA PRO E 58 2.90 -6.47 -7.85
C PRO E 58 2.13 -6.10 -9.12
N ASP E 59 2.91 -5.82 -10.17
CA ASP E 59 2.31 -5.58 -11.48
C ASP E 59 1.81 -6.87 -12.10
N ILE E 60 2.55 -7.95 -11.91
CA ILE E 60 2.26 -9.26 -12.51
C ILE E 60 2.26 -10.31 -11.41
N ILE E 61 1.31 -11.24 -11.46
CA ILE E 61 1.22 -12.31 -10.48
C ILE E 61 1.08 -13.65 -11.21
N PHE E 62 1.92 -14.61 -10.83
CA PHE E 62 1.88 -15.95 -11.38
C PHE E 62 1.22 -16.89 -10.39
N TRP E 63 0.26 -17.67 -10.88
CA TRP E 63 -0.31 -18.77 -10.12
C TRP E 63 -1.02 -19.68 -11.11
N ALA E 64 -1.34 -20.89 -10.66
CA ALA E 64 -2.21 -21.73 -11.46
C ALA E 64 -3.54 -21.03 -11.68
N HIS E 65 -4.16 -21.30 -12.83
CA HIS E 65 -5.32 -20.54 -13.26
C HIS E 65 -6.51 -20.65 -12.31
N ASP E 66 -6.52 -21.63 -11.40
CA ASP E 66 -7.73 -21.86 -10.60
C ASP E 66 -8.05 -20.70 -9.67
N ARG E 67 -7.07 -19.89 -9.29
CA ARG E 67 -7.32 -18.78 -8.36
C ARG E 67 -7.80 -17.51 -9.06
N PHE E 68 -7.56 -17.37 -10.36
CA PHE E 68 -7.71 -16.08 -11.02
C PHE E 68 -9.17 -15.66 -11.16
N GLY E 69 -10.11 -16.60 -11.18
CA GLY E 69 -11.51 -16.23 -11.23
C GLY E 69 -11.94 -15.43 -10.02
N GLY E 70 -11.55 -15.89 -8.83
CA GLY E 70 -11.80 -15.10 -7.63
C GLY E 70 -11.12 -13.74 -7.69
N TYR E 71 -9.90 -13.69 -8.19
CA TYR E 71 -9.19 -12.41 -8.33
C TYR E 71 -9.98 -11.47 -9.24
N ALA E 72 -10.44 -11.97 -10.39
CA ALA E 72 -11.17 -11.12 -11.33
C ALA E 72 -12.55 -10.74 -10.78
N GLN E 73 -13.21 -11.66 -10.09
CA GLN E 73 -14.50 -11.33 -9.48
C GLN E 73 -14.36 -10.19 -8.49
N SER E 74 -13.21 -10.09 -7.84
CA SER E 74 -12.94 -8.99 -6.91
C SER E 74 -12.37 -7.76 -7.61
N GLY E 75 -12.27 -7.77 -8.93
CA GLY E 75 -11.73 -6.64 -9.67
C GLY E 75 -10.26 -6.39 -9.46
N LEU E 76 -9.47 -7.44 -9.30
CA LEU E 76 -8.03 -7.29 -9.06
C LEU E 76 -7.20 -7.43 -10.32
N LEU E 77 -7.78 -7.87 -11.43
CA LEU E 77 -7.02 -8.20 -12.63
C LEU E 77 -7.45 -7.32 -13.78
N ALA E 78 -6.49 -6.94 -14.61
CA ALA E 78 -6.79 -6.24 -15.85
C ALA E 78 -7.14 -7.24 -16.94
N GLU E 79 -8.07 -6.86 -17.80
CA GLU E 79 -8.41 -7.72 -18.92
C GLU E 79 -7.23 -7.86 -19.86
N ILE E 80 -7.05 -9.05 -20.40
CA ILE E 80 -5.95 -9.37 -21.31
C ILE E 80 -6.51 -9.39 -22.72
N THR E 81 -5.90 -8.60 -23.61
CA THR E 81 -6.38 -8.41 -24.98
C THR E 81 -5.22 -8.62 -25.95
N PRO E 82 -4.80 -9.86 -26.16
CA PRO E 82 -3.77 -10.11 -27.17
C PRO E 82 -4.33 -9.95 -28.57
N ALA E 83 -3.44 -9.64 -29.51
CA ALA E 83 -3.83 -9.64 -30.91
C ALA E 83 -4.11 -11.07 -31.37
N ALA E 84 -4.93 -11.18 -32.41
CA ALA E 84 -5.23 -12.50 -32.96
C ALA E 84 -3.95 -13.26 -33.27
N ALA E 85 -2.97 -12.57 -33.85
CA ALA E 85 -1.71 -13.21 -34.19
C ALA E 85 -1.06 -13.85 -32.97
N PHE E 86 -0.99 -13.10 -31.86
CA PHE E 86 -0.35 -13.65 -30.66
C PHE E 86 -1.18 -14.76 -30.05
N GLN E 87 -2.51 -14.59 -30.01
CA GLN E 87 -3.37 -15.62 -29.45
C GLN E 87 -3.15 -16.96 -30.15
N ASP E 88 -2.93 -16.93 -31.46
CA ASP E 88 -2.76 -18.16 -32.23
C ASP E 88 -1.47 -18.89 -31.89
N LYS E 89 -0.51 -18.23 -31.25
CA LYS E 89 0.76 -18.85 -30.89
C LYS E 89 0.66 -19.77 -29.68
N LEU E 90 -0.48 -19.79 -28.99
CA LEU E 90 -0.68 -20.63 -27.82
C LEU E 90 -1.83 -21.58 -28.09
N TYR E 91 -1.83 -22.72 -27.39
CA TYR E 91 -2.87 -23.72 -27.60
C TYR E 91 -4.22 -23.19 -27.14
N PRO E 92 -5.27 -23.34 -27.94
CA PRO E 92 -6.58 -22.81 -27.54
C PRO E 92 -7.02 -23.21 -26.14
N PHE E 93 -6.80 -24.47 -25.74
CA PHE E 93 -7.30 -24.92 -24.44
C PHE E 93 -6.61 -24.19 -23.30
N THR E 94 -5.39 -23.72 -23.49
CA THR E 94 -4.74 -22.93 -22.44
C THR E 94 -5.41 -21.57 -22.28
N TRP E 95 -5.89 -20.98 -23.38
CA TRP E 95 -6.67 -19.76 -23.27
C TRP E 95 -7.98 -20.01 -22.54
N ASP E 96 -8.64 -21.14 -22.83
CA ASP E 96 -9.86 -21.50 -22.13
C ASP E 96 -9.68 -21.43 -20.62
N ALA E 97 -8.54 -21.90 -20.13
CA ALA E 97 -8.33 -21.97 -18.67
C ALA E 97 -8.33 -20.59 -18.04
N VAL E 98 -7.98 -19.56 -18.81
CA VAL E 98 -7.87 -18.21 -18.27
C VAL E 98 -8.99 -17.30 -18.81
N ARG E 99 -10.09 -17.88 -19.28
CA ARG E 99 -11.26 -17.13 -19.70
C ARG E 99 -12.28 -17.15 -18.56
N TYR E 100 -12.70 -15.97 -18.11
CA TYR E 100 -13.64 -15.84 -17.01
C TYR E 100 -14.73 -14.85 -17.39
N ASN E 101 -15.99 -15.29 -17.32
CA ASN E 101 -17.13 -14.48 -17.74
C ASN E 101 -16.89 -13.86 -19.11
N GLY E 102 -16.35 -14.66 -20.02
CA GLY E 102 -16.18 -14.26 -21.41
C GLY E 102 -14.96 -13.42 -21.70
N LYS E 103 -14.15 -13.08 -20.70
CA LYS E 103 -12.98 -12.24 -20.90
C LYS E 103 -11.72 -12.99 -20.46
N LEU E 104 -10.61 -12.71 -21.16
CA LEU E 104 -9.32 -13.26 -20.79
C LEU E 104 -8.74 -12.44 -19.64
N ILE E 105 -8.37 -13.12 -18.55
CA ILE E 105 -7.91 -12.45 -17.35
C ILE E 105 -6.47 -12.78 -17.00
N ALA E 106 -5.77 -13.50 -17.87
CA ALA E 106 -4.35 -13.77 -17.64
C ALA E 106 -3.76 -14.38 -18.90
N TYR E 107 -2.42 -14.46 -18.90
CA TYR E 107 -1.69 -15.14 -19.97
C TYR E 107 -1.39 -16.55 -19.52
N PRO E 108 -1.78 -17.58 -20.27
CA PRO E 108 -1.37 -18.94 -19.92
C PRO E 108 0.10 -19.15 -20.24
N ILE E 109 0.79 -19.84 -19.33
CA ILE E 109 2.22 -20.11 -19.46
C ILE E 109 2.51 -21.58 -19.70
N ALA E 110 2.03 -22.45 -18.81
CA ALA E 110 2.41 -23.86 -18.88
C ALA E 110 1.34 -24.72 -18.21
N VAL E 111 1.29 -25.98 -18.64
CA VAL E 111 0.30 -26.94 -18.18
C VAL E 111 0.97 -27.86 -17.16
N GLU E 112 0.39 -27.94 -15.96
CA GLU E 112 0.96 -28.71 -14.86
C GLU E 112 0.06 -29.89 -14.53
N ALA E 113 0.67 -31.06 -14.36
CA ALA E 113 -0.01 -32.24 -13.83
C ALA E 113 0.97 -33.03 -12.98
N LEU E 114 0.46 -33.62 -11.90
CA LEU E 114 1.26 -34.48 -11.05
C LEU E 114 1.53 -35.81 -11.75
N SER E 115 2.72 -36.36 -11.52
CA SER E 115 3.08 -37.68 -12.01
C SER E 115 3.67 -38.49 -10.88
N LEU E 116 3.78 -39.80 -11.11
CA LEU E 116 4.50 -40.67 -10.20
C LEU E 116 5.99 -40.59 -10.52
N ILE E 117 6.80 -40.25 -9.52
CA ILE E 117 8.25 -40.19 -9.65
C ILE E 117 8.82 -41.34 -8.85
N TYR E 118 9.71 -42.12 -9.46
CA TYR E 118 10.20 -43.34 -8.84
C TYR E 118 11.71 -43.46 -8.98
N ASN E 119 12.31 -44.13 -8.00
CA ASN E 119 13.73 -44.44 -7.98
C ASN E 119 13.95 -45.72 -8.77
N LYS E 120 14.60 -45.60 -9.94
CA LYS E 120 14.80 -46.78 -10.78
C LYS E 120 15.71 -47.79 -10.08
N ASP E 121 16.70 -47.32 -9.34
CA ASP E 121 17.65 -48.25 -8.70
C ASP E 121 17.00 -49.00 -7.54
N LEU E 122 16.06 -48.38 -6.84
CA LEU E 122 15.27 -49.09 -5.83
C LEU E 122 14.08 -49.81 -6.42
N LEU E 123 13.61 -49.37 -7.59
CA LEU E 123 12.34 -49.82 -8.15
C LEU E 123 12.44 -49.78 -9.66
N PRO E 124 13.08 -50.79 -10.27
CA PRO E 124 13.16 -50.80 -11.73
C PRO E 124 11.80 -50.80 -12.41
N ASN E 125 10.83 -51.51 -11.83
CA ASN E 125 9.47 -51.55 -12.36
C ASN E 125 8.52 -50.92 -11.34
N PRO E 126 8.04 -49.71 -11.57
CA PRO E 126 7.18 -49.05 -10.57
C PRO E 126 5.80 -49.68 -10.53
N PRO E 127 5.09 -49.53 -9.41
CA PRO E 127 3.77 -50.16 -9.28
C PRO E 127 2.72 -49.48 -10.15
N LYS E 128 1.81 -50.31 -10.67
CA LYS E 128 0.70 -49.83 -11.48
C LYS E 128 -0.54 -49.50 -10.66
N THR E 129 -0.66 -50.06 -9.46
CA THR E 129 -1.83 -49.86 -8.61
C THR E 129 -1.43 -49.26 -7.26
N TRP E 130 -2.35 -48.49 -6.69
CA TRP E 130 -2.20 -48.07 -5.30
C TRP E 130 -2.23 -49.28 -4.37
N GLU E 131 -3.01 -50.31 -4.72
CA GLU E 131 -3.26 -51.41 -3.82
C GLU E 131 -2.02 -52.27 -3.56
N GLU E 132 -1.03 -52.23 -4.46
CA GLU E 132 0.21 -52.97 -4.23
C GLU E 132 1.23 -52.18 -3.43
N ILE E 133 0.95 -50.91 -3.13
CA ILE E 133 1.92 -50.08 -2.41
C ILE E 133 2.21 -50.62 -1.02
N PRO E 134 1.20 -50.94 -0.18
CA PRO E 134 1.51 -51.47 1.16
C PRO E 134 2.52 -52.61 1.14
N ALA E 135 2.22 -53.66 0.39
CA ALA E 135 3.14 -54.79 0.30
C ALA E 135 4.52 -54.33 -0.18
N LEU E 136 4.56 -53.37 -1.10
CA LEU E 136 5.84 -52.85 -1.55
C LEU E 136 6.55 -52.12 -0.43
N ASP E 137 5.80 -51.42 0.43
CA ASP E 137 6.38 -50.72 1.56
C ASP E 137 7.05 -51.70 2.52
N LYS E 138 6.42 -52.85 2.75
CA LYS E 138 6.99 -53.86 3.64
C LYS E 138 8.35 -54.34 3.12
N GLU E 139 8.41 -54.71 1.83
CA GLU E 139 9.68 -55.12 1.25
C GLU E 139 10.76 -54.07 1.47
N LEU E 140 10.41 -52.79 1.28
CA LEU E 140 11.41 -51.74 1.39
C LEU E 140 11.75 -51.40 2.84
N LYS E 141 10.78 -51.46 3.74
CA LYS E 141 11.07 -51.21 5.15
C LYS E 141 12.17 -52.14 5.65
N ALA E 142 12.24 -53.37 5.13
CA ALA E 142 13.28 -54.30 5.53
C ALA E 142 14.66 -53.83 5.08
N LYS E 143 14.73 -53.12 3.95
CA LYS E 143 15.97 -52.53 3.46
C LYS E 143 16.20 -51.13 4.01
N GLY E 144 15.48 -50.75 5.06
CA GLY E 144 15.60 -49.41 5.63
C GLY E 144 15.00 -48.30 4.80
N LYS E 145 14.32 -48.62 3.71
CA LYS E 145 13.74 -47.62 2.82
C LYS E 145 12.23 -47.55 3.04
N SER E 146 11.57 -46.72 2.23
CA SER E 146 10.14 -46.49 2.31
C SER E 146 9.56 -46.51 0.91
N ALA E 147 8.27 -46.88 0.81
CA ALA E 147 7.65 -47.01 -0.50
C ALA E 147 7.32 -45.65 -1.11
N LEU E 148 6.52 -44.84 -0.41
CA LEU E 148 5.96 -43.62 -0.98
C LEU E 148 5.92 -42.50 0.04
N MET E 149 6.36 -41.31 -0.38
CA MET E 149 6.22 -40.10 0.42
C MET E 149 5.82 -38.96 -0.49
N PHE E 150 4.74 -38.27 -0.14
CA PHE E 150 4.32 -37.08 -0.87
C PHE E 150 3.61 -36.14 0.09
N ASN E 151 3.46 -34.90 -0.35
CA ASN E 151 2.94 -33.83 0.50
C ASN E 151 1.48 -34.10 0.86
N LEU E 152 1.22 -34.38 2.13
CA LEU E 152 -0.13 -34.61 2.62
C LEU E 152 -0.78 -33.34 3.18
N GLN E 153 -0.05 -32.23 3.22
CA GLN E 153 -0.58 -31.00 3.77
C GLN E 153 -1.32 -30.15 2.75
N GLU E 154 -1.14 -30.42 1.46
CA GLU E 154 -1.84 -29.71 0.39
C GLU E 154 -2.74 -30.70 -0.35
N PRO E 155 -4.06 -30.47 -0.41
CA PRO E 155 -4.94 -31.45 -1.05
C PRO E 155 -4.67 -31.65 -2.53
N TYR E 156 -3.93 -30.73 -3.17
CA TYR E 156 -3.53 -30.90 -4.55
C TYR E 156 -2.93 -32.28 -4.80
N PHE E 157 -2.10 -32.75 -3.88
CA PHE E 157 -1.37 -34.00 -4.05
C PHE E 157 -2.20 -35.23 -3.70
N THR E 158 -3.21 -35.06 -2.83
CA THR E 158 -4.11 -36.16 -2.49
C THR E 158 -5.28 -36.27 -3.45
N TRP E 159 -5.61 -35.21 -4.17
CA TRP E 159 -6.80 -35.21 -5.01
C TRP E 159 -6.80 -36.31 -6.06
N PRO E 160 -5.70 -36.63 -6.74
CA PRO E 160 -5.77 -37.68 -7.78
C PRO E 160 -6.32 -38.99 -7.26
N LEU E 161 -5.99 -39.35 -6.01
CA LEU E 161 -6.54 -40.56 -5.42
C LEU E 161 -8.00 -40.36 -5.01
N ILE E 162 -8.33 -39.17 -4.50
CA ILE E 162 -9.71 -38.91 -4.08
C ILE E 162 -10.64 -38.92 -5.28
N ALA E 163 -10.17 -38.53 -6.46
CA ALA E 163 -11.01 -38.44 -7.64
C ALA E 163 -10.96 -39.69 -8.50
N ALA E 164 -10.06 -40.64 -8.22
CA ALA E 164 -9.96 -41.84 -9.03
C ALA E 164 -11.29 -42.57 -9.12
N ASP E 165 -11.82 -43.00 -7.97
CA ASP E 165 -13.06 -43.77 -7.91
C ASP E 165 -14.31 -42.89 -7.93
N GLY E 166 -14.21 -41.62 -8.31
CA GLY E 166 -15.41 -40.82 -8.53
C GLY E 166 -15.49 -39.53 -7.74
N GLY E 167 -14.50 -39.13 -6.96
CA GLY E 167 -14.55 -37.82 -6.34
C GLY E 167 -14.52 -36.72 -7.39
N TYR E 168 -15.23 -35.63 -7.11
CA TYR E 168 -15.21 -34.47 -7.99
C TYR E 168 -15.47 -33.21 -7.18
N ALA E 169 -14.98 -32.08 -7.69
CA ALA E 169 -15.07 -30.81 -6.99
C ALA E 169 -16.46 -30.22 -7.13
N PHE E 170 -16.72 -29.59 -8.27
CA PHE E 170 -18.04 -29.06 -8.60
C PHE E 170 -18.56 -29.79 -9.84
N LYS E 171 -19.85 -30.01 -9.84
CA LYS E 171 -20.46 -30.65 -10.97
C LYS E 171 -20.56 -29.72 -12.15
N TYR E 172 -20.10 -30.17 -13.28
CA TYR E 172 -20.21 -29.40 -14.47
C TYR E 172 -21.43 -29.90 -15.20
N ALA E 173 -22.45 -29.10 -15.18
CA ALA E 173 -23.67 -29.46 -15.81
C ALA E 173 -24.24 -28.26 -16.44
N ALA E 174 -24.65 -28.41 -17.72
CA ALA E 174 -25.33 -27.40 -18.52
C ALA E 174 -24.40 -26.25 -18.90
N GLY E 175 -23.16 -26.56 -19.26
CA GLY E 175 -22.35 -25.43 -19.63
C GLY E 175 -21.76 -24.66 -18.47
N LYS E 176 -21.98 -25.11 -17.24
CA LYS E 176 -21.64 -24.33 -16.06
C LYS E 176 -21.22 -25.27 -14.93
N TYR E 177 -20.40 -24.74 -14.02
CA TYR E 177 -20.08 -25.45 -12.79
C TYR E 177 -21.14 -25.10 -11.74
N ASP E 178 -21.75 -26.13 -11.17
CA ASP E 178 -22.78 -25.94 -10.16
C ASP E 178 -22.11 -25.75 -8.79
N ILE E 179 -22.09 -24.50 -8.30
CA ILE E 179 -21.40 -24.19 -7.06
C ILE E 179 -21.95 -24.96 -5.88
N LYS E 180 -23.21 -25.40 -5.95
CA LYS E 180 -23.86 -26.07 -4.83
C LYS E 180 -23.83 -27.58 -4.94
N ASP E 181 -23.23 -28.14 -5.98
CA ASP E 181 -23.16 -29.59 -6.18
C ASP E 181 -21.68 -30.01 -6.06
N VAL E 182 -21.24 -30.23 -4.82
CA VAL E 182 -19.86 -30.61 -4.53
C VAL E 182 -19.80 -32.13 -4.37
N GLY E 183 -18.72 -32.73 -4.88
CA GLY E 183 -18.62 -34.17 -4.90
C GLY E 183 -17.51 -34.77 -4.06
N VAL E 184 -17.15 -34.10 -2.95
CA VAL E 184 -16.11 -34.61 -2.07
C VAL E 184 -16.65 -35.59 -1.03
N ASP E 185 -17.96 -35.81 -1.01
CA ASP E 185 -18.60 -36.66 -0.01
C ASP E 185 -19.25 -37.89 -0.64
N ASN E 186 -18.97 -38.19 -1.90
CA ASN E 186 -19.55 -39.36 -2.54
C ASN E 186 -18.75 -40.61 -2.19
N ALA E 187 -19.24 -41.77 -2.65
CA ALA E 187 -18.59 -43.03 -2.30
C ALA E 187 -17.14 -43.07 -2.77
N GLY E 188 -16.89 -42.63 -4.00
CA GLY E 188 -15.54 -42.71 -4.54
C GLY E 188 -14.55 -41.84 -3.78
N ALA E 189 -14.99 -40.67 -3.33
CA ALA E 189 -14.13 -39.80 -2.53
C ALA E 189 -13.78 -40.45 -1.20
N LYS E 190 -14.78 -41.03 -0.53
CA LYS E 190 -14.52 -41.76 0.71
C LYS E 190 -13.59 -42.95 0.45
N ALA E 191 -13.83 -43.67 -0.65
CA ALA E 191 -12.96 -44.80 -0.98
C ALA E 191 -11.52 -44.36 -1.17
N GLY E 192 -11.32 -43.21 -1.81
CA GLY E 192 -9.96 -42.74 -2.03
C GLY E 192 -9.27 -42.29 -0.75
N LEU E 193 -9.97 -41.50 0.06
CA LEU E 193 -9.37 -40.99 1.29
C LEU E 193 -9.16 -42.11 2.32
N THR E 194 -10.01 -43.13 2.30
CA THR E 194 -9.85 -44.23 3.24
C THR E 194 -8.60 -45.04 2.94
N PHE E 195 -8.31 -45.28 1.66
CA PHE E 195 -7.06 -45.96 1.32
C PHE E 195 -5.86 -45.16 1.82
N LEU E 196 -5.96 -43.83 1.78
CA LEU E 196 -4.87 -42.99 2.28
C LEU E 196 -4.75 -43.10 3.80
N VAL E 197 -5.86 -42.90 4.50
CA VAL E 197 -5.83 -42.95 5.96
C VAL E 197 -5.44 -44.35 6.43
N ASP E 198 -5.85 -45.39 5.71
CA ASP E 198 -5.45 -46.74 6.09
C ASP E 198 -3.97 -46.97 5.82
N LEU E 199 -3.38 -46.23 4.87
CA LEU E 199 -1.94 -46.29 4.67
C LEU E 199 -1.19 -45.71 5.86
N ILE E 200 -1.74 -44.67 6.49
CA ILE E 200 -1.14 -44.13 7.70
C ILE E 200 -1.36 -45.07 8.87
N LYS E 201 -2.58 -45.61 8.99
CA LYS E 201 -2.90 -46.52 10.09
C LYS E 201 -2.00 -47.75 10.08
N ASN E 202 -1.57 -48.20 8.89
CA ASN E 202 -0.71 -49.36 8.77
C ASN E 202 0.76 -48.98 8.66
N LYS E 203 1.12 -47.76 9.07
CA LYS E 203 2.51 -47.31 9.15
C LYS E 203 3.21 -47.31 7.79
N HIS E 204 2.46 -47.19 6.70
CA HIS E 204 3.05 -47.04 5.37
C HIS E 204 3.25 -45.58 4.99
N MET E 205 2.64 -44.66 5.73
CA MET E 205 2.89 -43.23 5.57
C MET E 205 2.65 -42.54 6.92
N ASN E 206 3.18 -41.33 7.05
CA ASN E 206 3.01 -40.52 8.25
C ASN E 206 2.16 -39.29 7.91
N ALA E 207 1.23 -38.96 8.81
CA ALA E 207 0.29 -37.89 8.52
C ALA E 207 0.97 -36.53 8.36
N ASP E 208 2.14 -36.34 8.96
CA ASP E 208 2.78 -35.03 8.96
C ASP E 208 3.66 -34.79 7.74
N THR E 209 3.78 -35.75 6.83
CA THR E 209 4.62 -35.57 5.64
C THR E 209 4.15 -34.36 4.85
N ASP E 210 5.06 -33.41 4.63
CA ASP E 210 4.77 -32.22 3.84
C ASP E 210 5.70 -32.20 2.62
N TYR E 211 5.76 -31.04 1.95
CA TYR E 211 6.47 -30.96 0.68
C TYR E 211 7.96 -31.25 0.86
N SER E 212 8.61 -30.54 1.79
CA SER E 212 10.06 -30.64 1.89
C SER E 212 10.50 -31.94 2.54
N ILE E 213 9.66 -32.55 3.38
CA ILE E 213 9.98 -33.86 3.93
C ILE E 213 9.97 -34.91 2.82
N ALA E 214 8.90 -34.93 2.02
CA ALA E 214 8.83 -35.87 0.91
C ALA E 214 9.97 -35.63 -0.09
N GLU E 215 10.23 -34.37 -0.42
CA GLU E 215 11.27 -34.08 -1.40
C GLU E 215 12.65 -34.48 -0.88
N ALA E 216 12.91 -34.25 0.41
CA ALA E 216 14.21 -34.63 0.97
C ALA E 216 14.38 -36.14 0.97
N ALA E 217 13.31 -36.87 1.32
CA ALA E 217 13.43 -38.33 1.40
C ALA E 217 13.64 -38.95 0.03
N PHE E 218 12.97 -38.44 -1.00
CA PHE E 218 13.16 -39.00 -2.34
C PHE E 218 14.53 -38.64 -2.90
N ASN E 219 14.92 -37.37 -2.77
CA ASN E 219 16.18 -36.90 -3.32
C ASN E 219 17.39 -37.45 -2.59
N LYS E 220 17.20 -38.05 -1.41
CA LYS E 220 18.26 -38.74 -0.70
C LYS E 220 18.20 -40.25 -0.90
N GLY E 221 17.23 -40.75 -1.65
CA GLY E 221 17.11 -42.17 -1.88
C GLY E 221 16.57 -42.96 -0.71
N GLU E 222 15.84 -42.32 0.20
CA GLU E 222 15.25 -43.02 1.33
C GLU E 222 13.85 -43.54 1.04
N THR E 223 13.15 -42.96 0.05
CA THR E 223 11.83 -43.43 -0.34
C THR E 223 11.83 -43.75 -1.82
N ALA E 224 11.13 -44.83 -2.19
CA ALA E 224 11.18 -45.32 -3.56
C ALA E 224 10.38 -44.44 -4.51
N MET E 225 9.32 -43.82 -4.03
CA MET E 225 8.45 -43.03 -4.90
C MET E 225 8.05 -41.75 -4.20
N THR E 226 7.69 -40.76 -5.01
CA THR E 226 7.03 -39.55 -4.55
C THR E 226 6.07 -39.11 -5.63
N ILE E 227 5.23 -38.13 -5.31
CA ILE E 227 4.21 -37.62 -6.22
C ILE E 227 4.44 -36.11 -6.32
N ASN E 228 4.80 -35.64 -7.50
CA ASN E 228 5.14 -34.22 -7.64
C ASN E 228 4.97 -33.79 -9.10
N GLY E 229 5.14 -32.49 -9.32
CA GLY E 229 5.00 -31.91 -10.63
C GLY E 229 6.34 -31.63 -11.28
N PRO E 230 6.31 -31.07 -12.50
CA PRO E 230 7.55 -30.90 -13.27
C PRO E 230 8.55 -29.97 -12.61
N TRP E 231 8.10 -29.03 -11.79
CA TRP E 231 9.02 -28.12 -11.12
C TRP E 231 10.03 -28.85 -10.25
N ALA E 232 9.64 -30.03 -9.72
CA ALA E 232 10.49 -30.76 -8.80
C ALA E 232 11.68 -31.45 -9.50
N TRP E 233 11.66 -31.54 -10.83
CA TRP E 233 12.60 -32.42 -11.51
C TRP E 233 14.04 -31.93 -11.38
N SER E 234 14.27 -30.62 -11.43
CA SER E 234 15.63 -30.12 -11.43
C SER E 234 16.35 -30.39 -10.11
N ASN E 235 15.61 -30.52 -9.01
CA ASN E 235 16.23 -30.87 -7.74
C ASN E 235 16.63 -32.34 -7.67
N ILE E 236 15.85 -33.23 -8.31
CA ILE E 236 16.27 -34.63 -8.37
C ILE E 236 17.46 -34.78 -9.31
N ASP E 237 17.46 -34.04 -10.43
CA ASP E 237 18.62 -34.02 -11.31
C ASP E 237 19.90 -33.79 -10.54
N THR E 238 19.94 -32.71 -9.76
CA THR E 238 21.12 -32.40 -8.95
C THR E 238 21.50 -33.56 -8.04
N SER E 239 20.51 -34.33 -7.58
CA SER E 239 20.74 -35.42 -6.65
C SER E 239 21.30 -36.65 -7.36
N ALA E 240 21.81 -37.59 -6.57
CA ALA E 240 22.38 -38.83 -7.08
C ALA E 240 21.34 -39.85 -7.49
N VAL E 241 20.06 -39.47 -7.53
CA VAL E 241 18.98 -40.40 -7.82
C VAL E 241 18.75 -40.45 -9.32
N ASN E 242 18.78 -41.67 -9.87
CA ASN E 242 18.29 -41.92 -11.22
C ASN E 242 16.81 -42.22 -11.13
N TYR E 243 15.99 -41.35 -11.73
CA TYR E 243 14.56 -41.39 -11.51
C TYR E 243 13.82 -41.52 -12.84
N GLY E 244 12.57 -41.98 -12.73
CA GLY E 244 11.66 -42.01 -13.85
C GLY E 244 10.38 -41.25 -13.54
N VAL E 245 9.70 -40.79 -14.58
CA VAL E 245 8.41 -40.11 -14.45
C VAL E 245 7.39 -40.90 -15.24
N THR E 246 6.29 -41.28 -14.59
CA THR E 246 5.39 -42.27 -15.17
C THR E 246 3.97 -42.00 -14.72
N VAL E 247 3.05 -42.81 -15.29
CA VAL E 247 1.63 -42.70 -14.98
C VAL E 247 1.41 -42.90 -13.48
N LEU E 248 0.47 -42.13 -12.92
CA LEU E 248 0.09 -42.34 -11.53
C LEU E 248 -0.51 -43.73 -11.37
N PRO E 249 -0.49 -44.26 -10.15
CA PRO E 249 -1.07 -45.59 -9.93
C PRO E 249 -2.58 -45.57 -10.06
N THR E 250 -3.13 -46.71 -10.49
CA THR E 250 -4.58 -46.86 -10.54
C THR E 250 -5.12 -47.19 -9.16
N PHE E 251 -6.35 -46.78 -8.90
CA PHE E 251 -7.07 -47.12 -7.69
C PHE E 251 -8.38 -47.79 -8.07
N LYS E 252 -8.57 -49.03 -7.60
CA LYS E 252 -9.72 -49.84 -7.99
C LYS E 252 -9.84 -49.93 -9.51
N GLY E 253 -8.71 -50.18 -10.16
CA GLY E 253 -8.65 -50.31 -11.60
C GLY E 253 -8.83 -49.03 -12.39
N GLN E 254 -9.15 -47.92 -11.73
CA GLN E 254 -9.36 -46.66 -12.42
C GLN E 254 -8.11 -45.79 -12.32
N PRO E 255 -7.87 -44.95 -13.31
CA PRO E 255 -6.66 -44.12 -13.28
C PRO E 255 -6.82 -42.98 -12.28
N SER E 256 -5.69 -42.62 -11.66
CA SER E 256 -5.66 -41.40 -10.86
C SER E 256 -5.94 -40.20 -11.75
N LYS E 257 -6.70 -39.24 -11.22
CA LYS E 257 -7.21 -38.11 -11.99
C LYS E 257 -6.71 -36.82 -11.37
N PRO E 258 -5.48 -36.42 -11.69
CA PRO E 258 -4.95 -35.17 -11.12
C PRO E 258 -5.70 -33.96 -11.66
N PHE E 259 -5.91 -32.98 -10.78
CA PHE E 259 -6.35 -31.68 -11.25
C PHE E 259 -5.22 -31.04 -12.05
N VAL E 260 -5.54 -30.62 -13.27
CA VAL E 260 -4.54 -30.03 -14.15
C VAL E 260 -4.58 -28.52 -14.01
N GLY E 261 -3.41 -27.92 -13.78
CA GLY E 261 -3.29 -26.49 -13.59
C GLY E 261 -2.55 -25.86 -14.77
N VAL E 262 -2.95 -24.65 -15.11
CA VAL E 262 -2.27 -23.86 -16.13
C VAL E 262 -1.62 -22.69 -15.41
N LEU E 263 -0.30 -22.75 -15.25
CA LEU E 263 0.44 -21.62 -14.71
C LEU E 263 0.17 -20.39 -15.55
N SER E 264 -0.28 -19.31 -14.91
CA SER E 264 -0.78 -18.15 -15.63
C SER E 264 -0.24 -16.86 -15.01
N ALA E 265 -0.16 -15.82 -15.84
CA ALA E 265 0.33 -14.51 -15.43
C ALA E 265 -0.80 -13.50 -15.59
N GLY E 266 -1.27 -12.96 -14.47
CA GLY E 266 -2.26 -11.92 -14.46
C GLY E 266 -1.62 -10.57 -14.24
N ILE E 267 -2.33 -9.52 -14.66
CA ILE E 267 -1.85 -8.15 -14.54
C ILE E 267 -2.73 -7.42 -13.54
N ASN E 268 -2.09 -6.89 -12.50
CA ASN E 268 -2.78 -6.15 -11.45
C ASN E 268 -3.58 -5.00 -12.05
N ALA E 269 -4.89 -4.99 -11.78
CA ALA E 269 -5.73 -3.90 -12.30
C ALA E 269 -5.28 -2.54 -11.78
N ALA E 270 -4.61 -2.50 -10.63
CA ALA E 270 -4.11 -1.26 -10.05
C ALA E 270 -2.73 -0.88 -10.57
N SER E 271 -2.15 -1.68 -11.47
CA SER E 271 -0.79 -1.43 -11.92
C SER E 271 -0.72 -0.19 -12.80
N PRO E 272 0.24 0.70 -12.58
CA PRO E 272 0.49 1.79 -13.53
C PRO E 272 1.38 1.41 -14.70
N ASN E 273 1.70 0.12 -14.85
CA ASN E 273 2.61 -0.36 -15.88
C ASN E 273 1.96 -1.42 -16.76
N LYS E 274 0.65 -1.31 -16.99
CA LYS E 274 -0.06 -2.35 -17.72
C LYS E 274 0.52 -2.57 -19.11
N GLU E 275 0.92 -1.49 -19.78
CA GLU E 275 1.50 -1.65 -21.12
C GLU E 275 2.83 -2.37 -21.06
N LEU E 276 3.69 -2.01 -20.09
CA LEU E 276 4.96 -2.70 -19.94
C LEU E 276 4.75 -4.17 -19.59
N ALA E 277 3.82 -4.44 -18.67
CA ALA E 277 3.54 -5.82 -18.28
C ALA E 277 3.10 -6.65 -19.48
N LYS E 278 2.21 -6.10 -20.30
CA LYS E 278 1.77 -6.80 -21.52
C LYS E 278 2.95 -7.06 -22.44
N GLU E 279 3.81 -6.06 -22.63
CA GLU E 279 4.98 -6.24 -23.49
C GLU E 279 5.89 -7.32 -22.95
N PHE E 280 6.26 -7.23 -21.67
CA PHE E 280 7.16 -8.22 -21.09
C PHE E 280 6.62 -9.63 -21.28
N LEU E 281 5.33 -9.82 -21.00
CA LEU E 281 4.75 -11.17 -21.09
C LEU E 281 4.68 -11.65 -22.53
N GLU E 282 4.17 -10.82 -23.44
CA GLU E 282 3.97 -11.27 -24.82
C GLU E 282 5.28 -11.39 -25.57
N ASN E 283 6.21 -10.45 -25.35
CA ASN E 283 7.38 -10.32 -26.21
C ASN E 283 8.67 -10.83 -25.60
N TYR E 284 8.68 -11.18 -24.32
CA TYR E 284 9.93 -11.63 -23.70
C TYR E 284 9.75 -12.97 -23.01
N LEU E 285 8.72 -13.12 -22.19
CA LEU E 285 8.51 -14.41 -21.51
C LEU E 285 7.96 -15.45 -22.47
N LEU E 286 6.86 -15.13 -23.15
CA LEU E 286 6.19 -16.08 -24.03
C LEU E 286 6.88 -16.14 -25.40
N THR E 287 8.18 -16.43 -25.34
CA THR E 287 9.02 -16.69 -26.50
C THR E 287 9.79 -17.97 -26.23
N ASP E 288 10.41 -18.51 -27.28
CA ASP E 288 11.27 -19.68 -27.10
C ASP E 288 12.36 -19.39 -26.09
N GLU E 289 13.04 -18.25 -26.25
CA GLU E 289 14.15 -17.92 -25.37
C GLU E 289 13.69 -17.70 -23.93
N GLY E 290 12.55 -17.02 -23.76
CA GLY E 290 12.10 -16.68 -22.41
C GLY E 290 11.63 -17.89 -21.62
N LEU E 291 10.77 -18.72 -22.23
CA LEU E 291 10.33 -19.92 -21.55
C LEU E 291 11.50 -20.86 -21.30
N GLU E 292 12.44 -20.95 -22.25
CA GLU E 292 13.63 -21.77 -22.03
C GLU E 292 14.37 -21.29 -20.78
N ALA E 293 14.54 -19.98 -20.64
CA ALA E 293 15.29 -19.44 -19.50
C ALA E 293 14.63 -19.83 -18.17
N VAL E 294 13.30 -19.80 -18.11
CA VAL E 294 12.61 -20.21 -16.90
C VAL E 294 12.64 -21.72 -16.76
N ASN E 295 12.50 -22.44 -17.87
CA ASN E 295 12.45 -23.90 -17.84
C ASN E 295 13.76 -24.48 -17.32
N LYS E 296 14.89 -23.88 -17.71
CA LYS E 296 16.19 -24.37 -17.27
C LYS E 296 16.39 -24.22 -15.77
N ASP E 297 15.66 -23.30 -15.14
CA ASP E 297 15.77 -23.11 -13.69
C ASP E 297 14.93 -24.14 -12.95
N LYS E 298 13.63 -24.19 -13.24
CA LYS E 298 12.73 -25.20 -12.73
C LYS E 298 11.82 -25.55 -13.90
N PRO E 299 11.71 -26.82 -14.29
CA PRO E 299 10.92 -27.17 -15.47
C PRO E 299 9.48 -26.69 -15.33
N LEU E 300 8.94 -26.18 -16.44
CA LEU E 300 7.62 -25.56 -16.46
C LEU E 300 6.49 -26.56 -16.67
N GLY E 301 6.77 -27.73 -17.25
CA GLY E 301 5.72 -28.63 -17.69
C GLY E 301 5.54 -28.50 -19.20
N ALA E 302 4.31 -28.65 -19.67
CA ALA E 302 4.00 -28.46 -21.09
C ALA E 302 3.66 -26.99 -21.31
N VAL E 303 4.54 -26.28 -22.00
CA VAL E 303 4.35 -24.83 -22.17
C VAL E 303 3.20 -24.57 -23.13
N ALA E 304 2.52 -23.44 -22.92
CA ALA E 304 1.38 -23.06 -23.76
C ALA E 304 1.82 -22.57 -25.13
N LEU E 305 3.07 -22.17 -25.29
CA LEU E 305 3.58 -21.67 -26.57
C LEU E 305 3.90 -22.86 -27.47
N LYS E 306 3.15 -22.99 -28.56
CA LYS E 306 3.29 -24.16 -29.44
C LYS E 306 4.74 -24.34 -29.90
N SER E 307 5.39 -23.25 -30.30
CA SER E 307 6.71 -23.37 -30.91
C SER E 307 7.72 -24.01 -29.96
N TYR E 308 7.64 -23.69 -28.68
CA TYR E 308 8.54 -24.31 -27.70
C TYR E 308 8.03 -25.64 -27.19
N GLU E 309 6.70 -25.81 -27.08
CA GLU E 309 6.18 -27.10 -26.62
C GLU E 309 6.55 -28.22 -27.57
N GLU E 310 6.75 -27.91 -28.86
CA GLU E 310 7.18 -28.93 -29.80
C GLU E 310 8.57 -29.46 -29.46
N GLU E 311 9.43 -28.62 -28.89
CA GLU E 311 10.75 -29.06 -28.47
C GLU E 311 10.70 -29.78 -27.12
N LEU E 312 9.91 -29.26 -26.19
CA LEU E 312 9.78 -29.90 -24.88
C LEU E 312 8.99 -31.20 -24.95
N ALA E 313 8.12 -31.36 -25.95
CA ALA E 313 7.31 -32.56 -26.07
C ALA E 313 8.15 -33.80 -26.30
N LYS E 314 9.38 -33.65 -26.80
CA LYS E 314 10.27 -34.78 -27.03
C LYS E 314 10.83 -35.36 -25.74
N ASP E 315 10.50 -34.78 -24.59
CA ASP E 315 10.98 -35.22 -23.30
C ASP E 315 10.03 -36.26 -22.72
N PRO E 316 10.46 -37.50 -22.50
CA PRO E 316 9.52 -38.52 -21.99
C PRO E 316 8.89 -38.15 -20.65
N ARG E 317 9.51 -37.24 -19.89
CA ARG E 317 8.90 -36.79 -18.65
C ARG E 317 7.70 -35.89 -18.92
N ILE E 318 7.74 -35.11 -20.00
CA ILE E 318 6.59 -34.29 -20.37
C ILE E 318 5.48 -35.16 -20.93
N ALA E 319 5.84 -36.16 -21.74
CA ALA E 319 4.84 -37.10 -22.23
C ALA E 319 4.09 -37.77 -21.08
N ALA E 320 4.82 -38.20 -20.05
CA ALA E 320 4.16 -38.73 -18.87
C ALA E 320 3.28 -37.69 -18.20
N THR E 321 3.77 -36.45 -18.11
CA THR E 321 2.96 -35.37 -17.55
C THR E 321 1.65 -35.24 -18.31
N MET E 322 1.73 -35.16 -19.65
CA MET E 322 0.52 -35.03 -20.45
C MET E 322 -0.34 -36.30 -20.37
N GLU E 323 0.30 -37.47 -20.25
CA GLU E 323 -0.45 -38.70 -20.09
C GLU E 323 -1.32 -38.66 -18.83
N ASN E 324 -0.75 -38.19 -17.72
CA ASN E 324 -1.54 -38.02 -16.50
C ASN E 324 -2.53 -36.88 -16.65
N ALA E 325 -2.16 -35.81 -17.34
CA ALA E 325 -3.08 -34.70 -17.57
C ALA E 325 -4.30 -35.17 -18.35
N GLN E 326 -4.10 -36.01 -19.37
CA GLN E 326 -5.22 -36.51 -20.15
C GLN E 326 -6.18 -37.31 -19.28
N LYS E 327 -5.66 -38.01 -18.27
CA LYS E 327 -6.52 -38.80 -17.39
C LYS E 327 -7.19 -37.95 -16.32
N GLY E 328 -6.70 -36.74 -16.07
CA GLY E 328 -7.28 -35.82 -15.12
C GLY E 328 -8.22 -34.83 -15.78
N GLU E 329 -8.42 -33.69 -15.11
CA GLU E 329 -9.33 -32.66 -15.57
C GLU E 329 -8.74 -31.27 -15.29
N ILE E 330 -8.93 -30.35 -16.24
CA ILE E 330 -8.54 -28.97 -16.01
C ILE E 330 -9.32 -28.42 -14.82
N MET E 331 -8.62 -27.76 -13.92
CA MET E 331 -9.27 -27.17 -12.77
C MET E 331 -10.27 -26.10 -13.23
N PRO E 332 -11.41 -25.97 -12.55
CA PRO E 332 -12.24 -24.77 -12.76
C PRO E 332 -11.47 -23.54 -12.32
N ASN E 333 -11.92 -22.38 -12.80
CA ASN E 333 -11.34 -21.11 -12.36
C ASN E 333 -12.35 -20.25 -11.61
N ILE E 334 -13.49 -20.82 -11.19
CA ILE E 334 -14.55 -20.07 -10.54
C ILE E 334 -14.09 -19.58 -9.16
N PRO E 335 -14.66 -18.49 -8.66
CA PRO E 335 -14.18 -17.95 -7.37
C PRO E 335 -14.31 -18.91 -6.21
N GLN E 336 -15.30 -19.80 -6.24
CA GLN E 336 -15.50 -20.71 -5.11
C GLN E 336 -14.43 -21.79 -5.03
N MET E 337 -13.46 -21.81 -5.94
CA MET E 337 -12.40 -22.80 -5.89
C MET E 337 -11.58 -22.66 -4.61
N SER E 338 -11.31 -21.42 -4.19
CA SER E 338 -10.54 -21.22 -2.97
C SER E 338 -11.23 -21.86 -1.77
N ALA E 339 -12.55 -21.70 -1.68
CA ALA E 339 -13.29 -22.33 -0.58
C ALA E 339 -13.26 -23.85 -0.68
N PHE E 340 -13.24 -24.40 -1.90
CA PHE E 340 -13.17 -25.84 -2.06
C PHE E 340 -11.82 -26.38 -1.59
N TRP E 341 -10.72 -25.72 -1.95
CA TRP E 341 -9.40 -26.17 -1.52
C TRP E 341 -9.26 -26.11 0.00
N TYR E 342 -9.69 -25.01 0.61
CA TYR E 342 -9.63 -24.92 2.07
C TYR E 342 -10.42 -26.05 2.72
N ALA E 343 -11.61 -26.35 2.19
CA ALA E 343 -12.44 -27.40 2.78
C ALA E 343 -11.78 -28.77 2.66
N VAL E 344 -11.16 -29.04 1.50
CA VAL E 344 -10.53 -30.35 1.32
C VAL E 344 -9.18 -30.41 2.04
N ARG E 345 -8.50 -29.28 2.17
CA ARG E 345 -7.28 -29.24 2.98
C ARG E 345 -7.57 -29.69 4.40
N THR E 346 -8.62 -29.13 5.01
CA THR E 346 -9.00 -29.51 6.38
C THR E 346 -9.39 -30.98 6.46
N ALA E 347 -10.17 -31.46 5.50
CA ALA E 347 -10.67 -32.83 5.58
C ALA E 347 -9.54 -33.85 5.47
N VAL E 348 -8.59 -33.62 4.57
CA VAL E 348 -7.45 -34.55 4.44
C VAL E 348 -6.61 -34.53 5.70
N ILE E 349 -6.30 -33.34 6.21
CA ILE E 349 -5.45 -33.23 7.39
C ILE E 349 -6.13 -33.89 8.59
N ASN E 350 -7.42 -33.56 8.80
CA ASN E 350 -8.13 -34.08 9.97
C ASN E 350 -8.32 -35.59 9.87
N ALA E 351 -8.58 -36.11 8.68
CA ALA E 351 -8.69 -37.56 8.51
C ALA E 351 -7.34 -38.23 8.70
N ALA E 352 -6.27 -37.60 8.19
CA ALA E 352 -4.95 -38.19 8.29
C ALA E 352 -4.48 -38.26 9.74
N SER E 353 -4.84 -37.26 10.55
CA SER E 353 -4.37 -37.15 11.92
C SER E 353 -5.22 -37.93 12.92
N GLY E 354 -6.29 -38.57 12.46
CA GLY E 354 -7.22 -39.23 13.36
C GLY E 354 -8.15 -38.32 14.10
N ARG E 355 -8.00 -36.99 13.95
CA ARG E 355 -8.89 -36.05 14.65
C ARG E 355 -10.34 -36.26 14.24
N GLN E 356 -10.57 -36.71 13.01
CA GLN E 356 -11.92 -36.92 12.48
C GLN E 356 -11.92 -38.20 11.65
N THR E 357 -13.08 -38.84 11.55
CA THR E 357 -13.21 -39.96 10.62
C THR E 357 -13.27 -39.45 9.19
N VAL E 358 -13.01 -40.36 8.25
CA VAL E 358 -13.04 -39.99 6.84
C VAL E 358 -14.44 -39.55 6.43
N ASP E 359 -15.46 -40.20 6.98
CA ASP E 359 -16.84 -39.81 6.66
C ASP E 359 -17.19 -38.45 7.25
N ALA E 360 -16.83 -38.23 8.52
CA ALA E 360 -17.18 -36.97 9.17
C ALA E 360 -16.38 -35.81 8.59
N ALA E 361 -15.13 -36.04 8.18
CA ALA E 361 -14.33 -34.97 7.60
C ALA E 361 -14.84 -34.58 6.21
N LEU E 362 -15.11 -35.58 5.37
CA LEU E 362 -15.61 -35.29 4.04
C LEU E 362 -17.00 -34.66 4.08
N ALA E 363 -17.83 -35.07 5.04
CA ALA E 363 -19.15 -34.47 5.17
C ALA E 363 -19.05 -32.98 5.48
N ALA E 364 -18.23 -32.62 6.47
CA ALA E 364 -18.03 -31.21 6.79
C ALA E 364 -17.40 -30.45 5.62
N ALA E 365 -16.64 -31.15 4.79
CA ALA E 365 -16.00 -30.53 3.65
C ALA E 365 -17.01 -30.18 2.59
N GLN E 366 -17.94 -31.08 2.35
CA GLN E 366 -19.01 -30.83 1.39
C GLN E 366 -19.78 -29.63 1.81
N THR E 367 -20.14 -29.54 3.07
CA THR E 367 -20.84 -28.40 3.53
C THR E 367 -20.01 -27.16 3.44
N ASN E 368 -18.73 -27.27 3.77
CA ASN E 368 -17.89 -26.08 3.75
C ASN E 368 -17.61 -25.62 2.33
N ALA E 369 -17.41 -26.55 1.40
CA ALA E 369 -17.06 -26.18 0.04
C ALA E 369 -18.19 -25.42 -0.64
N ALA E 370 -19.44 -25.81 -0.38
CA ALA E 370 -20.60 -25.19 -1.01
C ALA E 370 -21.05 -23.91 -0.31
N ARG E 371 -20.39 -23.50 0.77
CA ARG E 371 -20.79 -22.33 1.52
C ARG E 371 -20.05 -21.10 1.02
N ARG E 372 -20.70 -19.94 1.18
CA ARG E 372 -20.12 -18.67 0.77
C ARG E 372 -19.36 -18.06 1.95
N LYS E 373 -18.15 -17.59 1.68
CA LYS E 373 -17.38 -16.88 2.70
C LYS E 373 -17.97 -15.49 2.91
N PRO E 374 -18.28 -15.10 4.14
CA PRO E 374 -18.87 -13.78 4.35
C PRO E 374 -17.83 -12.67 4.20
N SER E 375 -18.26 -11.55 3.63
CA SER E 375 -17.36 -10.43 3.45
C SER E 375 -16.84 -9.94 4.81
N TRP E 376 -15.69 -9.26 4.76
CA TRP E 376 -15.15 -8.66 5.99
C TRP E 376 -16.16 -7.70 6.62
N ARG E 377 -17.03 -7.10 5.81
CA ARG E 377 -18.09 -6.26 6.37
C ARG E 377 -19.13 -7.09 7.10
N GLU E 378 -19.40 -8.32 6.62
CA GLU E 378 -20.35 -9.19 7.30
C GLU E 378 -19.74 -9.79 8.56
N ARG E 379 -18.46 -10.13 8.53
CA ARG E 379 -17.78 -10.56 9.74
C ARG E 379 -17.84 -9.47 10.81
N GLU E 380 -17.62 -8.22 10.41
CA GLU E 380 -17.63 -7.12 11.37
C GLU E 380 -19.00 -6.98 12.02
N ASN E 381 -20.06 -7.02 11.21
CA ASN E 381 -21.41 -6.96 11.76
C ASN E 381 -21.59 -7.94 12.91
N ASN E 382 -21.32 -9.22 12.64
CA ASN E 382 -21.49 -10.24 13.67
C ASN E 382 -20.66 -9.91 14.91
N ARG E 383 -19.41 -9.50 14.72
CA ARG E 383 -18.55 -9.20 15.85
C ARG E 383 -19.17 -8.15 16.76
N ARG E 384 -19.62 -7.03 16.18
CA ARG E 384 -20.15 -5.95 16.99
C ARG E 384 -21.61 -6.19 17.42
N ARG E 385 -22.35 -7.03 16.72
CA ARG E 385 -23.69 -7.37 17.21
C ARG E 385 -23.60 -8.23 18.47
N GLU E 386 -22.59 -9.11 18.56
CA GLU E 386 -22.35 -9.83 19.80
C GLU E 386 -21.80 -8.91 20.87
N ARG E 387 -20.82 -8.08 20.51
CA ARG E 387 -20.32 -7.07 21.45
C ARG E 387 -21.43 -6.14 21.91
N ARG E 388 -22.52 -6.03 21.15
CA ARG E 388 -23.67 -5.26 21.57
C ARG E 388 -24.63 -6.07 22.43
N ARG E 389 -24.76 -7.37 22.14
CA ARG E 389 -25.57 -8.24 23.00
C ARG E 389 -24.96 -8.36 24.39
N ARG E 390 -23.62 -8.38 24.47
CA ARG E 390 -22.97 -8.44 25.78
C ARG E 390 -23.03 -7.10 26.49
N ALA E 391 -22.80 -6.01 25.76
CA ALA E 391 -22.84 -4.68 26.38
C ALA E 391 -24.19 -4.43 27.03
N VAL E 392 -25.27 -4.92 26.42
CA VAL E 392 -26.58 -4.79 27.03
C VAL E 392 -26.71 -5.68 28.26
N ALA E 393 -26.16 -6.89 28.18
CA ALA E 393 -26.21 -7.80 29.33
C ALA E 393 -25.32 -7.31 30.46
N ALA E 394 -24.11 -6.83 30.13
CA ALA E 394 -23.21 -6.31 31.15
C ALA E 394 -23.73 -5.01 31.77
N LYS E 395 -24.58 -4.27 31.05
CA LYS E 395 -25.13 -3.04 31.59
C LYS E 395 -26.29 -3.33 32.54
N ILE E 396 -27.10 -4.35 32.24
CA ILE E 396 -28.16 -4.74 33.16
C ILE E 396 -27.56 -5.18 34.49
N TYR E 397 -26.58 -6.08 34.44
CA TYR E 397 -25.91 -6.51 35.66
C TYR E 397 -25.21 -5.34 36.34
N THR E 398 -24.74 -4.37 35.57
CA THR E 398 -24.16 -3.16 36.16
C THR E 398 -25.20 -2.41 36.97
N GLY E 399 -26.41 -2.24 36.42
CA GLY E 399 -27.45 -1.55 37.15
C GLY E 399 -27.95 -2.32 38.35
N LEU E 400 -27.94 -3.65 38.28
CA LEU E 400 -28.43 -4.46 39.39
C LEU E 400 -27.46 -4.43 40.56
N ARG E 401 -26.16 -4.59 40.30
CA ARG E 401 -25.19 -4.57 41.38
C ARG E 401 -25.22 -3.26 42.14
N ALA E 402 -25.53 -2.15 41.45
CA ALA E 402 -25.40 -0.83 42.06
C ALA E 402 -26.66 -0.43 42.83
N GLN E 403 -27.83 -0.92 42.44
CA GLN E 403 -29.08 -0.52 43.07
C GLN E 403 -29.87 -1.71 43.63
N GLY E 404 -29.31 -2.91 43.62
CA GLY E 404 -30.03 -4.07 44.08
C GLY E 404 -29.99 -4.27 45.58
N ASP E 405 -28.83 -4.04 46.19
CA ASP E 405 -28.64 -4.32 47.61
C ASP E 405 -29.04 -5.75 47.94
N TYR E 406 -28.41 -6.68 47.24
CA TYR E 406 -28.87 -8.05 47.13
C TYR E 406 -28.29 -8.99 48.19
N ASN E 407 -27.50 -8.49 49.13
CA ASN E 407 -26.90 -9.34 50.15
C ASN E 407 -26.00 -10.39 49.51
N LEU E 408 -25.16 -9.95 48.58
CA LEU E 408 -24.19 -10.81 47.94
C LEU E 408 -22.78 -10.36 48.28
N PRO E 409 -21.81 -11.28 48.25
CA PRO E 409 -20.41 -10.85 48.39
C PRO E 409 -20.05 -9.89 47.26
N LYS E 410 -19.31 -8.84 47.62
CA LYS E 410 -18.82 -7.93 46.60
C LYS E 410 -17.98 -8.70 45.60
N HIS E 411 -18.08 -8.30 44.32
CA HIS E 411 -17.32 -8.94 43.24
C HIS E 411 -17.79 -10.37 42.98
N CYS E 412 -19.03 -10.69 43.34
CA CYS E 412 -19.60 -11.98 43.00
C CYS E 412 -19.87 -12.05 41.50
N ASP E 413 -20.00 -13.28 40.99
CA ASP E 413 -20.17 -13.45 39.56
C ASP E 413 -21.56 -13.03 39.12
N ASN E 414 -21.76 -12.99 37.80
CA ASN E 414 -23.06 -12.61 37.25
C ASN E 414 -24.14 -13.64 37.60
N ASN E 415 -23.76 -14.91 37.74
CA ASN E 415 -24.74 -15.93 38.11
C ASN E 415 -25.37 -15.63 39.46
N GLU E 416 -24.53 -15.32 40.46
CA GLU E 416 -25.06 -15.02 41.79
C GLU E 416 -25.98 -13.82 41.75
N VAL E 417 -25.70 -12.83 40.89
CA VAL E 417 -26.60 -11.70 40.71
C VAL E 417 -27.92 -12.17 40.07
N LEU E 418 -27.82 -13.06 39.08
CA LEU E 418 -29.03 -13.59 38.44
C LEU E 418 -29.92 -14.32 39.44
N LYS E 419 -29.31 -15.13 40.31
CA LYS E 419 -30.08 -15.84 41.33
C LYS E 419 -30.84 -14.86 42.22
N ALA E 420 -30.17 -13.78 42.65
CA ALA E 420 -30.81 -12.83 43.56
C ALA E 420 -31.96 -12.09 42.88
N LEU E 421 -31.79 -11.75 41.60
CA LEU E 421 -32.89 -11.14 40.86
C LEU E 421 -34.05 -12.12 40.70
N CYS E 422 -33.74 -13.41 40.52
CA CYS E 422 -34.78 -14.42 40.45
C CYS E 422 -35.54 -14.52 41.78
N VAL E 423 -34.81 -14.54 42.89
CA VAL E 423 -35.45 -14.63 44.19
C VAL E 423 -36.32 -13.40 44.46
N GLU E 424 -35.89 -12.23 43.97
CA GLU E 424 -36.69 -11.03 44.13
C GLU E 424 -38.00 -11.12 43.35
N ALA E 425 -38.01 -11.87 42.25
CA ALA E 425 -39.17 -11.94 41.36
C ALA E 425 -40.09 -13.11 41.67
N GLY E 426 -39.95 -13.76 42.82
CA GLY E 426 -40.81 -14.86 43.19
C GLY E 426 -40.40 -16.21 42.66
N TRP E 427 -39.15 -16.36 42.24
CA TRP E 427 -38.63 -17.64 41.78
C TRP E 427 -37.75 -18.26 42.86
N VAL E 428 -37.41 -19.53 42.65
CA VAL E 428 -36.47 -20.24 43.51
C VAL E 428 -35.45 -20.93 42.62
N VAL E 429 -34.18 -20.89 43.03
CA VAL E 429 -33.07 -21.43 42.25
C VAL E 429 -32.26 -22.34 43.15
N GLU E 430 -31.93 -23.53 42.65
CA GLU E 430 -31.13 -24.50 43.39
C GLU E 430 -29.65 -24.36 43.01
N GLU E 431 -28.81 -25.15 43.66
CA GLU E 431 -27.41 -25.22 43.30
C GLU E 431 -27.23 -25.62 41.84
N ASP E 432 -28.02 -26.59 41.37
CA ASP E 432 -27.96 -27.00 39.98
C ASP E 432 -28.21 -25.84 39.03
N GLY E 433 -28.88 -24.79 39.49
CA GLY E 433 -29.44 -23.79 38.61
C GLY E 433 -30.84 -24.09 38.14
N THR E 434 -31.43 -25.20 38.59
CA THR E 434 -32.81 -25.53 38.25
C THR E 434 -33.74 -24.47 38.81
N THR E 435 -34.54 -23.87 37.94
CA THR E 435 -35.32 -22.68 38.26
C THR E 435 -36.80 -22.92 37.99
N TYR E 436 -37.62 -22.59 38.98
CA TYR E 436 -39.07 -22.70 38.88
C TYR E 436 -39.67 -21.69 39.86
N ARG E 437 -40.99 -21.53 39.78
CA ARG E 437 -41.69 -20.52 40.58
C ARG E 437 -41.98 -20.98 42.02
N LYS F 2 6.24 -49.01 19.60
CA LYS F 2 7.36 -49.36 18.73
C LYS F 2 8.51 -49.92 19.53
N ILE F 3 8.33 -50.01 20.83
CA ILE F 3 9.42 -50.48 21.64
C ILE F 3 9.28 -51.94 22.04
N GLU F 4 10.32 -52.70 21.76
CA GLU F 4 10.39 -54.11 22.06
C GLU F 4 11.67 -54.46 22.75
N GLU F 5 11.63 -55.53 23.50
CA GLU F 5 12.81 -56.03 24.18
C GLU F 5 13.71 -56.77 23.19
N GLY F 6 15.02 -56.52 23.31
CA GLY F 6 15.98 -57.09 22.39
C GLY F 6 16.17 -56.32 21.10
N LYS F 7 15.68 -55.07 21.04
CA LYS F 7 15.85 -54.22 19.87
C LYS F 7 15.99 -52.78 20.35
N LEU F 8 16.82 -52.01 19.65
CA LEU F 8 17.06 -50.61 19.98
C LEU F 8 16.48 -49.72 18.88
N VAL F 9 15.66 -48.76 19.28
CA VAL F 9 15.12 -47.73 18.38
C VAL F 9 15.69 -46.39 18.83
N ILE F 10 16.26 -45.65 17.89
CA ILE F 10 16.95 -44.38 18.17
C ILE F 10 16.32 -43.26 17.35
N TRP F 11 16.12 -42.11 17.99
CA TRP F 11 15.65 -40.90 17.33
C TRP F 11 16.76 -39.87 17.31
N ILE F 12 17.04 -39.32 16.12
CA ILE F 12 18.04 -38.27 15.95
C ILE F 12 17.54 -37.32 14.88
N ASN F 13 17.92 -36.04 15.00
CA ASN F 13 17.38 -35.03 14.11
C ASN F 13 17.87 -35.22 12.68
N GLY F 14 17.04 -34.79 11.73
CA GLY F 14 17.29 -35.04 10.31
C GLY F 14 18.49 -34.32 9.72
N ASP F 15 19.11 -33.40 10.47
CA ASP F 15 20.28 -32.70 9.95
C ASP F 15 21.60 -33.30 10.44
N LYS F 16 21.54 -34.39 11.20
CA LYS F 16 22.73 -35.04 11.72
C LYS F 16 23.06 -36.30 10.92
N GLY F 17 24.20 -36.91 11.24
CA GLY F 17 24.64 -38.08 10.52
C GLY F 17 23.93 -39.36 10.91
N TYR F 18 22.62 -39.46 10.65
CA TYR F 18 21.90 -40.65 11.06
C TYR F 18 22.29 -41.88 10.25
N ASN F 19 22.86 -41.70 9.06
CA ASN F 19 23.36 -42.84 8.31
C ASN F 19 24.64 -43.39 8.93
N GLY F 20 25.52 -42.50 9.40
CA GLY F 20 26.69 -42.96 10.13
C GLY F 20 26.34 -43.61 11.45
N LEU F 21 25.36 -43.04 12.17
CA LEU F 21 24.90 -43.66 13.41
C LEU F 21 24.35 -45.06 13.14
N ALA F 22 23.60 -45.22 12.04
CA ALA F 22 23.08 -46.54 11.69
C ALA F 22 24.20 -47.54 11.46
N GLU F 23 25.30 -47.09 10.86
CA GLU F 23 26.46 -47.97 10.70
C GLU F 23 26.97 -48.45 12.05
N VAL F 24 27.01 -47.56 13.03
CA VAL F 24 27.35 -47.97 14.39
C VAL F 24 26.34 -49.00 14.89
N GLY F 25 25.06 -48.79 14.59
CA GLY F 25 24.05 -49.77 14.95
C GLY F 25 24.31 -51.12 14.30
N LYS F 26 24.78 -51.11 13.04
CA LYS F 26 25.05 -52.37 12.36
C LYS F 26 26.21 -53.12 13.01
N LYS F 27 27.27 -52.41 13.39
CA LYS F 27 28.36 -53.05 14.12
C LYS F 27 27.84 -53.65 15.43
N PHE F 28 27.04 -52.88 16.17
CA PHE F 28 26.41 -53.39 17.37
C PHE F 28 25.63 -54.67 17.08
N GLU F 29 24.86 -54.67 15.99
CA GLU F 29 24.08 -55.86 15.65
C GLU F 29 24.97 -57.02 15.22
N LYS F 30 26.09 -56.73 14.56
CA LYS F 30 27.01 -57.81 14.19
C LYS F 30 27.62 -58.45 15.43
N ASP F 31 28.05 -57.63 16.40
CA ASP F 31 28.70 -58.16 17.59
C ASP F 31 27.71 -58.84 18.53
N THR F 32 26.47 -58.35 18.60
CA THR F 32 25.54 -58.77 19.64
C THR F 32 24.30 -59.49 19.12
N GLY F 33 23.88 -59.23 17.88
CA GLY F 33 22.59 -59.70 17.41
C GLY F 33 21.43 -58.81 17.75
N ILE F 34 21.68 -57.67 18.40
CA ILE F 34 20.63 -56.71 18.74
C ILE F 34 20.48 -55.73 17.58
N LYS F 35 19.28 -55.70 16.99
CA LYS F 35 19.02 -54.82 15.86
C LYS F 35 18.82 -53.38 16.35
N VAL F 36 19.51 -52.44 15.70
CA VAL F 36 19.38 -51.02 15.99
C VAL F 36 18.70 -50.37 14.79
N THR F 37 17.65 -49.60 15.05
CA THR F 37 16.93 -48.86 14.02
C THR F 37 17.04 -47.37 14.34
N VAL F 38 17.61 -46.62 13.42
CA VAL F 38 17.73 -45.17 13.57
C VAL F 38 16.62 -44.51 12.76
N GLU F 39 15.93 -43.57 13.40
CA GLU F 39 14.89 -42.79 12.74
C GLU F 39 15.17 -41.31 12.98
N HIS F 40 14.71 -40.49 12.04
CA HIS F 40 14.82 -39.03 12.15
C HIS F 40 13.45 -38.42 11.94
N PRO F 41 12.57 -38.54 12.92
CA PRO F 41 11.22 -37.98 12.77
C PRO F 41 11.29 -36.47 12.67
N ASP F 42 10.29 -35.89 12.03
CA ASP F 42 10.13 -34.45 12.03
C ASP F 42 9.62 -33.97 13.38
N LYS F 43 10.18 -32.87 13.87
CA LYS F 43 9.74 -32.28 15.12
C LYS F 43 9.89 -33.25 16.29
N LEU F 44 10.97 -34.04 16.26
CA LEU F 44 11.12 -35.13 17.23
C LEU F 44 11.26 -34.60 18.66
N GLU F 45 11.83 -33.41 18.82
CA GLU F 45 11.95 -32.83 20.16
C GLU F 45 10.59 -32.43 20.73
N GLU F 46 9.60 -32.18 19.87
CA GLU F 46 8.23 -31.99 20.31
C GLU F 46 7.47 -33.30 20.46
N LYS F 47 7.78 -34.30 19.63
CA LYS F 47 7.03 -35.55 19.64
C LYS F 47 7.38 -36.38 20.87
N PHE F 48 8.63 -36.34 21.31
CA PHE F 48 9.09 -37.26 22.34
C PHE F 48 8.22 -37.18 23.60
N PRO F 49 8.08 -36.01 24.23
CA PRO F 49 7.22 -35.93 25.41
C PRO F 49 5.79 -36.35 25.14
N GLN F 50 5.30 -36.16 23.92
CA GLN F 50 3.94 -36.57 23.59
C GLN F 50 3.82 -38.09 23.56
N VAL F 51 4.71 -38.76 22.83
CA VAL F 51 4.61 -40.21 22.69
C VAL F 51 5.05 -40.91 23.96
N ALA F 52 5.98 -40.33 24.71
CA ALA F 52 6.43 -40.97 25.95
C ALA F 52 5.29 -41.13 26.95
N ALA F 53 4.36 -40.16 26.97
CA ALA F 53 3.24 -40.27 27.89
C ALA F 53 2.33 -41.45 27.55
N THR F 54 2.24 -41.81 26.28
CA THR F 54 1.43 -42.93 25.92
C THR F 54 2.27 -44.17 25.75
N GLY F 55 3.45 -44.15 26.33
CA GLY F 55 4.34 -45.29 26.26
C GLY F 55 4.95 -45.63 24.93
N ASP F 56 4.91 -44.70 24.01
CA ASP F 56 5.58 -44.87 22.75
C ASP F 56 6.96 -44.16 22.89
N GLY F 57 7.59 -43.85 21.80
CA GLY F 57 8.87 -43.19 21.91
C GLY F 57 9.98 -44.16 21.76
N PRO F 58 11.13 -43.70 21.39
CA PRO F 58 12.24 -44.62 21.19
C PRO F 58 12.95 -44.99 22.48
N ASP F 59 13.88 -45.90 22.37
CA ASP F 59 14.72 -46.22 23.52
C ASP F 59 15.69 -45.09 23.82
N ILE F 60 16.21 -44.45 22.77
CA ILE F 60 17.22 -43.41 22.88
C ILE F 60 16.77 -42.20 22.06
N ILE F 61 16.94 -41.01 22.61
CA ILE F 61 16.62 -39.78 21.90
C ILE F 61 17.85 -38.88 21.88
N PHE F 62 18.18 -38.37 20.70
CA PHE F 62 19.28 -37.44 20.52
C PHE F 62 18.72 -36.03 20.35
N TRP F 63 19.24 -35.09 21.15
CA TRP F 63 18.95 -33.68 20.94
C TRP F 63 20.00 -32.87 21.68
N ALA F 64 20.10 -31.59 21.32
CA ALA F 64 20.88 -30.67 22.12
C ALA F 64 20.38 -30.69 23.57
N HIS F 65 21.31 -30.45 24.50
CA HIS F 65 21.02 -30.66 25.92
C HIS F 65 19.92 -29.75 26.46
N ASP F 66 19.60 -28.65 25.78
CA ASP F 66 18.69 -27.68 26.39
C ASP F 66 17.30 -28.27 26.62
N ARG F 67 16.89 -29.25 25.82
CA ARG F 67 15.55 -29.82 25.96
C ARG F 67 15.45 -30.83 27.09
N PHE F 68 16.58 -31.39 27.54
CA PHE F 68 16.52 -32.59 28.38
C PHE F 68 16.04 -32.29 29.79
N GLY F 69 16.21 -31.06 30.27
CA GLY F 69 15.73 -30.73 31.60
C GLY F 69 14.21 -30.84 31.71
N GLY F 70 13.49 -30.41 30.67
CA GLY F 70 12.05 -30.59 30.67
C GLY F 70 11.65 -32.04 30.56
N TYR F 71 12.41 -32.82 29.78
CA TYR F 71 12.16 -34.27 29.71
C TYR F 71 12.32 -34.91 31.09
N ALA F 72 13.39 -34.57 31.80
CA ALA F 72 13.61 -35.14 33.12
C ALA F 72 12.54 -34.69 34.10
N GLN F 73 12.20 -33.40 34.07
CA GLN F 73 11.15 -32.89 34.95
C GLN F 73 9.87 -33.70 34.79
N SER F 74 9.56 -34.11 33.56
CA SER F 74 8.38 -34.92 33.28
C SER F 74 8.60 -36.40 33.58
N GLY F 75 9.77 -36.79 34.06
CA GLY F 75 10.03 -38.19 34.35
C GLY F 75 10.16 -39.06 33.13
N LEU F 76 10.70 -38.52 32.03
CA LEU F 76 10.80 -39.24 30.78
C LEU F 76 12.15 -39.91 30.56
N LEU F 77 13.16 -39.55 31.34
CA LEU F 77 14.52 -40.00 31.12
C LEU F 77 14.99 -40.89 32.27
N ALA F 78 15.73 -41.93 31.92
CA ALA F 78 16.41 -42.74 32.92
C ALA F 78 17.68 -42.04 33.35
N GLU F 79 18.00 -42.15 34.64
CA GLU F 79 19.26 -41.58 35.13
C GLU F 79 20.44 -42.30 34.50
N ILE F 80 21.44 -41.54 34.11
CA ILE F 80 22.65 -42.09 33.49
C ILE F 80 23.69 -42.29 34.59
N THR F 81 24.30 -43.47 34.61
CA THR F 81 25.21 -43.90 35.67
C THR F 81 26.49 -44.47 35.08
N PRO F 82 27.31 -43.63 34.46
CA PRO F 82 28.60 -44.11 33.96
C PRO F 82 29.56 -44.33 35.11
N ALA F 83 30.43 -45.32 34.95
CA ALA F 83 31.50 -45.51 35.92
C ALA F 83 32.46 -44.32 35.86
N ALA F 84 33.24 -44.18 36.93
CA ALA F 84 34.21 -43.09 36.99
C ALA F 84 35.16 -43.13 35.79
N ALA F 85 35.69 -44.31 35.48
CA ALA F 85 36.63 -44.45 34.38
C ALA F 85 36.02 -43.96 33.08
N PHE F 86 34.74 -44.25 32.83
CA PHE F 86 34.12 -43.77 31.60
C PHE F 86 33.81 -42.29 31.66
N GLN F 87 33.42 -41.77 32.83
CA GLN F 87 33.14 -40.35 32.94
C GLN F 87 34.35 -39.50 32.62
N ASP F 88 35.56 -40.00 32.95
CA ASP F 88 36.78 -39.26 32.70
C ASP F 88 37.20 -39.27 31.24
N LYS F 89 36.56 -40.09 30.39
CA LYS F 89 36.84 -40.08 28.96
C LYS F 89 36.23 -38.87 28.26
N LEU F 90 35.39 -38.10 28.94
CA LEU F 90 34.69 -36.96 28.35
C LEU F 90 35.02 -35.70 29.13
N TYR F 91 35.05 -34.57 28.42
CA TYR F 91 35.35 -33.30 29.07
C TYR F 91 34.32 -33.01 30.16
N PRO F 92 34.74 -32.61 31.36
CA PRO F 92 33.77 -32.42 32.45
C PRO F 92 32.66 -31.43 32.11
N PHE F 93 32.96 -30.37 31.36
CA PHE F 93 31.93 -29.37 31.10
C PHE F 93 30.80 -29.94 30.24
N THR F 94 31.08 -30.99 29.45
CA THR F 94 29.98 -31.60 28.70
C THR F 94 29.06 -32.39 29.62
N TRP F 95 29.60 -33.01 30.67
CA TRP F 95 28.73 -33.64 31.66
C TRP F 95 27.89 -32.59 32.39
N ASP F 96 28.47 -31.41 32.67
CA ASP F 96 27.71 -30.34 33.29
C ASP F 96 26.46 -30.01 32.50
N ALA F 97 26.54 -30.04 31.17
CA ALA F 97 25.40 -29.68 30.34
C ALA F 97 24.25 -30.68 30.48
N VAL F 98 24.52 -31.92 30.87
CA VAL F 98 23.49 -32.93 31.01
C VAL F 98 23.25 -33.29 32.48
N ARG F 99 23.70 -32.45 33.42
CA ARG F 99 23.37 -32.64 34.82
C ARG F 99 22.13 -31.80 35.16
N TYR F 100 21.17 -32.42 35.82
CA TYR F 100 19.91 -31.77 36.15
C TYR F 100 19.45 -32.22 37.52
N ASN F 101 19.36 -31.28 38.46
CA ASN F 101 18.97 -31.57 39.83
C ASN F 101 19.91 -32.60 40.46
N GLY F 102 21.19 -32.50 40.13
CA GLY F 102 22.22 -33.34 40.72
C GLY F 102 22.47 -34.65 40.01
N LYS F 103 21.64 -35.02 39.04
CA LYS F 103 21.76 -36.30 38.35
C LYS F 103 22.13 -36.09 36.89
N LEU F 104 22.94 -37.00 36.35
CA LEU F 104 23.16 -37.05 34.92
C LEU F 104 21.93 -37.64 34.24
N ILE F 105 21.46 -36.99 33.19
CA ILE F 105 20.23 -37.38 32.52
C ILE F 105 20.43 -37.71 31.05
N ALA F 106 21.66 -37.69 30.57
CA ALA F 106 21.93 -38.04 29.17
C ALA F 106 23.44 -38.18 29.01
N TYR F 107 23.83 -38.78 27.90
CA TYR F 107 25.24 -38.83 27.53
C TYR F 107 25.57 -37.66 26.61
N PRO F 108 26.59 -36.86 26.91
CA PRO F 108 27.01 -35.83 25.97
C PRO F 108 27.78 -36.45 24.81
N ILE F 109 27.58 -35.90 23.62
CA ILE F 109 28.17 -36.43 22.39
C ILE F 109 29.11 -35.42 21.73
N ALA F 110 28.64 -34.19 21.54
CA ALA F 110 29.44 -33.22 20.81
C ALA F 110 28.99 -31.80 21.15
N VAL F 111 29.91 -30.86 21.01
CA VAL F 111 29.66 -29.45 21.33
C VAL F 111 29.45 -28.72 20.01
N GLU F 112 28.31 -28.07 19.86
CA GLU F 112 27.92 -27.39 18.64
C GLU F 112 27.88 -25.88 18.86
N ALA F 113 28.36 -25.13 17.88
CA ALA F 113 28.20 -23.69 17.86
C ALA F 113 28.15 -23.22 16.42
N LEU F 114 27.36 -22.18 16.17
CA LEU F 114 27.23 -21.62 14.84
C LEU F 114 28.46 -20.80 14.48
N SER F 115 28.82 -20.83 13.20
CA SER F 115 29.93 -20.04 12.66
C SER F 115 29.48 -19.36 11.38
N LEU F 116 30.26 -18.35 10.98
CA LEU F 116 30.09 -17.74 9.66
C LEU F 116 30.78 -18.62 8.63
N ILE F 117 30.01 -19.08 7.64
CA ILE F 117 30.54 -19.82 6.49
C ILE F 117 30.50 -18.90 5.29
N TYR F 118 31.59 -18.86 4.53
CA TYR F 118 31.67 -17.94 3.39
C TYR F 118 32.35 -18.61 2.21
N ASN F 119 31.96 -18.16 1.02
CA ASN F 119 32.54 -18.59 -0.24
C ASN F 119 33.80 -17.77 -0.50
N LYS F 120 34.96 -18.43 -0.52
CA LYS F 120 36.23 -17.72 -0.65
C LYS F 120 36.43 -17.15 -2.05
N ASP F 121 35.79 -17.73 -3.07
CA ASP F 121 35.88 -17.16 -4.41
C ASP F 121 35.04 -15.89 -4.50
N LEU F 122 33.82 -15.92 -3.99
CA LEU F 122 32.95 -14.74 -4.03
C LEU F 122 33.37 -13.68 -3.02
N LEU F 123 34.11 -14.06 -1.97
CA LEU F 123 34.41 -13.15 -0.87
C LEU F 123 35.74 -13.54 -0.24
N PRO F 124 36.85 -13.05 -0.77
CA PRO F 124 38.15 -13.42 -0.20
C PRO F 124 38.33 -12.97 1.24
N ASN F 125 37.87 -11.75 1.56
CA ASN F 125 37.94 -11.21 2.92
C ASN F 125 36.54 -11.13 3.50
N PRO F 126 36.14 -12.06 4.38
CA PRO F 126 34.79 -12.02 4.91
C PRO F 126 34.61 -10.84 5.85
N PRO F 127 33.40 -10.31 5.98
CA PRO F 127 33.21 -9.11 6.79
C PRO F 127 33.39 -9.42 8.27
N LYS F 128 33.98 -8.46 8.98
CA LYS F 128 34.15 -8.60 10.42
C LYS F 128 32.97 -8.06 11.20
N THR F 129 32.12 -7.24 10.57
CA THR F 129 31.00 -6.60 11.25
C THR F 129 29.70 -6.92 10.52
N TRP F 130 28.59 -6.88 11.27
CA TRP F 130 27.27 -6.98 10.67
C TRP F 130 26.95 -5.73 9.86
N GLU F 131 27.35 -4.56 10.37
CA GLU F 131 27.02 -3.30 9.73
C GLU F 131 27.60 -3.22 8.32
N GLU F 132 28.68 -3.94 8.06
CA GLU F 132 29.25 -4.01 6.71
C GLU F 132 28.26 -4.58 5.70
N ILE F 133 27.39 -5.48 6.13
CA ILE F 133 26.76 -6.45 5.24
C ILE F 133 25.81 -5.81 4.24
N PRO F 134 24.96 -4.84 4.64
CA PRO F 134 24.12 -4.17 3.66
C PRO F 134 24.90 -3.71 2.44
N ALA F 135 25.92 -2.87 2.66
CA ALA F 135 26.74 -2.41 1.55
C ALA F 135 27.40 -3.57 0.79
N LEU F 136 27.74 -4.64 1.50
CA LEU F 136 28.31 -5.81 0.83
C LEU F 136 27.27 -6.47 -0.08
N ASP F 137 26.01 -6.53 0.37
CA ASP F 137 24.96 -7.11 -0.44
C ASP F 137 24.71 -6.29 -1.71
N LYS F 138 24.74 -4.96 -1.59
CA LYS F 138 24.56 -4.09 -2.75
C LYS F 138 25.61 -4.40 -3.81
N GLU F 139 26.88 -4.50 -3.41
CA GLU F 139 27.94 -4.76 -4.37
C GLU F 139 27.74 -6.12 -5.04
N LEU F 140 27.29 -7.12 -4.27
CA LEU F 140 27.06 -8.45 -4.83
C LEU F 140 25.76 -8.54 -5.61
N LYS F 141 24.79 -7.69 -5.30
CA LYS F 141 23.57 -7.65 -6.10
C LYS F 141 23.89 -7.28 -7.55
N ALA F 142 24.74 -6.28 -7.75
CA ALA F 142 25.15 -5.87 -9.09
C ALA F 142 26.01 -6.91 -9.79
N LYS F 143 26.43 -7.95 -9.09
CA LYS F 143 27.17 -9.06 -9.66
C LYS F 143 26.32 -10.31 -9.85
N GLY F 144 25.03 -10.23 -9.54
CA GLY F 144 24.16 -11.37 -9.64
C GLY F 144 24.14 -12.29 -8.44
N LYS F 145 24.42 -11.76 -7.25
CA LYS F 145 24.54 -12.58 -6.05
C LYS F 145 23.88 -11.85 -4.88
N SER F 146 24.02 -12.44 -3.70
CA SER F 146 23.61 -11.82 -2.45
C SER F 146 24.68 -12.08 -1.40
N ALA F 147 24.66 -11.29 -0.33
CA ALA F 147 25.70 -11.40 0.68
C ALA F 147 25.42 -12.54 1.66
N LEU F 148 24.22 -12.58 2.23
CA LEU F 148 23.95 -13.43 3.37
C LEU F 148 22.60 -14.12 3.24
N MET F 149 22.58 -15.42 3.54
CA MET F 149 21.34 -16.19 3.59
C MET F 149 21.47 -17.22 4.71
N PHE F 150 20.55 -17.21 5.66
CA PHE F 150 20.53 -18.22 6.70
C PHE F 150 19.09 -18.43 7.17
N ASN F 151 18.89 -19.49 7.94
CA ASN F 151 17.56 -19.94 8.36
C ASN F 151 16.93 -18.92 9.30
N LEU F 152 15.92 -18.20 8.82
CA LEU F 152 15.21 -17.23 9.62
C LEU F 152 14.00 -17.81 10.34
N GLN F 153 13.73 -19.11 10.16
CA GLN F 153 12.57 -19.74 10.78
C GLN F 153 12.87 -20.30 12.16
N GLU F 154 14.14 -20.48 12.52
CA GLU F 154 14.50 -21.02 13.82
C GLU F 154 15.28 -19.99 14.61
N PRO F 155 14.78 -19.51 15.74
CA PRO F 155 15.48 -18.43 16.47
C PRO F 155 16.92 -18.76 16.81
N TYR F 156 17.27 -20.05 16.88
CA TYR F 156 18.65 -20.47 17.14
C TYR F 156 19.65 -19.71 16.26
N PHE F 157 19.26 -19.39 15.03
CA PHE F 157 20.19 -18.85 14.05
C PHE F 157 20.34 -17.33 14.13
N THR F 158 19.33 -16.64 14.63
CA THR F 158 19.44 -15.20 14.84
C THR F 158 19.88 -14.86 16.25
N TRP F 159 19.79 -15.79 17.19
CA TRP F 159 20.14 -15.50 18.57
C TRP F 159 21.55 -14.92 18.74
N PRO F 160 22.57 -15.35 17.99
CA PRO F 160 23.88 -14.71 18.16
C PRO F 160 23.83 -13.20 17.93
N LEU F 161 23.01 -12.76 16.97
CA LEU F 161 22.87 -11.32 16.75
C LEU F 161 22.04 -10.67 17.86
N ILE F 162 20.97 -11.31 18.29
CA ILE F 162 20.14 -10.74 19.35
C ILE F 162 20.97 -10.57 20.62
N ALA F 163 21.82 -11.54 20.94
CA ALA F 163 22.58 -11.52 22.18
C ALA F 163 23.83 -10.66 22.10
N ALA F 164 24.21 -10.18 20.91
CA ALA F 164 25.50 -9.51 20.75
C ALA F 164 25.62 -8.29 21.65
N ASP F 165 24.58 -7.46 21.70
CA ASP F 165 24.63 -6.21 22.44
C ASP F 165 23.87 -6.26 23.77
N GLY F 166 23.67 -7.45 24.33
CA GLY F 166 23.10 -7.56 25.66
C GLY F 166 21.83 -8.37 25.77
N GLY F 167 21.25 -8.87 24.69
CA GLY F 167 20.12 -9.77 24.82
C GLY F 167 20.55 -11.05 25.51
N TYR F 168 19.69 -11.60 26.34
CA TYR F 168 19.95 -12.83 27.03
C TYR F 168 18.66 -13.59 27.26
N ALA F 169 18.75 -14.83 27.66
CA ALA F 169 17.56 -15.59 27.88
C ALA F 169 17.04 -15.54 29.29
N PHE F 170 17.69 -16.21 30.20
CA PHE F 170 17.31 -16.18 31.60
C PHE F 170 18.54 -15.77 32.35
N LYS F 171 18.43 -14.83 33.27
CA LYS F 171 19.57 -14.35 34.02
C LYS F 171 20.07 -15.44 34.97
N TYR F 172 21.38 -15.67 34.97
CA TYR F 172 22.02 -16.57 35.93
C TYR F 172 22.33 -15.75 37.18
N ALA F 173 21.57 -15.99 38.25
CA ALA F 173 21.64 -15.17 39.45
C ALA F 173 21.70 -16.07 40.68
N ALA F 174 22.77 -15.90 41.47
CA ALA F 174 22.91 -16.62 42.74
C ALA F 174 23.02 -18.12 42.52
N GLY F 175 23.75 -18.52 41.48
CA GLY F 175 23.99 -19.92 41.24
C GLY F 175 22.89 -20.68 40.54
N LYS F 176 21.91 -19.99 39.97
CA LYS F 176 20.86 -20.67 39.23
C LYS F 176 20.19 -19.68 38.27
N TYR F 177 19.53 -20.23 37.26
CA TYR F 177 18.81 -19.41 36.29
C TYR F 177 17.48 -18.95 36.89
N ASP F 178 17.26 -17.63 36.87
CA ASP F 178 16.02 -17.05 37.36
C ASP F 178 14.99 -17.08 36.23
N ILE F 179 13.97 -17.94 36.37
CA ILE F 179 13.01 -18.13 35.29
C ILE F 179 12.08 -16.94 35.10
N LYS F 180 12.09 -15.97 36.02
CA LYS F 180 11.23 -14.81 35.90
C LYS F 180 11.97 -13.58 35.39
N ASP F 181 13.24 -13.72 35.02
CA ASP F 181 14.08 -12.61 34.57
C ASP F 181 14.56 -12.94 33.16
N VAL F 182 13.85 -12.44 32.16
CA VAL F 182 14.12 -12.74 30.76
C VAL F 182 14.69 -11.49 30.09
N GLY F 183 15.73 -11.68 29.29
CA GLY F 183 16.43 -10.57 28.66
C GLY F 183 16.23 -10.46 27.17
N VAL F 184 15.06 -10.87 26.67
CA VAL F 184 14.78 -10.77 25.24
C VAL F 184 14.15 -9.44 24.87
N ASP F 185 13.91 -8.56 25.85
CA ASP F 185 13.24 -7.29 25.61
C ASP F 185 14.07 -6.07 25.98
N ASN F 186 15.34 -6.25 26.37
CA ASN F 186 16.15 -5.10 26.73
C ASN F 186 16.64 -4.39 25.46
N ALA F 187 17.41 -3.32 25.66
CA ALA F 187 17.86 -2.53 24.53
C ALA F 187 18.75 -3.35 23.59
N GLY F 188 19.62 -4.19 24.17
CA GLY F 188 20.52 -4.98 23.33
C GLY F 188 19.77 -5.90 22.39
N ALA F 189 18.75 -6.59 22.89
CA ALA F 189 17.95 -7.46 22.04
C ALA F 189 17.29 -6.66 20.92
N LYS F 190 16.67 -5.54 21.26
CA LYS F 190 16.00 -4.72 20.25
C LYS F 190 16.97 -4.28 19.17
N ALA F 191 18.16 -3.81 19.58
CA ALA F 191 19.16 -3.41 18.59
C ALA F 191 19.49 -4.57 17.66
N GLY F 192 19.71 -5.76 18.22
CA GLY F 192 19.99 -6.93 17.41
C GLY F 192 18.88 -7.24 16.43
N LEU F 193 17.65 -7.38 16.94
CA LEU F 193 16.54 -7.77 16.08
C LEU F 193 16.21 -6.68 15.06
N THR F 194 16.35 -5.40 15.42
CA THR F 194 16.02 -4.34 14.48
C THR F 194 17.01 -4.31 13.32
N PHE F 195 18.29 -4.60 13.59
CA PHE F 195 19.22 -4.74 12.48
C PHE F 195 18.80 -5.87 11.55
N LEU F 196 18.35 -6.98 12.12
CA LEU F 196 17.86 -8.08 11.29
C LEU F 196 16.64 -7.66 10.48
N VAL F 197 15.67 -7.01 11.13
CA VAL F 197 14.48 -6.55 10.43
C VAL F 197 14.84 -5.55 9.34
N ASP F 198 15.87 -4.74 9.57
CA ASP F 198 16.22 -3.72 8.59
C ASP F 198 16.93 -4.32 7.37
N LEU F 199 17.62 -5.45 7.55
CA LEU F 199 18.15 -6.15 6.39
C LEU F 199 17.02 -6.67 5.50
N ILE F 200 15.93 -7.13 6.12
CA ILE F 200 14.79 -7.61 5.37
C ILE F 200 14.05 -6.46 4.71
N LYS F 201 13.88 -5.34 5.43
CA LYS F 201 13.23 -4.17 4.85
C LYS F 201 14.00 -3.66 3.65
N ASN F 202 15.33 -3.56 3.77
CA ASN F 202 16.19 -3.12 2.69
C ASN F 202 16.46 -4.22 1.67
N LYS F 203 15.73 -5.33 1.75
CA LYS F 203 15.77 -6.41 0.77
C LYS F 203 17.18 -6.99 0.62
N HIS F 204 17.94 -7.02 1.72
CA HIS F 204 19.18 -7.75 1.78
C HIS F 204 18.99 -9.18 2.25
N MET F 205 17.84 -9.49 2.83
CA MET F 205 17.45 -10.86 3.13
C MET F 205 15.95 -10.98 2.94
N ASN F 206 15.47 -12.21 3.06
CA ASN F 206 14.08 -12.55 2.80
C ASN F 206 13.51 -13.23 4.02
N ALA F 207 12.36 -12.75 4.51
CA ALA F 207 11.81 -13.26 5.76
C ALA F 207 11.37 -14.72 5.67
N ASP F 208 11.20 -15.24 4.45
CA ASP F 208 10.75 -16.62 4.26
C ASP F 208 11.89 -17.61 4.14
N THR F 209 13.14 -17.15 4.12
CA THR F 209 14.27 -18.06 3.99
C THR F 209 14.29 -19.05 5.14
N ASP F 210 14.43 -20.33 4.81
CA ASP F 210 14.51 -21.40 5.80
C ASP F 210 15.84 -22.13 5.65
N TYR F 211 16.01 -23.19 6.44
CA TYR F 211 17.24 -23.96 6.40
C TYR F 211 17.54 -24.45 4.99
N SER F 212 16.56 -25.10 4.36
CA SER F 212 16.79 -25.72 3.05
C SER F 212 17.12 -24.67 2.00
N ILE F 213 16.39 -23.55 1.97
CA ILE F 213 16.61 -22.54 0.95
C ILE F 213 18.00 -21.93 1.10
N ALA F 214 18.40 -21.62 2.34
CA ALA F 214 19.68 -20.99 2.56
C ALA F 214 20.83 -21.95 2.23
N GLU F 215 20.70 -23.22 2.62
CA GLU F 215 21.76 -24.19 2.32
C GLU F 215 21.95 -24.34 0.83
N ALA F 216 20.84 -24.54 0.09
CA ALA F 216 20.92 -24.68 -1.36
C ALA F 216 21.52 -23.43 -1.99
N ALA F 217 21.06 -22.25 -1.56
CA ALA F 217 21.57 -21.00 -2.10
C ALA F 217 23.08 -20.91 -1.95
N PHE F 218 23.59 -21.23 -0.75
CA PHE F 218 25.04 -21.10 -0.53
C PHE F 218 25.79 -22.21 -1.26
N ASN F 219 25.32 -23.44 -1.18
CA ASN F 219 26.05 -24.55 -1.80
C ASN F 219 26.05 -24.46 -3.32
N LYS F 220 25.15 -23.68 -3.91
CA LYS F 220 25.12 -23.48 -5.35
C LYS F 220 25.81 -22.18 -5.77
N GLY F 221 26.52 -21.51 -4.86
CA GLY F 221 27.26 -20.32 -5.21
C GLY F 221 26.40 -19.10 -5.50
N GLU F 222 25.18 -19.05 -4.98
CA GLU F 222 24.30 -17.91 -5.23
C GLU F 222 24.39 -16.86 -4.13
N THR F 223 24.79 -17.24 -2.93
CA THR F 223 24.98 -16.32 -1.82
C THR F 223 26.38 -16.49 -1.25
N ALA F 224 27.00 -15.38 -0.86
CA ALA F 224 28.40 -15.42 -0.44
C ALA F 224 28.58 -15.91 0.97
N MET F 225 27.54 -15.90 1.79
CA MET F 225 27.68 -16.23 3.20
C MET F 225 26.44 -16.96 3.70
N THR F 226 26.66 -17.78 4.73
CA THR F 226 25.57 -18.38 5.48
C THR F 226 26.06 -18.58 6.91
N ILE F 227 25.13 -18.86 7.80
CA ILE F 227 25.40 -19.13 9.21
C ILE F 227 24.87 -20.52 9.51
N ASN F 228 25.75 -21.41 9.96
CA ASN F 228 25.34 -22.79 10.18
C ASN F 228 26.34 -23.48 11.09
N GLY F 229 26.01 -24.72 11.46
CA GLY F 229 26.83 -25.51 12.34
C GLY F 229 27.61 -26.58 11.62
N PRO F 230 28.44 -27.31 12.37
CA PRO F 230 29.34 -28.29 11.73
C PRO F 230 28.65 -29.32 10.87
N TRP F 231 27.41 -29.70 11.22
CA TRP F 231 26.70 -30.72 10.47
C TRP F 231 26.50 -30.36 9.01
N ALA F 232 26.65 -29.07 8.67
CA ALA F 232 26.39 -28.60 7.31
C ALA F 232 27.61 -28.68 6.40
N TRP F 233 28.81 -28.87 6.93
CA TRP F 233 30.01 -28.83 6.10
C TRP F 233 30.03 -29.95 5.07
N SER F 234 29.49 -31.13 5.43
CA SER F 234 29.58 -32.28 4.54
C SER F 234 28.90 -32.00 3.20
N ASN F 235 27.77 -31.29 3.22
CA ASN F 235 27.10 -30.94 1.97
C ASN F 235 27.89 -29.89 1.19
N ILE F 236 28.61 -29.00 1.89
CA ILE F 236 29.41 -28.01 1.17
C ILE F 236 30.60 -28.66 0.50
N ASP F 237 31.22 -29.64 1.17
CA ASP F 237 32.31 -30.40 0.55
C ASP F 237 31.86 -30.99 -0.77
N THR F 238 30.68 -31.60 -0.79
CA THR F 238 30.17 -32.21 -2.01
C THR F 238 29.97 -31.18 -3.12
N SER F 239 29.65 -29.94 -2.75
CA SER F 239 29.45 -28.91 -3.76
C SER F 239 30.79 -28.43 -4.30
N ALA F 240 30.72 -27.63 -5.36
CA ALA F 240 31.91 -27.02 -5.96
C ALA F 240 32.39 -25.81 -5.17
N VAL F 241 31.73 -25.47 -4.06
CA VAL F 241 32.01 -24.22 -3.36
C VAL F 241 33.29 -24.35 -2.54
N ASN F 242 34.20 -23.40 -2.74
CA ASN F 242 35.41 -23.27 -1.92
C ASN F 242 35.05 -22.37 -0.74
N TYR F 243 35.03 -22.93 0.47
CA TYR F 243 34.42 -22.26 1.61
C TYR F 243 35.37 -22.22 2.80
N GLY F 244 35.10 -21.27 3.70
CA GLY F 244 35.80 -21.18 4.95
C GLY F 244 34.82 -20.98 6.09
N VAL F 245 35.28 -21.33 7.29
CA VAL F 245 34.49 -21.24 8.52
C VAL F 245 35.24 -20.31 9.48
N THR F 246 34.55 -19.27 9.95
CA THR F 246 35.24 -18.21 10.68
C THR F 246 34.34 -17.62 11.76
N VAL F 247 34.90 -16.66 12.51
CA VAL F 247 34.18 -16.00 13.58
C VAL F 247 32.97 -15.26 13.01
N LEU F 248 31.87 -15.32 13.75
CA LEU F 248 30.69 -14.54 13.37
C LEU F 248 31.04 -13.05 13.38
N PRO F 249 30.34 -12.24 12.61
CA PRO F 249 30.63 -10.80 12.62
C PRO F 249 30.22 -10.17 13.93
N THR F 250 30.89 -9.07 14.26
CA THR F 250 30.54 -8.31 15.45
C THR F 250 29.31 -7.44 15.17
N PHE F 251 28.73 -6.92 16.26
CA PHE F 251 27.60 -6.00 16.16
C PHE F 251 27.80 -4.95 17.24
N LYS F 252 27.88 -3.68 16.82
CA LYS F 252 28.19 -2.58 17.73
C LYS F 252 29.45 -2.88 18.53
N GLY F 253 30.48 -3.37 17.83
CA GLY F 253 31.76 -3.68 18.42
C GLY F 253 31.81 -4.96 19.23
N GLN F 254 30.66 -5.52 19.61
CA GLN F 254 30.48 -6.70 20.45
C GLN F 254 30.43 -7.97 19.60
N PRO F 255 31.04 -9.05 20.07
CA PRO F 255 31.00 -10.30 19.32
C PRO F 255 29.60 -10.90 19.33
N SER F 256 29.23 -11.50 18.19
CA SER F 256 28.04 -12.34 18.17
C SER F 256 28.22 -13.49 19.15
N LYS F 257 27.15 -13.82 19.89
CA LYS F 257 27.20 -14.75 21.01
C LYS F 257 26.24 -15.90 20.77
N PRO F 258 26.67 -16.94 20.05
CA PRO F 258 25.78 -18.08 19.81
C PRO F 258 25.52 -18.86 21.09
N PHE F 259 24.31 -19.40 21.17
CA PHE F 259 24.00 -20.37 22.23
C PHE F 259 24.69 -21.69 21.90
N VAL F 260 25.50 -22.18 22.82
CA VAL F 260 26.28 -23.39 22.59
C VAL F 260 25.46 -24.60 22.99
N GLY F 261 25.35 -25.56 22.09
CA GLY F 261 24.56 -26.77 22.32
C GLY F 261 25.46 -27.98 22.47
N VAL F 262 25.05 -28.91 23.33
CA VAL F 262 25.71 -30.20 23.47
C VAL F 262 24.75 -31.26 22.96
N LEU F 263 25.05 -31.83 21.79
CA LEU F 263 24.29 -32.97 21.31
C LEU F 263 24.38 -34.09 22.33
N SER F 264 23.22 -34.57 22.78
CA SER F 264 23.14 -35.51 23.89
C SER F 264 22.20 -36.65 23.55
N ALA F 265 22.40 -37.79 24.23
CA ALA F 265 21.61 -38.99 24.04
C ALA F 265 20.98 -39.38 25.37
N GLY F 266 19.66 -39.24 25.47
CA GLY F 266 18.93 -39.66 26.64
C GLY F 266 18.32 -41.04 26.45
N ILE F 267 18.07 -41.72 27.56
CA ILE F 267 17.48 -43.06 27.56
C ILE F 267 16.06 -42.95 28.10
N ASN F 268 15.09 -43.34 27.28
CA ASN F 268 13.69 -43.30 27.66
C ASN F 268 13.46 -44.07 28.96
N ALA F 269 12.82 -43.40 29.93
CA ALA F 269 12.53 -44.05 31.21
C ALA F 269 11.62 -45.26 31.05
N ALA F 270 10.88 -45.36 29.95
CA ALA F 270 10.00 -46.48 29.68
C ALA F 270 10.66 -47.57 28.85
N SER F 271 11.93 -47.43 28.53
CA SER F 271 12.59 -48.41 27.67
C SER F 271 12.73 -49.74 28.40
N PRO F 272 12.38 -50.86 27.76
CA PRO F 272 12.77 -52.17 28.30
C PRO F 272 14.21 -52.54 28.01
N ASN F 273 14.97 -51.65 27.34
CA ASN F 273 16.31 -51.94 26.84
C ASN F 273 17.35 -51.00 27.44
N LYS F 274 17.20 -50.67 28.72
CA LYS F 274 18.09 -49.66 29.31
C LYS F 274 19.54 -50.15 29.33
N GLU F 275 19.76 -51.43 29.63
CA GLU F 275 21.12 -51.95 29.68
C GLU F 275 21.76 -51.96 28.29
N LEU F 276 21.02 -52.41 27.28
CA LEU F 276 21.52 -52.38 25.91
C LEU F 276 21.79 -50.95 25.45
N ALA F 277 20.88 -50.03 25.75
CA ALA F 277 21.08 -48.64 25.36
C ALA F 277 22.33 -48.06 26.00
N LYS F 278 22.56 -48.38 27.27
CA LYS F 278 23.78 -47.92 27.94
C LYS F 278 25.02 -48.49 27.26
N GLU F 279 25.00 -49.79 26.95
CA GLU F 279 26.15 -50.41 26.28
C GLU F 279 26.40 -49.77 24.92
N PHE F 280 25.34 -49.58 24.13
CA PHE F 280 25.50 -48.99 22.81
C PHE F 280 26.19 -47.63 22.90
N LEU F 281 25.71 -46.77 23.79
CA LEU F 281 26.24 -45.42 23.87
C LEU F 281 27.66 -45.39 24.42
N GLU F 282 27.93 -46.18 25.46
CA GLU F 282 29.25 -46.14 26.11
C GLU F 282 30.31 -46.89 25.32
N ASN F 283 29.97 -48.06 24.77
CA ASN F 283 30.96 -48.96 24.20
C ASN F 283 31.02 -48.93 22.67
N TYR F 284 30.02 -48.33 22.01
CA TYR F 284 30.00 -48.31 20.56
C TYR F 284 30.00 -46.90 20.00
N LEU F 285 29.04 -46.06 20.39
CA LEU F 285 28.99 -44.70 19.87
C LEU F 285 30.17 -43.87 20.38
N LEU F 286 30.31 -43.78 21.70
CA LEU F 286 31.31 -42.89 22.27
C LEU F 286 32.69 -43.53 22.27
N THR F 287 33.12 -44.00 21.10
CA THR F 287 34.48 -44.46 20.85
C THR F 287 35.04 -43.66 19.68
N ASP F 288 36.37 -43.70 19.52
CA ASP F 288 36.98 -43.11 18.34
C ASP F 288 36.28 -43.63 17.08
N GLU F 289 36.13 -44.95 16.99
CA GLU F 289 35.53 -45.57 15.81
C GLU F 289 34.06 -45.16 15.66
N GLY F 290 33.31 -45.16 16.75
CA GLY F 290 31.89 -44.85 16.66
C GLY F 290 31.64 -43.40 16.26
N LEU F 291 32.32 -42.46 16.92
CA LEU F 291 32.15 -41.06 16.58
C LEU F 291 32.67 -40.78 15.18
N GLU F 292 33.74 -41.45 14.76
CA GLU F 292 34.24 -41.28 13.40
C GLU F 292 33.18 -41.65 12.37
N ALA F 293 32.44 -42.74 12.62
CA ALA F 293 31.42 -43.17 11.68
C ALA F 293 30.32 -42.11 11.54
N VAL F 294 29.86 -41.56 12.66
CA VAL F 294 28.89 -40.47 12.59
C VAL F 294 29.52 -39.23 11.97
N ASN F 295 30.74 -38.88 12.39
CA ASN F 295 31.38 -37.66 11.92
C ASN F 295 31.56 -37.67 10.41
N LYS F 296 31.97 -38.80 9.85
CA LYS F 296 32.18 -38.90 8.41
C LYS F 296 30.88 -38.75 7.63
N ASP F 297 29.73 -38.94 8.28
CA ASP F 297 28.45 -38.68 7.62
C ASP F 297 28.14 -37.18 7.61
N LYS F 298 27.88 -36.62 8.78
CA LYS F 298 27.75 -35.18 8.96
C LYS F 298 28.60 -34.79 10.15
N PRO F 299 29.50 -33.82 10.01
CA PRO F 299 30.42 -33.50 11.11
C PRO F 299 29.67 -33.20 12.40
N LEU F 300 30.24 -33.64 13.52
CA LEU F 300 29.62 -33.50 14.83
C LEU F 300 29.99 -32.21 15.54
N GLY F 301 31.09 -31.57 15.16
CA GLY F 301 31.61 -30.46 15.92
C GLY F 301 32.73 -30.92 16.83
N ALA F 302 32.86 -30.31 18.00
CA ALA F 302 33.89 -30.68 18.97
C ALA F 302 33.33 -31.80 19.84
N VAL F 303 33.78 -33.03 19.60
CA VAL F 303 33.18 -34.17 20.28
C VAL F 303 33.56 -34.15 21.76
N ALA F 304 32.66 -34.68 22.59
CA ALA F 304 32.90 -34.70 24.03
C ALA F 304 33.96 -35.71 24.42
N LEU F 305 34.26 -36.68 23.55
CA LEU F 305 35.28 -37.68 23.82
C LEU F 305 36.66 -37.08 23.60
N LYS F 306 37.51 -37.13 24.63
CA LYS F 306 38.81 -36.47 24.57
C LYS F 306 39.70 -37.07 23.50
N SER F 307 39.83 -38.41 23.50
CA SER F 307 40.76 -39.07 22.60
C SER F 307 40.48 -38.72 21.14
N TYR F 308 39.21 -38.59 20.78
CA TYR F 308 38.87 -38.24 19.40
C TYR F 308 38.90 -36.73 19.17
N GLU F 309 38.53 -35.93 20.17
CA GLU F 309 38.60 -34.49 19.99
C GLU F 309 40.03 -34.01 19.74
N GLU F 310 41.01 -34.71 20.29
CA GLU F 310 42.40 -34.33 20.05
C GLU F 310 42.77 -34.48 18.58
N GLU F 311 42.10 -35.39 17.86
CA GLU F 311 42.28 -35.42 16.40
C GLU F 311 41.43 -34.36 15.73
N LEU F 312 40.15 -34.26 16.10
CA LEU F 312 39.27 -33.27 15.49
C LEU F 312 39.76 -31.85 15.73
N ALA F 313 40.43 -31.61 16.86
CA ALA F 313 40.87 -30.26 17.18
C ALA F 313 41.88 -29.71 16.18
N LYS F 314 42.49 -30.58 15.37
CA LYS F 314 43.44 -30.14 14.36
C LYS F 314 42.75 -29.56 13.13
N ASP F 315 41.43 -29.59 13.07
CA ASP F 315 40.68 -29.07 11.94
C ASP F 315 40.47 -27.57 12.12
N PRO F 316 40.89 -26.73 11.19
CA PRO F 316 40.64 -25.28 11.35
C PRO F 316 39.17 -24.95 11.48
N ARG F 317 38.29 -25.77 10.93
CA ARG F 317 36.85 -25.51 11.05
C ARG F 317 36.36 -25.73 12.47
N ILE F 318 36.88 -26.76 13.14
CA ILE F 318 36.53 -26.99 14.53
C ILE F 318 37.09 -25.87 15.42
N ALA F 319 38.27 -25.36 15.07
CA ALA F 319 38.85 -24.25 15.83
C ALA F 319 37.97 -23.02 15.76
N ALA F 320 37.51 -22.67 14.54
CA ALA F 320 36.59 -21.55 14.40
C ALA F 320 35.29 -21.80 15.15
N THR F 321 34.81 -23.05 15.13
CA THR F 321 33.59 -23.38 15.87
C THR F 321 33.77 -23.12 17.36
N MET F 322 34.90 -23.56 17.91
CA MET F 322 35.16 -23.35 19.34
C MET F 322 35.53 -21.91 19.64
N GLU F 323 36.02 -21.16 18.65
CA GLU F 323 36.21 -19.73 18.84
C GLU F 323 34.87 -19.01 18.99
N ASN F 324 33.89 -19.39 18.16
CA ASN F 324 32.55 -18.82 18.30
C ASN F 324 31.91 -19.27 19.61
N ALA F 325 32.11 -20.54 20.00
CA ALA F 325 31.53 -21.05 21.22
C ALA F 325 32.02 -20.27 22.44
N GLN F 326 33.32 -20.01 22.51
CA GLN F 326 33.86 -19.30 23.67
C GLN F 326 33.25 -17.92 23.82
N LYS F 327 32.88 -17.28 22.71
CA LYS F 327 32.23 -15.98 22.78
C LYS F 327 30.76 -16.08 23.17
N GLY F 328 30.15 -17.26 22.99
CA GLY F 328 28.77 -17.48 23.36
C GLY F 328 28.63 -18.07 24.75
N GLU F 329 27.49 -18.71 24.99
CA GLU F 329 27.16 -19.27 26.28
C GLU F 329 26.58 -20.66 26.12
N ILE F 330 26.92 -21.54 27.07
CA ILE F 330 26.26 -22.84 27.13
C ILE F 330 24.79 -22.63 27.43
N MET F 331 23.94 -23.33 26.68
CA MET F 331 22.51 -23.20 26.89
C MET F 331 22.12 -23.72 28.27
N PRO F 332 21.14 -23.10 28.93
CA PRO F 332 20.54 -23.75 30.09
C PRO F 332 19.78 -25.00 29.64
N ASN F 333 19.61 -25.93 30.57
CA ASN F 333 18.83 -27.13 30.31
C ASN F 333 17.55 -27.16 31.11
N ILE F 334 17.20 -26.07 31.79
CA ILE F 334 16.03 -26.02 32.66
C ILE F 334 14.77 -26.23 31.82
N PRO F 335 13.68 -26.71 32.43
CA PRO F 335 12.48 -27.03 31.66
C PRO F 335 11.88 -25.83 30.93
N GLN F 336 12.12 -24.61 31.41
CA GLN F 336 11.53 -23.43 30.80
C GLN F 336 12.17 -23.04 29.47
N MET F 337 13.18 -23.79 29.01
CA MET F 337 13.84 -23.43 27.76
C MET F 337 12.89 -23.51 26.57
N SER F 338 12.01 -24.51 26.55
CA SER F 338 11.12 -24.67 25.41
C SER F 338 10.18 -23.47 25.27
N ALA F 339 9.69 -22.94 26.40
CA ALA F 339 8.88 -21.73 26.34
C ALA F 339 9.68 -20.55 25.82
N PHE F 340 10.93 -20.40 26.30
CA PHE F 340 11.80 -19.34 25.78
C PHE F 340 11.93 -19.44 24.27
N TRP F 341 12.25 -20.64 23.76
CA TRP F 341 12.46 -20.81 22.33
C TRP F 341 11.19 -20.52 21.54
N TYR F 342 10.04 -21.01 22.02
CA TYR F 342 8.78 -20.72 21.36
C TYR F 342 8.54 -19.22 21.28
N ALA F 343 8.70 -18.51 22.40
CA ALA F 343 8.40 -17.09 22.43
C ALA F 343 9.32 -16.31 21.49
N VAL F 344 10.60 -16.68 21.44
CA VAL F 344 11.54 -15.97 20.58
C VAL F 344 11.32 -16.34 19.12
N ARG F 345 10.94 -17.58 18.84
CA ARG F 345 10.63 -17.95 17.46
C ARG F 345 9.51 -17.09 16.90
N THR F 346 8.40 -16.99 17.65
CA THR F 346 7.28 -16.16 17.20
C THR F 346 7.71 -14.72 16.98
N ALA F 347 8.50 -14.16 17.91
CA ALA F 347 8.86 -12.75 17.83
C ALA F 347 9.71 -12.48 16.59
N VAL F 348 10.75 -13.28 16.36
CA VAL F 348 11.57 -13.10 15.18
C VAL F 348 10.73 -13.23 13.92
N ILE F 349 9.90 -14.28 13.85
CA ILE F 349 9.07 -14.49 12.67
C ILE F 349 8.08 -13.35 12.51
N ASN F 350 7.47 -12.90 13.62
CA ASN F 350 6.49 -11.82 13.52
C ASN F 350 7.15 -10.51 13.14
N ALA F 351 8.33 -10.22 13.68
CA ALA F 351 9.01 -8.97 13.34
C ALA F 351 9.57 -9.02 11.92
N ALA F 352 10.11 -10.17 11.51
CA ALA F 352 10.70 -10.26 10.18
C ALA F 352 9.67 -10.11 9.08
N SER F 353 8.40 -10.41 9.37
CA SER F 353 7.35 -10.36 8.37
C SER F 353 6.50 -9.09 8.46
N GLY F 354 6.74 -8.23 9.45
CA GLY F 354 5.96 -7.03 9.62
C GLY F 354 4.65 -7.22 10.37
N ARG F 355 4.28 -8.45 10.70
CA ARG F 355 3.07 -8.69 11.48
C ARG F 355 3.07 -7.86 12.75
N GLN F 356 4.20 -7.83 13.45
CA GLN F 356 4.39 -7.03 14.65
C GLN F 356 5.62 -6.14 14.47
N THR F 357 5.71 -5.11 15.30
CA THR F 357 6.95 -4.35 15.35
C THR F 357 8.00 -5.10 16.17
N VAL F 358 9.25 -4.69 16.02
CA VAL F 358 10.32 -5.28 16.82
C VAL F 358 10.03 -5.09 18.30
N ASP F 359 9.53 -3.91 18.68
CA ASP F 359 9.29 -3.62 20.09
C ASP F 359 8.13 -4.46 20.64
N ALA F 360 7.05 -4.58 19.88
CA ALA F 360 5.89 -5.32 20.39
C ALA F 360 6.16 -6.82 20.42
N ALA F 361 6.88 -7.34 19.42
CA ALA F 361 7.14 -8.77 19.37
C ALA F 361 8.03 -9.21 20.54
N LEU F 362 9.08 -8.43 20.85
CA LEU F 362 9.96 -8.79 21.94
C LEU F 362 9.29 -8.55 23.30
N ALA F 363 8.38 -7.58 23.37
CA ALA F 363 7.60 -7.39 24.59
C ALA F 363 6.71 -8.61 24.84
N ALA F 364 6.02 -9.08 23.80
CA ALA F 364 5.20 -10.28 23.93
C ALA F 364 6.06 -11.49 24.25
N ALA F 365 7.27 -11.55 23.68
CA ALA F 365 8.13 -12.72 23.90
C ALA F 365 8.66 -12.76 25.33
N GLN F 366 9.00 -11.59 25.89
CA GLN F 366 9.47 -11.54 27.27
C GLN F 366 8.40 -12.04 28.23
N THR F 367 7.14 -11.71 27.97
CA THR F 367 6.05 -12.21 28.80
C THR F 367 5.83 -13.71 28.57
N ASN F 368 5.83 -14.14 27.31
CA ASN F 368 5.61 -15.56 27.02
C ASN F 368 6.73 -16.43 27.58
N ALA F 369 7.97 -15.96 27.52
CA ALA F 369 9.10 -16.77 27.97
C ALA F 369 9.00 -17.09 29.46
N ALA F 370 8.57 -16.11 30.26
CA ALA F 370 8.47 -16.29 31.70
C ALA F 370 7.11 -16.82 32.15
N ARG F 371 6.21 -17.08 31.21
CA ARG F 371 4.84 -17.49 31.58
C ARG F 371 4.87 -18.79 32.38
N ARG F 372 4.27 -18.77 33.55
CA ARG F 372 4.16 -19.96 34.39
C ARG F 372 3.12 -20.89 33.79
N LYS F 373 3.56 -21.99 33.19
CA LYS F 373 2.61 -22.96 32.68
C LYS F 373 1.72 -23.43 33.84
N PRO F 374 0.39 -23.32 33.71
CA PRO F 374 -0.49 -23.77 34.78
C PRO F 374 -0.58 -25.29 34.84
N SER F 375 -0.59 -25.82 36.06
CA SER F 375 -0.61 -27.26 36.24
C SER F 375 -1.86 -27.88 35.63
N TRP F 376 -1.89 -29.20 35.59
CA TRP F 376 -3.05 -29.93 35.12
C TRP F 376 -4.25 -29.68 36.04
N ARG F 377 -4.00 -29.64 37.34
CA ARG F 377 -5.07 -29.43 38.28
C ARG F 377 -5.66 -28.05 38.11
N GLU F 378 -4.80 -27.08 37.88
CA GLU F 378 -5.22 -25.72 37.72
C GLU F 378 -6.03 -25.63 36.44
N ARG F 379 -5.55 -26.27 35.38
CA ARG F 379 -6.21 -26.32 34.09
C ARG F 379 -7.58 -26.97 34.18
N GLU F 380 -7.68 -28.04 34.98
CA GLU F 380 -8.96 -28.74 35.13
C GLU F 380 -9.92 -27.95 36.01
N ASN F 381 -9.43 -27.43 37.14
CA ASN F 381 -10.30 -26.68 38.04
C ASN F 381 -10.74 -25.34 37.44
N ASN F 382 -10.05 -24.86 36.41
CA ASN F 382 -10.55 -23.74 35.63
C ASN F 382 -11.62 -24.22 34.64
N ARG F 383 -11.40 -25.38 34.03
CA ARG F 383 -12.39 -25.94 33.12
C ARG F 383 -13.70 -26.23 33.84
N ARG F 384 -13.62 -26.91 34.99
CA ARG F 384 -14.84 -27.31 35.70
C ARG F 384 -15.61 -26.11 36.22
N ARG F 385 -14.90 -25.07 36.68
CA ARG F 385 -15.60 -23.90 37.21
C ARG F 385 -16.35 -23.15 36.13
N GLU F 386 -15.75 -23.04 34.93
CA GLU F 386 -16.39 -22.29 33.86
C GLU F 386 -17.50 -23.07 33.17
N ARG F 387 -17.37 -24.41 33.09
CA ARG F 387 -18.44 -25.22 32.56
C ARG F 387 -19.67 -25.15 33.45
N ARG F 388 -19.46 -25.27 34.77
CA ARG F 388 -20.58 -25.19 35.71
C ARG F 388 -21.29 -23.84 35.62
N ARG F 389 -20.52 -22.76 35.44
CA ARG F 389 -21.13 -21.43 35.34
C ARG F 389 -22.08 -21.34 34.16
N ARG F 390 -21.64 -21.83 32.99
CA ARG F 390 -22.48 -21.76 31.80
C ARG F 390 -23.69 -22.66 31.92
N ALA F 391 -23.55 -23.82 32.58
CA ALA F 391 -24.68 -24.70 32.78
C ALA F 391 -25.70 -24.10 33.74
N VAL F 392 -25.24 -23.46 34.81
CA VAL F 392 -26.15 -22.86 35.78
C VAL F 392 -26.93 -21.72 35.14
N ALA F 393 -26.27 -20.92 34.30
CA ALA F 393 -26.99 -19.88 33.57
C ALA F 393 -27.97 -20.49 32.58
N ALA F 394 -27.60 -21.61 31.95
CA ALA F 394 -28.49 -22.26 30.99
C ALA F 394 -29.75 -22.78 31.67
N LYS F 395 -29.61 -23.42 32.82
CA LYS F 395 -30.77 -24.00 33.50
C LYS F 395 -31.71 -22.91 33.99
N ILE F 396 -31.17 -21.77 34.42
CA ILE F 396 -32.02 -20.68 34.89
C ILE F 396 -32.87 -20.14 33.74
N TYR F 397 -32.26 -19.97 32.57
CA TYR F 397 -32.97 -19.36 31.45
C TYR F 397 -34.05 -20.28 30.90
N THR F 398 -33.77 -21.59 30.82
CA THR F 398 -34.80 -22.52 30.38
C THR F 398 -35.93 -22.60 31.39
N GLY F 399 -35.61 -22.51 32.68
CA GLY F 399 -36.65 -22.50 33.70
C GLY F 399 -37.55 -21.28 33.61
N LEU F 400 -36.99 -20.14 33.22
CA LEU F 400 -37.79 -18.93 33.06
C LEU F 400 -38.63 -18.99 31.78
N ARG F 401 -38.05 -19.47 30.69
CA ARG F 401 -38.82 -19.61 29.45
C ARG F 401 -40.00 -20.54 29.64
N ALA F 402 -39.84 -21.58 30.45
CA ALA F 402 -40.90 -22.57 30.62
C ALA F 402 -42.07 -22.00 31.40
N GLN F 403 -41.81 -21.47 32.60
CA GLN F 403 -42.85 -21.04 33.52
C GLN F 403 -42.95 -19.52 33.63
N GLY F 404 -42.36 -18.80 32.72
CA GLY F 404 -42.43 -17.38 32.84
C GLY F 404 -43.73 -16.72 32.50
N ASP F 405 -44.41 -17.24 31.48
CA ASP F 405 -45.64 -16.68 30.94
C ASP F 405 -45.36 -15.22 30.68
N TYR F 406 -44.17 -14.94 30.20
CA TYR F 406 -43.78 -13.59 29.89
C TYR F 406 -44.29 -13.19 28.52
N ASN F 407 -44.56 -11.91 28.37
CA ASN F 407 -45.08 -11.41 27.12
C ASN F 407 -44.05 -11.20 26.04
N LEU F 408 -43.50 -12.31 25.58
CA LEU F 408 -42.45 -12.34 24.60
C LEU F 408 -42.68 -13.22 23.41
N PRO F 409 -41.97 -12.92 22.35
CA PRO F 409 -42.05 -13.77 21.18
C PRO F 409 -41.37 -15.08 21.46
N LYS F 410 -41.85 -16.12 20.81
CA LYS F 410 -41.23 -17.44 20.98
C LYS F 410 -39.88 -17.42 20.28
N HIS F 411 -38.94 -18.13 20.85
CA HIS F 411 -37.55 -18.15 20.39
C HIS F 411 -36.90 -16.75 20.39
N CYS F 412 -36.90 -16.08 21.53
CA CYS F 412 -36.38 -14.72 21.64
C CYS F 412 -35.00 -14.73 22.30
N ASP F 413 -34.39 -13.55 22.32
CA ASP F 413 -33.06 -13.39 22.90
C ASP F 413 -33.04 -13.82 24.36
N ASN F 414 -31.89 -14.32 24.80
CA ASN F 414 -31.66 -14.46 26.24
C ASN F 414 -31.72 -13.11 26.94
N ASN F 415 -31.26 -12.06 26.26
CA ASN F 415 -31.33 -10.71 26.83
C ASN F 415 -32.76 -10.31 27.10
N GLU F 416 -33.68 -10.64 26.18
CA GLU F 416 -35.06 -10.21 26.32
C GLU F 416 -35.77 -10.98 27.43
N VAL F 417 -35.36 -12.22 27.71
CA VAL F 417 -35.90 -12.93 28.86
C VAL F 417 -35.43 -12.28 30.15
N LEU F 418 -34.15 -11.88 30.21
CA LEU F 418 -33.64 -11.19 31.37
C LEU F 418 -34.38 -9.88 31.60
N LYS F 419 -34.58 -9.10 30.53
CA LYS F 419 -35.35 -7.87 30.63
C LYS F 419 -36.72 -8.11 31.26
N ALA F 420 -37.37 -9.23 30.90
CA ALA F 420 -38.68 -9.54 31.45
C ALA F 420 -38.59 -9.86 32.94
N LEU F 421 -37.61 -10.66 33.34
CA LEU F 421 -37.41 -10.94 34.76
C LEU F 421 -37.19 -9.65 35.54
N CYS F 422 -36.49 -8.69 34.94
CA CYS F 422 -36.22 -7.42 35.63
C CYS F 422 -37.51 -6.68 35.95
N VAL F 423 -38.41 -6.57 34.97
CA VAL F 423 -39.64 -5.83 35.19
C VAL F 423 -40.53 -6.53 36.22
N GLU F 424 -40.45 -7.86 36.31
CA GLU F 424 -41.19 -8.57 37.34
C GLU F 424 -40.69 -8.19 38.73
N ALA F 425 -39.37 -8.16 38.91
CA ALA F 425 -38.72 -7.82 40.18
C ALA F 425 -38.79 -6.34 40.52
N GLY F 426 -39.49 -5.52 39.74
CA GLY F 426 -39.63 -4.10 40.02
C GLY F 426 -38.64 -3.20 39.30
N TRP F 427 -37.78 -3.76 38.45
CA TRP F 427 -36.74 -2.98 37.79
C TRP F 427 -37.24 -2.40 36.47
N VAL F 428 -36.45 -1.49 35.90
CA VAL F 428 -36.76 -0.84 34.64
C VAL F 428 -35.53 -0.93 33.75
N VAL F 429 -35.71 -1.45 32.53
CA VAL F 429 -34.63 -1.62 31.58
C VAL F 429 -35.01 -0.90 30.29
N GLU F 430 -34.19 0.07 29.90
CA GLU F 430 -34.32 0.70 28.59
C GLU F 430 -33.63 -0.17 27.53
N GLU F 431 -33.80 0.23 26.26
CA GLU F 431 -33.16 -0.51 25.18
C GLU F 431 -31.65 -0.53 25.34
N ASP F 432 -31.07 0.53 25.89
CA ASP F 432 -29.62 0.57 26.10
C ASP F 432 -29.17 -0.57 26.99
N GLY F 433 -29.97 -0.92 27.99
CA GLY F 433 -29.60 -1.85 29.04
C GLY F 433 -29.58 -1.24 30.42
N THR F 434 -29.50 0.09 30.51
CA THR F 434 -29.47 0.77 31.80
C THR F 434 -30.64 0.35 32.68
N THR F 435 -30.33 -0.03 33.91
CA THR F 435 -31.30 -0.63 34.81
C THR F 435 -31.33 0.13 36.14
N TYR F 436 -32.53 0.34 36.66
CA TYR F 436 -32.73 1.02 37.94
C TYR F 436 -34.17 0.78 38.39
N ARG F 437 -34.53 1.36 39.50
CA ARG F 437 -35.89 1.21 39.97
C ARG F 437 -36.60 2.55 39.99
#